data_5C8J
#
_entry.id   5C8J
#
_cell.length_a   180.250
_cell.length_b   251.420
_cell.length_c   96.110
_cell.angle_alpha   90.000
_cell.angle_beta   90.000
_cell.angle_gamma   90.000
#
_symmetry.space_group_name_H-M   'P 21 21 2'
#
loop_
_entity.id
_entity.type
_entity.pdbx_description
1 polymer 'Antibody fragment, heavy chain'
2 polymer 'Antibody fragment, light chain'
3 polymer 'Protein MJ0480'
4 non-polymer DODECYL-BETA-D-MALTOSIDE
#
loop_
_entity_poly.entity_id
_entity_poly.type
_entity_poly.pdbx_seq_one_letter_code
_entity_poly.pdbx_strand_id
1 'polypeptide(L)'
;EISEVQLVESGGGLVQPGGSLRLSCAASGFNFSSSSIHWVRQAPGKGLEWVASISPSYGYTYYADSVKGRFTISADTSKN
TAYLQMNSLRAEDTAVYYCARGIWSYWYMVYPHDNYGMDYWGQGTLVTVSSASTKGPSVFPLAPSSKSTSGGTAALGCLV
KDYFPEPVTVSWNSGALTSGVHTFPAVLQSSGLYSLSSVVTVPSSSLGTQTYICNVNHKPSNTKVDKKVEPKSCDKTHT
;
A,C,E,G
2 'polypeptide(L)'
;SDIQMTQSPSSLSASVGDRVTITCRASQSVSSAVAWYQQKPGKAPKLLIYSASSLYSGVPSRFSGSRSGTDFTLTISSLQ
PEDFATYYCQQSSSRPVTFGQGTKVEIKRTVAAPSVFIFPPSDSQLKSGTASVVCLLNNFYPREAKVQWKVDNALQSGNS
QESVTEQDSKDSTYSLSSTLTLSKADYEKHKVYACEVTHQGLSSPVTKSFNRGEC
;
B,D,F,H
3 'polypeptide(L)'
;MFGSIFDIYYKTLDAIFMPIIKVLHPALAILIIAIIVSLIINIATKLLVDQKRVAELKKEIQEFQVKFKKMSKNPEMMEK
LQEEQQRIMQLNAELMKMSFRPMIYTWVPIILIFIYLRHVYGFGGVYQELNPGWNGVVVYLPIILSKILFIDFWHWLGSI
FYKGGFKIVSNTALGWLGWYILCSFATSTVLRKILGIKGSSHHHHHH
;
I,J,K,L
#
loop_
_chem_comp.id
_chem_comp.type
_chem_comp.name
_chem_comp.formula
LMT D-saccharide DODECYL-BETA-D-MALTOSIDE 'C24 H46 O11'
#
# COMPACT_ATOMS: atom_id res chain seq x y z
N GLU A 4 -18.16 0.35 28.07
CA GLU A 4 -18.77 1.10 26.99
C GLU A 4 -19.44 0.16 25.99
N VAL A 5 -20.06 -0.90 26.52
CA VAL A 5 -20.73 -1.91 25.72
C VAL A 5 -22.19 -1.97 26.16
N GLN A 6 -23.05 -2.40 25.23
CA GLN A 6 -24.48 -2.49 25.56
C GLN A 6 -25.23 -3.05 24.36
N LEU A 7 -26.38 -3.66 24.66
CA LEU A 7 -27.30 -4.19 23.66
C LEU A 7 -28.70 -3.72 24.00
N VAL A 8 -29.41 -3.19 23.01
CA VAL A 8 -30.72 -2.58 23.20
C VAL A 8 -31.74 -3.39 22.39
N GLU A 9 -32.59 -4.13 23.08
CA GLU A 9 -33.70 -4.82 22.43
C GLU A 9 -34.85 -3.85 22.20
N SER A 10 -35.67 -4.16 21.20
CA SER A 10 -36.81 -3.32 20.89
C SER A 10 -37.76 -4.09 19.98
N GLY A 11 -39.00 -3.64 19.95
CA GLY A 11 -40.05 -4.27 19.17
C GLY A 11 -41.01 -5.14 19.96
N GLY A 12 -41.02 -5.02 21.29
CA GLY A 12 -41.95 -5.77 22.10
C GLY A 12 -43.32 -5.12 22.21
N GLY A 13 -44.27 -5.91 22.67
CA GLY A 13 -45.62 -5.41 22.84
C GLY A 13 -46.62 -6.55 22.74
N LEU A 14 -47.89 -6.18 22.93
CA LEU A 14 -48.97 -7.15 22.88
C LEU A 14 -49.28 -7.53 21.44
N VAL A 15 -49.54 -8.81 21.21
CA VAL A 15 -49.81 -9.32 19.87
C VAL A 15 -50.83 -10.45 19.96
N GLN A 16 -51.72 -10.51 18.98
CA GLN A 16 -52.74 -11.55 18.95
C GLN A 16 -52.11 -12.89 18.57
N PRO A 17 -52.62 -13.99 19.13
CA PRO A 17 -52.08 -15.31 18.80
C PRO A 17 -52.26 -15.60 17.31
N GLY A 18 -51.23 -16.19 16.71
CA GLY A 18 -51.20 -16.40 15.29
C GLY A 18 -50.65 -15.25 14.49
N GLY A 19 -50.31 -14.14 15.12
CA GLY A 19 -49.71 -13.00 14.46
C GLY A 19 -48.21 -13.14 14.36
N SER A 20 -47.54 -12.00 14.20
CA SER A 20 -46.09 -12.00 14.06
C SER A 20 -45.52 -10.71 14.63
N LEU A 21 -44.33 -10.81 15.21
CA LEU A 21 -43.60 -9.68 15.76
C LEU A 21 -42.14 -9.83 15.38
N ARG A 22 -41.44 -8.70 15.33
CA ARG A 22 -40.04 -8.67 14.90
C ARG A 22 -39.22 -7.85 15.88
N LEU A 23 -38.24 -8.50 16.51
CA LEU A 23 -37.39 -7.86 17.50
C LEU A 23 -36.03 -7.54 16.90
N SER A 24 -35.45 -6.40 17.30
CA SER A 24 -34.14 -5.98 16.84
C SER A 24 -33.23 -5.79 18.05
N CYS A 25 -31.95 -6.11 17.86
CA CYS A 25 -30.95 -6.00 18.91
C CYS A 25 -29.82 -5.12 18.40
N ALA A 26 -29.77 -3.87 18.89
CA ALA A 26 -28.75 -2.91 18.47
C ALA A 26 -27.55 -3.01 19.40
N ALA A 27 -26.41 -3.42 18.85
CA ALA A 27 -25.20 -3.60 19.62
C ALA A 27 -24.22 -2.46 19.37
N SER A 28 -23.46 -2.12 20.41
CA SER A 28 -22.47 -1.06 20.33
C SER A 28 -21.45 -1.25 21.43
N GLY A 29 -20.21 -0.86 21.15
CA GLY A 29 -19.12 -0.96 22.09
C GLY A 29 -18.18 -2.13 21.84
N PHE A 30 -18.58 -3.10 21.03
CA PHE A 30 -17.76 -4.26 20.72
C PHE A 30 -17.82 -4.52 19.21
N ASN A 31 -17.13 -5.58 18.78
CA ASN A 31 -17.07 -5.93 17.37
C ASN A 31 -18.23 -6.87 17.05
N PHE A 32 -19.21 -6.36 16.30
CA PHE A 32 -20.37 -7.18 15.98
C PHE A 32 -20.03 -8.29 14.99
N SER A 33 -19.08 -8.03 14.09
CA SER A 33 -18.74 -9.02 13.06
C SER A 33 -18.14 -10.29 13.66
N SER A 34 -17.53 -10.17 14.84
CA SER A 34 -16.82 -11.32 15.45
C SER A 34 -17.73 -12.05 16.44
N SER A 35 -18.02 -11.40 17.56
CA SER A 35 -18.75 -12.06 18.64
C SER A 35 -20.11 -12.57 18.17
N SER A 36 -20.47 -13.75 18.65
CA SER A 36 -21.77 -14.34 18.34
C SER A 36 -22.87 -13.69 19.15
N ILE A 37 -24.08 -13.68 18.59
CA ILE A 37 -25.25 -13.09 19.21
C ILE A 37 -26.22 -14.21 19.58
N HIS A 38 -26.87 -14.08 20.73
CA HIS A 38 -27.76 -15.10 21.26
C HIS A 38 -29.06 -14.46 21.74
N TRP A 39 -30.16 -15.17 21.56
CA TRP A 39 -31.47 -14.76 22.07
C TRP A 39 -31.92 -15.74 23.15
N VAL A 40 -32.25 -15.21 24.32
CA VAL A 40 -32.63 -16.04 25.46
C VAL A 40 -33.86 -15.42 26.11
N ARG A 41 -34.94 -16.20 26.20
CA ARG A 41 -36.20 -15.72 26.75
C ARG A 41 -36.44 -16.30 28.14
N GLN A 42 -37.12 -15.52 28.98
CA GLN A 42 -37.42 -15.91 30.34
C GLN A 42 -38.92 -15.74 30.57
N ALA A 43 -39.63 -16.86 30.65
CA ALA A 43 -41.07 -16.80 30.89
C ALA A 43 -41.35 -16.17 32.26
N PRO A 44 -42.49 -15.49 32.41
CA PRO A 44 -42.79 -14.81 33.68
C PRO A 44 -42.76 -15.76 34.86
N GLY A 45 -41.89 -15.46 35.83
CA GLY A 45 -41.73 -16.28 37.00
C GLY A 45 -40.84 -17.49 36.84
N LYS A 46 -40.54 -17.89 35.59
CA LYS A 46 -39.74 -19.08 35.33
C LYS A 46 -38.27 -18.68 35.22
N GLY A 47 -37.45 -19.60 34.69
CA GLY A 47 -36.04 -19.37 34.49
C GLY A 47 -35.72 -18.92 33.08
N LEU A 48 -34.49 -19.22 32.66
CA LEU A 48 -33.99 -18.81 31.36
C LEU A 48 -34.18 -19.92 30.35
N GLU A 49 -34.49 -19.54 29.11
CA GLU A 49 -34.68 -20.47 28.00
C GLU A 49 -33.92 -19.97 26.78
N TRP A 50 -33.32 -20.90 26.06
CA TRP A 50 -32.55 -20.58 24.85
C TRP A 50 -33.44 -20.69 23.63
N VAL A 51 -33.47 -19.64 22.82
CA VAL A 51 -34.30 -19.59 21.63
C VAL A 51 -33.47 -19.88 20.40
N ALA A 52 -32.52 -18.98 20.10
CA ALA A 52 -31.68 -19.13 18.93
C ALA A 52 -30.37 -18.40 19.15
N SER A 53 -29.36 -18.82 18.39
CA SER A 53 -28.05 -18.18 18.38
C SER A 53 -27.55 -18.09 16.95
N ILE A 54 -26.74 -17.07 16.69
CA ILE A 54 -26.25 -16.80 15.35
C ILE A 54 -24.84 -16.24 15.45
N SER A 55 -24.04 -16.49 14.43
CA SER A 55 -22.70 -15.91 14.31
C SER A 55 -22.64 -15.08 13.04
N PRO A 56 -22.69 -13.76 13.13
CA PRO A 56 -22.52 -12.92 11.93
C PRO A 56 -21.20 -13.24 11.26
N SER A 57 -21.05 -12.75 10.03
CA SER A 57 -19.85 -13.02 9.25
C SER A 57 -19.88 -14.45 8.71
N TYR A 58 -19.66 -15.44 9.59
CA TYR A 58 -19.72 -16.83 9.13
C TYR A 58 -21.15 -17.24 8.81
N GLY A 59 -22.14 -16.61 9.43
CA GLY A 59 -23.52 -16.83 9.06
C GLY A 59 -24.17 -18.09 9.58
N TYR A 60 -23.62 -18.70 10.63
CA TYR A 60 -24.21 -19.90 11.20
C TYR A 60 -25.49 -19.57 11.94
N THR A 61 -26.46 -20.48 11.87
CA THR A 61 -27.75 -20.34 12.53
C THR A 61 -28.00 -21.55 13.41
N TYR A 62 -28.41 -21.31 14.66
CA TYR A 62 -28.72 -22.36 15.62
C TYR A 62 -30.08 -22.06 16.23
N TYR A 63 -31.01 -23.00 16.10
CA TYR A 63 -32.36 -22.83 16.62
C TYR A 63 -32.70 -23.93 17.62
N ALA A 64 -33.60 -23.61 18.53
CA ALA A 64 -34.12 -24.60 19.48
C ALA A 64 -35.33 -25.30 18.90
N ASP A 65 -35.54 -26.55 19.34
CA ASP A 65 -36.69 -27.31 18.85
C ASP A 65 -38.01 -26.66 19.23
N SER A 66 -38.00 -25.71 20.17
CA SER A 66 -39.23 -25.03 20.56
C SER A 66 -39.65 -23.97 19.54
N VAL A 67 -38.69 -23.18 19.06
CA VAL A 67 -38.97 -22.09 18.15
C VAL A 67 -38.63 -22.45 16.70
N LYS A 68 -38.27 -23.71 16.44
CA LYS A 68 -37.85 -24.11 15.11
C LYS A 68 -39.03 -24.09 14.14
N GLY A 69 -38.86 -23.39 13.03
CA GLY A 69 -39.88 -23.25 12.02
C GLY A 69 -40.71 -21.99 12.13
N ARG A 70 -40.96 -21.53 13.36
CA ARG A 70 -41.69 -20.29 13.58
C ARG A 70 -40.80 -19.09 13.83
N PHE A 71 -39.53 -19.33 14.13
CA PHE A 71 -38.59 -18.27 14.46
C PHE A 71 -37.43 -18.26 13.47
N THR A 72 -37.05 -17.07 13.02
CA THR A 72 -35.93 -16.89 12.11
C THR A 72 -35.03 -15.79 12.65
N ILE A 73 -33.77 -16.14 12.91
CA ILE A 73 -32.79 -15.20 13.44
C ILE A 73 -31.88 -14.76 12.29
N SER A 74 -31.47 -13.49 12.33
CA SER A 74 -30.59 -12.94 11.31
C SER A 74 -29.88 -11.73 11.89
N ALA A 75 -28.78 -11.35 11.25
CA ALA A 75 -27.99 -10.22 11.68
C ALA A 75 -27.48 -9.45 10.47
N ASP A 76 -27.56 -8.12 10.55
CA ASP A 76 -27.09 -7.24 9.48
C ASP A 76 -25.76 -6.64 9.92
N THR A 77 -24.67 -7.11 9.33
CA THR A 77 -23.36 -6.64 9.75
C THR A 77 -23.20 -5.15 9.50
N SER A 78 -23.78 -4.64 8.41
CA SER A 78 -23.63 -3.22 8.10
C SER A 78 -24.39 -2.34 9.06
N LYS A 79 -25.51 -2.82 9.60
CA LYS A 79 -26.32 -2.05 10.54
C LYS A 79 -25.93 -2.29 11.99
N ASN A 80 -25.06 -3.27 12.26
CA ASN A 80 -24.66 -3.59 13.63
C ASN A 80 -25.86 -4.00 14.47
N THR A 81 -26.75 -4.81 13.89
CA THR A 81 -27.98 -5.20 14.56
C THR A 81 -28.25 -6.67 14.30
N ALA A 82 -28.94 -7.30 15.25
CA ALA A 82 -29.37 -8.69 15.13
C ALA A 82 -30.88 -8.75 15.23
N TYR A 83 -31.52 -9.37 14.24
CA TYR A 83 -32.97 -9.42 14.15
C TYR A 83 -33.48 -10.80 14.53
N LEU A 84 -34.67 -10.82 15.15
CA LEU A 84 -35.35 -12.06 15.49
C LEU A 84 -36.81 -11.95 15.03
N GLN A 85 -37.15 -12.73 14.01
CA GLN A 85 -38.48 -12.72 13.42
C GLN A 85 -39.31 -13.84 14.03
N MET A 86 -40.54 -13.52 14.45
CA MET A 86 -41.42 -14.45 15.15
C MET A 86 -42.72 -14.60 14.36
N ASN A 87 -42.94 -15.80 13.84
CA ASN A 87 -44.18 -16.14 13.15
C ASN A 87 -44.94 -17.21 13.93
N SER A 88 -46.25 -17.26 13.71
CA SER A 88 -47.12 -18.21 14.40
C SER A 88 -46.93 -18.13 15.91
N LEU A 89 -46.89 -16.92 16.43
CA LEU A 89 -46.70 -16.73 17.87
C LEU A 89 -47.84 -17.38 18.65
N ARG A 90 -47.48 -18.01 19.77
CA ARG A 90 -48.43 -18.69 20.63
C ARG A 90 -48.44 -18.02 22.01
N ALA A 91 -49.39 -18.45 22.84
CA ALA A 91 -49.54 -17.86 24.17
C ALA A 91 -48.34 -18.18 25.05
N GLU A 92 -47.76 -19.38 24.92
CA GLU A 92 -46.66 -19.77 25.78
C GLU A 92 -45.38 -19.02 25.47
N ASP A 93 -45.26 -18.41 24.29
CA ASP A 93 -44.07 -17.65 23.96
C ASP A 93 -43.99 -16.32 24.69
N THR A 94 -45.04 -15.93 25.40
CA THR A 94 -45.03 -14.68 26.16
C THR A 94 -43.93 -14.73 27.21
N ALA A 95 -43.03 -13.75 27.17
CA ALA A 95 -41.94 -13.67 28.14
C ALA A 95 -41.07 -12.49 27.76
N VAL A 96 -40.14 -12.16 28.66
CA VAL A 96 -39.12 -11.16 28.38
C VAL A 96 -38.02 -11.80 27.53
N TYR A 97 -37.57 -11.08 26.51
CA TYR A 97 -36.59 -11.59 25.56
C TYR A 97 -35.28 -10.85 25.73
N TYR A 98 -34.26 -11.56 26.21
CA TYR A 98 -32.93 -11.00 26.42
C TYR A 98 -32.06 -11.26 25.19
N CYS A 99 -31.40 -10.20 24.71
CA CYS A 99 -30.38 -10.34 23.69
C CYS A 99 -29.03 -10.42 24.39
N ALA A 100 -28.24 -11.45 24.05
CA ALA A 100 -27.00 -11.72 24.75
C ALA A 100 -25.87 -11.91 23.76
N ARG A 101 -24.72 -11.35 24.10
CA ARG A 101 -23.48 -11.58 23.37
C ARG A 101 -22.72 -12.77 23.93
N GLY A 102 -22.43 -13.73 23.04
CA GLY A 102 -21.51 -14.78 23.40
C GLY A 102 -20.17 -14.22 23.79
N ILE A 103 -19.50 -14.95 24.68
CA ILE A 103 -18.16 -14.63 25.13
C ILE A 103 -17.18 -15.49 24.35
N TRP A 104 -16.08 -14.88 23.92
CA TRP A 104 -15.18 -15.50 22.96
C TRP A 104 -13.78 -15.66 23.56
N SER A 105 -13.23 -16.86 23.40
CA SER A 105 -11.87 -17.21 23.78
C SER A 105 -11.13 -17.66 22.53
N TYR A 106 -9.80 -17.57 22.58
CA TYR A 106 -9.01 -17.86 21.39
C TYR A 106 -9.23 -19.28 20.88
N TRP A 107 -9.63 -20.21 21.77
CA TRP A 107 -9.93 -21.56 21.32
C TRP A 107 -10.99 -21.55 20.23
N TYR A 108 -11.83 -20.51 20.17
CA TYR A 108 -12.75 -20.35 19.06
C TYR A 108 -12.04 -20.46 17.72
N MET A 109 -10.88 -19.82 17.61
CA MET A 109 -10.17 -19.80 16.33
C MET A 109 -9.91 -21.21 15.83
N VAL A 110 -9.49 -22.11 16.72
CA VAL A 110 -9.28 -23.50 16.33
C VAL A 110 -10.61 -24.22 16.15
N TYR A 111 -11.56 -23.97 17.05
CA TYR A 111 -12.89 -24.58 17.00
C TYR A 111 -13.95 -23.48 16.95
N PRO A 112 -14.71 -23.35 15.87
CA PRO A 112 -15.94 -22.58 15.95
C PRO A 112 -17.03 -23.41 16.62
N HIS A 113 -18.15 -22.76 16.91
CA HIS A 113 -19.37 -23.42 17.38
C HIS A 113 -19.42 -23.61 18.90
N ASP A 114 -18.47 -23.05 19.64
CA ASP A 114 -18.34 -23.31 21.07
C ASP A 114 -18.80 -22.08 21.84
N ASN A 115 -19.82 -22.25 22.68
CA ASN A 115 -20.45 -21.10 23.32
C ASN A 115 -19.63 -20.61 24.52
N TYR A 116 -19.31 -21.51 25.45
CA TYR A 116 -18.52 -21.16 26.62
C TYR A 116 -19.29 -20.26 27.58
N GLY A 117 -20.26 -19.52 27.08
CA GLY A 117 -21.12 -18.72 27.94
C GLY A 117 -21.63 -17.48 27.24
N MET A 118 -22.41 -16.70 27.98
CA MET A 118 -22.87 -15.39 27.57
C MET A 118 -22.18 -14.34 28.42
N ASP A 119 -21.54 -13.37 27.76
CA ASP A 119 -20.82 -12.34 28.50
C ASP A 119 -21.74 -11.19 28.91
N TYR A 120 -22.43 -10.59 27.94
CA TYR A 120 -23.26 -9.41 28.19
C TYR A 120 -24.70 -9.69 27.81
N TRP A 121 -25.62 -9.32 28.69
CA TRP A 121 -27.05 -9.51 28.49
C TRP A 121 -27.73 -8.15 28.48
N GLY A 122 -28.48 -7.88 27.41
CA GLY A 122 -29.36 -6.74 27.41
C GLY A 122 -30.49 -6.91 28.40
N GLN A 123 -31.05 -5.79 28.86
CA GLN A 123 -32.14 -5.87 29.83
C GLN A 123 -33.39 -6.52 29.26
N GLY A 124 -33.43 -6.79 27.96
CA GLY A 124 -34.53 -7.50 27.36
C GLY A 124 -35.73 -6.63 27.06
N THR A 125 -36.63 -7.19 26.26
CA THR A 125 -37.88 -6.52 25.90
C THR A 125 -39.05 -7.47 26.13
N LEU A 126 -40.14 -6.93 26.64
CA LEU A 126 -41.29 -7.74 27.02
C LEU A 126 -42.18 -8.00 25.81
N VAL A 127 -42.65 -9.24 25.69
CA VAL A 127 -43.53 -9.65 24.59
C VAL A 127 -44.67 -10.46 25.20
N THR A 128 -45.90 -9.98 24.99
CA THR A 128 -47.09 -10.61 25.53
C THR A 128 -47.99 -11.04 24.39
N VAL A 129 -48.32 -12.33 24.36
CA VAL A 129 -49.17 -12.90 23.32
C VAL A 129 -50.49 -13.30 23.98
N SER A 130 -51.55 -12.57 23.66
CA SER A 130 -52.87 -12.89 24.18
C SER A 130 -53.91 -12.12 23.37
N SER A 131 -55.14 -12.65 23.38
CA SER A 131 -56.26 -11.99 22.72
C SER A 131 -56.88 -10.90 23.57
N ALA A 132 -56.49 -10.79 24.85
CA ALA A 132 -57.05 -9.78 25.73
C ALA A 132 -56.74 -8.39 25.22
N SER A 133 -57.76 -7.53 25.20
CA SER A 133 -57.60 -6.17 24.71
C SER A 133 -56.88 -5.30 25.73
N THR A 134 -56.31 -4.20 25.25
CA THR A 134 -55.67 -3.23 26.13
C THR A 134 -56.71 -2.50 26.96
N LYS A 135 -56.38 -2.26 28.23
CA LYS A 135 -57.27 -1.58 29.15
C LYS A 135 -56.49 -0.67 30.08
N GLY A 136 -57.03 0.52 30.32
CA GLY A 136 -56.45 1.46 31.24
C GLY A 136 -56.82 1.12 32.67
N PRO A 137 -55.91 1.40 33.60
CA PRO A 137 -56.17 1.04 35.01
C PRO A 137 -56.95 2.12 35.73
N SER A 138 -57.81 1.69 36.65
CA SER A 138 -58.50 2.60 37.55
C SER A 138 -57.67 2.79 38.81
N VAL A 139 -57.52 4.04 39.22
CA VAL A 139 -56.67 4.41 40.35
C VAL A 139 -57.57 4.82 41.51
N PHE A 140 -57.57 4.01 42.57
CA PHE A 140 -58.35 4.28 43.76
C PHE A 140 -57.43 4.44 44.96
N PRO A 141 -57.74 5.37 45.88
CA PRO A 141 -56.87 5.61 47.02
C PRO A 141 -57.14 4.66 48.17
N LEU A 142 -56.11 4.48 49.01
CA LEU A 142 -56.18 3.71 50.25
C LEU A 142 -55.93 4.68 51.39
N ALA A 143 -57.00 5.14 52.03
CA ALA A 143 -56.91 6.24 52.97
C ALA A 143 -56.35 5.78 54.31
N PRO A 144 -55.55 6.62 54.97
CA PRO A 144 -55.02 6.26 56.29
C PRO A 144 -56.09 6.41 57.37
N SER A 145 -56.10 5.46 58.29
CA SER A 145 -57.12 5.45 59.34
C SER A 145 -56.84 6.52 60.39
N SER A 146 -57.90 7.14 60.90
CA SER A 146 -57.75 8.06 62.01
C SER A 146 -57.40 7.34 63.30
N LYS A 147 -57.78 6.07 63.42
CA LYS A 147 -57.44 5.28 64.60
C LYS A 147 -55.95 5.00 64.72
N SER A 148 -55.20 5.19 63.63
CA SER A 148 -53.77 4.87 63.61
C SER A 148 -53.06 5.43 64.84
N THR A 149 -51.90 4.86 65.16
CA THR A 149 -51.22 5.18 66.42
C THR A 149 -50.66 6.59 66.38
N SER A 150 -50.94 7.37 67.44
CA SER A 150 -50.30 8.67 67.63
C SER A 150 -48.95 8.45 68.30
N GLY A 151 -47.88 8.83 67.61
CA GLY A 151 -46.55 8.40 67.97
C GLY A 151 -46.07 7.18 67.20
N GLY A 152 -46.74 6.83 66.10
CA GLY A 152 -46.34 5.72 65.25
C GLY A 152 -46.43 6.10 63.79
N THR A 153 -46.64 5.12 62.91
CA THR A 153 -46.66 5.36 61.48
C THR A 153 -47.99 4.89 60.90
N ALA A 154 -48.57 5.72 60.02
CA ALA A 154 -49.78 5.35 59.30
C ALA A 154 -49.40 4.65 57.99
N ALA A 155 -50.41 4.32 57.19
CA ALA A 155 -50.20 3.59 55.94
C ALA A 155 -51.09 4.16 54.84
N LEU A 156 -50.47 4.75 53.82
CA LEU A 156 -51.15 5.20 52.63
C LEU A 156 -51.10 4.11 51.56
N GLY A 157 -51.82 4.35 50.46
CA GLY A 157 -51.85 3.37 49.39
C GLY A 157 -52.64 3.85 48.21
N CYS A 158 -52.34 3.25 47.05
CA CYS A 158 -53.06 3.46 45.81
C CYS A 158 -53.41 2.11 45.22
N LEU A 159 -54.67 1.94 44.81
CA LEU A 159 -55.14 0.66 44.26
C LEU A 159 -55.28 0.82 42.75
N VAL A 160 -54.33 0.24 42.02
CA VAL A 160 -54.36 0.22 40.56
C VAL A 160 -55.06 -1.06 40.14
N LYS A 161 -56.28 -0.92 39.62
CA LYS A 161 -57.14 -2.08 39.35
C LYS A 161 -57.59 -2.10 37.89
N ASP A 162 -57.69 -3.31 37.34
CA ASP A 162 -58.28 -3.57 36.04
C ASP A 162 -57.51 -2.84 34.93
N TYR A 163 -56.33 -3.37 34.64
CA TYR A 163 -55.49 -2.85 33.57
C TYR A 163 -54.87 -4.01 32.81
N PHE A 164 -54.66 -3.79 31.51
CA PHE A 164 -54.04 -4.79 30.66
C PHE A 164 -53.38 -4.11 29.46
N PRO A 165 -52.17 -4.54 29.10
CA PRO A 165 -51.41 -5.56 29.84
C PRO A 165 -50.35 -4.94 30.72
N GLU A 166 -49.45 -5.76 31.25
CA GLU A 166 -48.35 -5.24 32.04
C GLU A 166 -47.34 -4.51 31.16
N PRO A 167 -46.48 -3.69 31.78
CA PRO A 167 -46.51 -3.42 33.22
C PRO A 167 -46.93 -1.98 33.53
N VAL A 168 -47.15 -1.68 34.81
CA VAL A 168 -47.48 -0.34 35.27
C VAL A 168 -46.42 0.10 36.28
N THR A 169 -45.98 1.35 36.15
CA THR A 169 -44.97 1.92 37.03
C THR A 169 -45.63 2.88 38.01
N VAL A 170 -45.30 2.74 39.29
CA VAL A 170 -45.88 3.55 40.36
C VAL A 170 -44.76 4.26 41.11
N SER A 171 -44.88 5.57 41.24
CA SER A 171 -43.93 6.37 42.01
C SER A 171 -44.70 7.31 42.91
N TRP A 172 -44.09 7.65 44.05
CA TRP A 172 -44.72 8.49 45.06
C TRP A 172 -44.02 9.84 45.09
N ASN A 173 -44.81 10.92 44.97
CA ASN A 173 -44.28 12.28 44.98
C ASN A 173 -43.26 12.48 43.87
N SER A 174 -43.41 11.75 42.76
CA SER A 174 -42.54 11.88 41.60
C SER A 174 -41.09 11.53 41.95
N GLY A 175 -40.94 10.41 42.67
CA GLY A 175 -39.63 9.92 43.06
C GLY A 175 -39.01 10.61 44.25
N ALA A 176 -39.62 11.70 44.75
CA ALA A 176 -39.09 12.35 45.94
C ALA A 176 -39.32 11.54 47.20
N LEU A 177 -40.24 10.57 47.15
CA LEU A 177 -40.56 9.69 48.28
C LEU A 177 -40.09 8.28 47.92
N THR A 178 -39.01 7.84 48.54
CA THR A 178 -38.42 6.53 48.26
C THR A 178 -38.60 5.55 49.41
N SER A 179 -38.23 5.93 50.62
CA SER A 179 -38.23 4.99 51.74
C SER A 179 -39.65 4.68 52.17
N GLY A 180 -39.93 3.39 52.37
CA GLY A 180 -41.22 2.92 52.82
C GLY A 180 -42.12 2.37 51.73
N VAL A 181 -41.81 2.66 50.46
CA VAL A 181 -42.68 2.23 49.38
C VAL A 181 -42.63 0.72 49.23
N HIS A 182 -43.79 0.11 49.02
CA HIS A 182 -43.91 -1.34 48.79
C HIS A 182 -44.91 -1.53 47.65
N THR A 183 -44.40 -1.79 46.45
CA THR A 183 -45.23 -2.05 45.28
C THR A 183 -45.35 -3.55 45.10
N PHE A 184 -46.51 -4.10 45.49
CA PHE A 184 -46.70 -5.54 45.45
C PHE A 184 -46.76 -6.03 44.00
N PRO A 185 -46.37 -7.28 43.76
CA PRO A 185 -46.48 -7.83 42.40
C PRO A 185 -47.92 -7.85 41.94
N ALA A 186 -48.12 -7.54 40.66
CA ALA A 186 -49.47 -7.56 40.10
C ALA A 186 -50.01 -8.99 40.05
N VAL A 187 -51.31 -9.12 40.30
CA VAL A 187 -51.98 -10.41 40.32
C VAL A 187 -53.05 -10.44 39.25
N LEU A 188 -53.19 -11.58 38.57
CA LEU A 188 -54.18 -11.74 37.52
C LEU A 188 -55.51 -12.17 38.14
N GLN A 189 -56.52 -11.32 37.99
CA GLN A 189 -57.86 -11.63 38.48
C GLN A 189 -58.53 -12.64 37.58
N SER A 190 -59.60 -13.26 38.09
CA SER A 190 -60.36 -14.20 37.27
C SER A 190 -60.92 -13.53 36.03
N SER A 191 -61.18 -12.23 36.11
CA SER A 191 -61.71 -11.50 34.96
C SER A 191 -60.68 -11.32 33.85
N GLY A 192 -59.41 -11.59 34.12
CA GLY A 192 -58.36 -11.39 33.14
C GLY A 192 -57.70 -10.04 33.20
N LEU A 193 -57.99 -9.23 34.21
CA LEU A 193 -57.39 -7.91 34.37
C LEU A 193 -56.44 -7.93 35.56
N TYR A 194 -55.25 -7.38 35.38
CA TYR A 194 -54.27 -7.32 36.45
C TYR A 194 -54.62 -6.20 37.44
N SER A 195 -54.20 -6.39 38.69
CA SER A 195 -54.47 -5.43 39.75
C SER A 195 -53.33 -5.46 40.75
N LEU A 196 -52.83 -4.30 41.13
CA LEU A 196 -51.72 -4.20 42.07
C LEU A 196 -51.95 -3.03 43.01
N SER A 197 -51.27 -3.09 44.16
CA SER A 197 -51.40 -2.08 45.20
C SER A 197 -50.03 -1.50 45.50
N SER A 198 -50.05 -0.28 46.04
CA SER A 198 -48.83 0.44 46.40
C SER A 198 -49.07 1.19 47.69
N VAL A 199 -48.33 0.82 48.74
CA VAL A 199 -48.51 1.38 50.07
C VAL A 199 -47.19 1.96 50.56
N VAL A 200 -47.30 3.01 51.38
CA VAL A 200 -46.15 3.61 52.06
C VAL A 200 -46.41 3.62 53.56
N THR A 201 -45.35 3.87 54.30
CA THR A 201 -45.44 4.11 55.72
C THR A 201 -45.08 5.57 55.99
N VAL A 202 -46.05 6.33 56.48
CA VAL A 202 -45.86 7.75 56.71
C VAL A 202 -46.08 8.05 58.20
N PRO A 203 -45.32 8.98 58.77
CA PRO A 203 -45.55 9.37 60.16
C PRO A 203 -46.94 9.95 60.35
N SER A 204 -47.62 9.52 61.41
CA SER A 204 -49.00 9.97 61.63
C SER A 204 -49.09 11.48 61.67
N SER A 205 -48.12 12.14 62.32
CA SER A 205 -48.17 13.59 62.44
C SER A 205 -48.17 14.28 61.08
N SER A 206 -47.60 13.63 60.07
CA SER A 206 -47.49 14.24 58.74
C SER A 206 -48.76 14.08 57.91
N LEU A 207 -49.75 13.33 58.38
CA LEU A 207 -50.93 13.03 57.57
C LEU A 207 -51.63 14.29 57.10
N GLY A 208 -52.03 15.14 58.04
CA GLY A 208 -52.91 16.26 57.69
C GLY A 208 -52.23 17.34 56.87
N THR A 209 -50.96 17.60 57.15
CA THR A 209 -50.30 18.78 56.58
C THR A 209 -49.56 18.48 55.28
N GLN A 210 -48.93 17.33 55.18
CA GLN A 210 -48.04 17.01 54.06
C GLN A 210 -48.79 16.22 52.99
N THR A 211 -48.54 16.57 51.73
CA THR A 211 -49.23 15.95 50.61
C THR A 211 -48.52 14.67 50.19
N TYR A 212 -49.31 13.71 49.68
CA TYR A 212 -48.80 12.45 49.20
C TYR A 212 -49.57 12.05 47.95
N ILE A 213 -48.85 11.91 46.84
CA ILE A 213 -49.45 11.62 45.54
C ILE A 213 -48.71 10.45 44.90
N CYS A 214 -49.45 9.47 44.41
CA CYS A 214 -48.89 8.39 43.62
C CYS A 214 -49.13 8.68 42.14
N ASN A 215 -48.13 8.34 41.31
CA ASN A 215 -48.16 8.64 39.89
C ASN A 215 -48.16 7.31 39.13
N VAL A 216 -49.33 6.91 38.64
CA VAL A 216 -49.47 5.65 37.92
C VAL A 216 -49.32 5.92 36.43
N ASN A 217 -48.68 4.99 35.73
CA ASN A 217 -48.49 5.08 34.29
C ASN A 217 -48.66 3.69 33.68
N HIS A 218 -49.53 3.61 32.68
CA HIS A 218 -49.74 2.37 31.93
C HIS A 218 -49.52 2.70 30.45
N LYS A 219 -48.33 2.35 29.94
CA LYS A 219 -47.98 2.75 28.59
C LYS A 219 -48.83 2.07 27.53
N PRO A 220 -49.08 0.76 27.59
CA PRO A 220 -49.86 0.11 26.51
C PRO A 220 -51.21 0.75 26.27
N SER A 221 -51.85 1.27 27.32
CA SER A 221 -53.13 1.98 27.17
C SER A 221 -52.95 3.49 27.15
N ASN A 222 -51.73 3.98 27.35
CA ASN A 222 -51.40 5.41 27.40
C ASN A 222 -51.99 6.10 28.62
N THR A 223 -52.72 5.37 29.48
CA THR A 223 -53.36 5.98 30.64
C THR A 223 -52.33 6.44 31.65
N LYS A 224 -52.43 7.70 32.08
CA LYS A 224 -51.58 8.27 33.11
C LYS A 224 -52.45 8.93 34.15
N VAL A 225 -52.16 8.68 35.42
CA VAL A 225 -53.00 9.14 36.53
C VAL A 225 -52.13 9.57 37.69
N ASP A 226 -52.46 10.71 38.28
CA ASP A 226 -51.83 11.21 39.50
C ASP A 226 -52.93 11.38 40.56
N LYS A 227 -52.97 10.46 41.52
CA LYS A 227 -54.03 10.40 42.51
C LYS A 227 -53.47 10.84 43.87
N LYS A 228 -54.06 11.89 44.44
CA LYS A 228 -53.66 12.38 45.75
C LYS A 228 -54.43 11.62 46.83
N VAL A 229 -53.72 11.20 47.87
CA VAL A 229 -54.29 10.37 48.93
C VAL A 229 -54.32 11.18 50.21
N GLU A 230 -55.51 11.33 50.79
CA GLU A 230 -55.71 12.12 52.00
C GLU A 230 -56.66 11.38 52.93
N PRO A 231 -56.73 11.80 54.20
CA PRO A 231 -57.60 11.12 55.17
C PRO A 231 -59.07 11.25 54.80
N LYS A 232 -59.85 10.29 55.28
CA LYS A 232 -61.29 10.29 55.02
C LYS A 232 -62.00 11.31 55.90
N ASP B 2 -31.44 -35.25 24.04
CA ASP B 2 -31.42 -33.89 24.55
C ASP B 2 -30.81 -33.85 25.95
N ILE B 3 -30.04 -32.80 26.23
CA ILE B 3 -29.32 -32.68 27.49
C ILE B 3 -30.18 -31.89 28.48
N GLN B 4 -30.22 -32.36 29.73
CA GLN B 4 -30.92 -31.68 30.80
C GLN B 4 -29.96 -31.44 31.96
N MET B 5 -30.08 -30.27 32.58
CA MET B 5 -29.22 -29.87 33.69
C MET B 5 -30.07 -29.70 34.94
N THR B 6 -29.87 -30.58 35.93
CA THR B 6 -30.64 -30.57 37.17
C THR B 6 -29.84 -29.84 38.24
N GLN B 7 -30.32 -28.67 38.64
CA GLN B 7 -29.65 -27.81 39.61
C GLN B 7 -30.36 -27.89 40.96
N SER B 8 -29.57 -28.00 42.02
CA SER B 8 -30.12 -28.09 43.37
C SER B 8 -29.27 -27.32 44.37
N PRO B 9 -29.89 -26.83 45.46
CA PRO B 9 -31.33 -26.99 45.70
C PRO B 9 -32.16 -25.97 44.94
N SER B 10 -33.49 -26.01 45.13
CA SER B 10 -34.36 -25.05 44.47
C SER B 10 -34.29 -23.68 45.14
N SER B 11 -34.26 -23.65 46.47
CA SER B 11 -34.16 -22.41 47.22
C SER B 11 -33.48 -22.69 48.55
N LEU B 12 -32.81 -21.68 49.09
CA LEU B 12 -32.14 -21.83 50.37
C LEU B 12 -32.04 -20.47 51.05
N SER B 13 -31.97 -20.49 52.37
CA SER B 13 -31.87 -19.29 53.19
C SER B 13 -30.56 -19.34 53.96
N ALA B 14 -29.65 -18.44 53.64
CA ALA B 14 -28.36 -18.33 54.31
C ALA B 14 -28.30 -17.01 55.08
N SER B 15 -27.10 -16.67 55.56
CA SER B 15 -26.89 -15.44 56.31
C SER B 15 -25.57 -14.83 55.89
N VAL B 16 -25.38 -13.55 56.25
CA VAL B 16 -24.18 -12.84 55.84
C VAL B 16 -22.96 -13.49 56.48
N GLY B 17 -21.98 -13.82 55.64
CA GLY B 17 -20.78 -14.50 56.09
C GLY B 17 -20.83 -16.00 55.96
N ASP B 18 -22.00 -16.58 55.66
CA ASP B 18 -22.12 -18.02 55.50
C ASP B 18 -21.45 -18.47 54.21
N ARG B 19 -21.48 -19.78 53.98
CA ARG B 19 -20.87 -20.41 52.82
C ARG B 19 -21.94 -21.23 52.10
N VAL B 20 -22.29 -20.80 50.89
CA VAL B 20 -23.37 -21.42 50.14
C VAL B 20 -22.79 -22.31 49.05
N THR B 21 -23.48 -23.41 48.76
CA THR B 21 -23.04 -24.39 47.78
C THR B 21 -24.21 -24.76 46.89
N ILE B 22 -24.05 -24.57 45.58
CA ILE B 22 -25.06 -24.92 44.59
C ILE B 22 -24.49 -25.97 43.65
N THR B 23 -25.28 -27.00 43.36
CA THR B 23 -24.85 -28.12 42.53
C THR B 23 -25.66 -28.18 41.26
N CYS B 24 -24.98 -28.43 40.14
CA CYS B 24 -25.59 -28.54 38.82
C CYS B 24 -25.09 -29.84 38.20
N ARG B 25 -25.98 -30.82 38.04
CA ARG B 25 -25.62 -32.14 37.56
C ARG B 25 -26.05 -32.30 36.12
N ALA B 26 -25.09 -32.60 35.24
CA ALA B 26 -25.38 -32.80 33.83
C ALA B 26 -25.98 -34.18 33.59
N SER B 27 -26.84 -34.26 32.58
CA SER B 27 -27.51 -35.51 32.26
C SER B 27 -26.55 -36.52 31.62
N GLN B 28 -25.56 -36.04 30.87
CA GLN B 28 -24.63 -36.93 30.19
C GLN B 28 -23.29 -36.21 30.06
N SER B 29 -22.32 -36.93 29.46
CA SER B 29 -20.96 -36.42 29.37
C SER B 29 -20.92 -35.09 28.63
N VAL B 30 -20.28 -34.10 29.24
CA VAL B 30 -20.14 -32.76 28.66
C VAL B 30 -18.71 -32.28 28.89
N SER B 31 -18.34 -31.24 28.16
CA SER B 31 -17.02 -30.64 28.31
C SER B 31 -16.95 -29.88 29.62
N SER B 32 -15.79 -29.25 29.86
CA SER B 32 -15.60 -28.41 31.04
C SER B 32 -16.22 -27.04 30.90
N ALA B 33 -16.93 -26.77 29.81
CA ALA B 33 -17.49 -25.45 29.52
C ALA B 33 -18.87 -25.35 30.13
N VAL B 34 -18.97 -24.67 31.26
CA VAL B 34 -20.24 -24.44 31.95
C VAL B 34 -20.20 -23.07 32.59
N ALA B 35 -21.33 -22.38 32.60
CA ALA B 35 -21.41 -21.02 33.12
C ALA B 35 -22.38 -20.95 34.30
N TRP B 36 -22.11 -20.02 35.20
CA TRP B 36 -22.98 -19.73 36.34
C TRP B 36 -23.43 -18.28 36.25
N TYR B 37 -24.73 -18.06 36.36
CA TYR B 37 -25.32 -16.74 36.16
C TYR B 37 -26.05 -16.27 37.41
N GLN B 38 -25.87 -14.98 37.73
CA GLN B 38 -26.57 -14.31 38.81
C GLN B 38 -27.59 -13.36 38.20
N GLN B 39 -28.82 -13.39 38.71
CA GLN B 39 -29.91 -12.56 38.19
C GLN B 39 -30.62 -11.89 39.35
N LYS B 40 -30.51 -10.56 39.42
CA LYS B 40 -31.26 -9.81 40.41
C LYS B 40 -32.72 -9.71 39.97
N PRO B 41 -33.64 -9.46 40.91
CA PRO B 41 -35.06 -9.38 40.55
C PRO B 41 -35.31 -8.29 39.52
N GLY B 42 -36.02 -8.66 38.45
CA GLY B 42 -36.32 -7.72 37.38
C GLY B 42 -35.11 -7.17 36.67
N LYS B 43 -34.05 -7.98 36.54
CA LYS B 43 -32.82 -7.55 35.89
C LYS B 43 -32.31 -8.65 34.98
N ALA B 44 -31.41 -8.27 34.08
CA ALA B 44 -30.82 -9.22 33.16
C ALA B 44 -29.78 -10.08 33.87
N PRO B 45 -29.66 -11.36 33.49
CA PRO B 45 -28.66 -12.22 34.12
C PRO B 45 -27.25 -11.72 33.81
N LYS B 46 -26.34 -11.96 34.75
CA LYS B 46 -24.94 -11.61 34.58
C LYS B 46 -24.08 -12.85 34.73
N LEU B 47 -22.87 -12.78 34.20
CA LEU B 47 -21.97 -13.92 34.18
C LEU B 47 -21.02 -13.87 35.37
N LEU B 48 -20.92 -14.99 36.08
CA LEU B 48 -19.99 -15.12 37.20
C LEU B 48 -18.84 -16.06 36.87
N ILE B 49 -19.13 -17.29 36.47
CA ILE B 49 -18.11 -18.28 36.16
C ILE B 49 -18.41 -18.89 34.80
N TYR B 50 -17.38 -19.01 33.97
CA TYR B 50 -17.47 -19.69 32.69
C TYR B 50 -16.36 -20.73 32.61
N SER B 51 -16.58 -21.76 31.80
CA SER B 51 -15.67 -22.90 31.72
C SER B 51 -15.58 -23.64 33.05
N ALA B 52 -16.65 -23.55 33.85
CA ALA B 52 -16.77 -24.29 35.10
C ALA B 52 -15.87 -23.73 36.19
N SER B 53 -14.64 -23.36 35.84
CA SER B 53 -13.67 -22.89 36.83
C SER B 53 -13.15 -21.49 36.58
N SER B 54 -13.36 -20.93 35.38
CA SER B 54 -12.80 -19.63 35.04
C SER B 54 -13.68 -18.52 35.58
N LEU B 55 -13.11 -17.67 36.43
CA LEU B 55 -13.85 -16.55 37.00
C LEU B 55 -13.86 -15.38 36.02
N TYR B 56 -15.05 -14.83 35.77
CA TYR B 56 -15.21 -13.76 34.80
C TYR B 56 -14.73 -12.43 35.38
N SER B 57 -14.25 -11.56 34.49
CA SER B 57 -13.64 -10.31 34.92
C SER B 57 -14.62 -9.45 35.71
N GLY B 58 -14.13 -8.81 36.76
CA GLY B 58 -14.92 -7.96 37.62
C GLY B 58 -15.62 -8.69 38.75
N VAL B 59 -15.97 -9.96 38.54
CA VAL B 59 -16.59 -10.78 39.57
C VAL B 59 -15.57 -10.99 40.69
N PRO B 60 -15.88 -10.60 41.93
CA PRO B 60 -14.92 -10.74 43.02
C PRO B 60 -14.48 -12.18 43.21
N SER B 61 -13.27 -12.34 43.77
CA SER B 61 -12.75 -13.67 44.10
C SER B 61 -13.61 -14.39 45.13
N ARG B 62 -14.57 -13.69 45.75
CA ARG B 62 -15.52 -14.34 46.65
C ARG B 62 -16.30 -15.46 45.97
N PHE B 63 -16.43 -15.42 44.66
CA PHE B 63 -17.10 -16.46 43.90
C PHE B 63 -16.08 -17.47 43.38
N SER B 64 -16.58 -18.64 42.96
CA SER B 64 -15.72 -19.68 42.41
C SER B 64 -16.51 -20.91 42.00
N GLY B 65 -16.07 -21.57 40.92
CA GLY B 65 -16.68 -22.79 40.45
C GLY B 65 -15.73 -23.97 40.58
N SER B 66 -16.29 -25.15 40.37
CA SER B 66 -15.52 -26.38 40.47
C SER B 66 -16.24 -27.47 39.68
N ARG B 67 -15.47 -28.47 39.25
CA ARG B 67 -15.98 -29.56 38.43
C ARG B 67 -15.59 -30.89 39.06
N SER B 68 -16.59 -31.66 39.49
CA SER B 68 -16.41 -33.02 39.99
C SER B 68 -17.19 -33.94 39.06
N GLY B 69 -16.52 -34.48 38.06
CA GLY B 69 -17.19 -35.41 37.16
C GLY B 69 -18.24 -34.65 36.36
N THR B 70 -19.47 -35.12 36.41
CA THR B 70 -20.60 -34.45 35.79
C THR B 70 -21.31 -33.49 36.74
N ASP B 71 -20.78 -33.29 37.94
CA ASP B 71 -21.38 -32.42 38.95
C ASP B 71 -20.57 -31.14 39.04
N PHE B 72 -21.08 -30.06 38.47
CA PHE B 72 -20.49 -28.75 38.61
C PHE B 72 -21.11 -28.03 39.80
N THR B 73 -20.30 -27.24 40.50
CA THR B 73 -20.73 -26.63 41.75
C THR B 73 -20.22 -25.20 41.86
N LEU B 74 -21.11 -24.31 42.30
CA LEU B 74 -20.79 -22.92 42.57
C LEU B 74 -20.65 -22.73 44.08
N THR B 75 -19.65 -21.95 44.48
CA THR B 75 -19.31 -21.81 45.89
C THR B 75 -19.03 -20.35 46.22
N ILE B 76 -19.85 -19.77 47.09
CA ILE B 76 -19.61 -18.45 47.64
C ILE B 76 -18.94 -18.64 48.99
N SER B 77 -17.67 -18.23 49.09
CA SER B 77 -16.92 -18.43 50.34
C SER B 77 -17.60 -17.70 51.49
N SER B 78 -17.73 -16.38 51.39
CA SER B 78 -18.32 -15.55 52.44
C SER B 78 -19.47 -14.77 51.82
N LEU B 79 -20.71 -15.17 52.14
CA LEU B 79 -21.88 -14.53 51.56
C LEU B 79 -21.92 -13.06 51.93
N GLN B 80 -22.34 -12.23 50.98
CA GLN B 80 -22.40 -10.78 51.13
C GLN B 80 -23.81 -10.28 50.87
N PRO B 81 -24.14 -9.06 51.31
CA PRO B 81 -25.51 -8.57 51.16
C PRO B 81 -25.94 -8.38 49.71
N GLU B 82 -25.01 -8.07 48.81
CA GLU B 82 -25.35 -7.85 47.41
C GLU B 82 -25.34 -9.13 46.58
N ASP B 83 -24.98 -10.27 47.17
CA ASP B 83 -24.96 -11.54 46.47
C ASP B 83 -26.29 -12.28 46.52
N PHE B 84 -27.34 -11.64 47.03
CA PHE B 84 -28.62 -12.31 47.21
C PHE B 84 -29.45 -12.17 45.94
N ALA B 85 -29.73 -13.30 45.30
CA ALA B 85 -30.49 -13.34 44.05
C ALA B 85 -30.64 -14.79 43.60
N THR B 86 -31.25 -15.00 42.44
CA THR B 86 -31.39 -16.33 41.87
C THR B 86 -30.19 -16.64 40.99
N TYR B 87 -29.65 -17.85 41.13
CA TYR B 87 -28.47 -18.27 40.40
C TYR B 87 -28.81 -19.44 39.48
N TYR B 88 -28.38 -19.33 38.22
CA TYR B 88 -28.61 -20.35 37.21
C TYR B 88 -27.28 -20.96 36.77
N CYS B 89 -27.36 -22.17 36.22
CA CYS B 89 -26.21 -22.87 35.68
C CYS B 89 -26.52 -23.33 34.27
N GLN B 90 -25.63 -22.97 33.34
CA GLN B 90 -25.81 -23.25 31.92
C GLN B 90 -24.72 -24.17 31.42
N GLN B 91 -25.09 -25.13 30.57
CA GLN B 91 -24.15 -25.98 29.88
C GLN B 91 -24.09 -25.53 28.43
N SER B 92 -22.90 -25.09 27.99
CA SER B 92 -22.69 -24.62 26.63
C SER B 92 -21.87 -25.59 25.80
N SER B 93 -21.65 -26.81 26.30
CA SER B 93 -20.80 -27.79 25.64
C SER B 93 -21.55 -28.63 24.61
N SER B 94 -22.84 -28.42 24.43
CA SER B 94 -23.61 -29.18 23.46
C SER B 94 -24.94 -28.50 23.22
N ARG B 95 -25.47 -28.69 22.02
CA ARG B 95 -26.75 -28.09 21.65
C ARG B 95 -27.87 -29.12 21.68
N PRO B 96 -29.10 -28.67 21.98
CA PRO B 96 -29.41 -27.27 22.30
C PRO B 96 -28.89 -26.85 23.66
N VAL B 97 -28.58 -25.57 23.82
CA VAL B 97 -28.13 -25.05 25.10
C VAL B 97 -29.26 -25.17 26.12
N THR B 98 -28.92 -25.53 27.35
CA THR B 98 -29.90 -25.73 28.39
C THR B 98 -29.42 -25.10 29.69
N PHE B 99 -30.36 -24.49 30.42
CA PHE B 99 -30.08 -23.88 31.70
C PHE B 99 -30.58 -24.79 32.83
N GLY B 100 -30.39 -24.33 34.08
CA GLY B 100 -30.90 -25.02 35.23
C GLY B 100 -32.22 -24.46 35.70
N GLN B 101 -32.87 -25.22 36.60
CA GLN B 101 -34.16 -24.78 37.13
C GLN B 101 -34.04 -23.52 37.97
N GLY B 102 -32.87 -23.23 38.52
CA GLY B 102 -32.65 -22.02 39.26
C GLY B 102 -32.56 -22.27 40.76
N THR B 103 -31.75 -21.45 41.43
CA THR B 103 -31.58 -21.51 42.89
C THR B 103 -31.82 -20.11 43.44
N LYS B 104 -32.78 -20.00 44.35
CA LYS B 104 -33.15 -18.72 44.95
C LYS B 104 -32.52 -18.62 46.33
N VAL B 105 -31.58 -17.68 46.48
CA VAL B 105 -30.89 -17.47 47.76
C VAL B 105 -31.52 -16.27 48.45
N GLU B 106 -31.70 -16.37 49.77
CA GLU B 106 -32.33 -15.33 50.56
C GLU B 106 -31.60 -15.13 51.88
N ILE B 107 -31.69 -13.91 52.42
CA ILE B 107 -31.16 -13.64 53.75
C ILE B 107 -31.99 -14.37 54.80
N LYS B 108 -31.37 -14.63 55.94
CA LYS B 108 -32.06 -15.13 57.13
C LYS B 108 -31.91 -14.09 58.23
N ARG B 109 -33.03 -13.74 58.86
CA ARG B 109 -33.02 -12.77 59.94
C ARG B 109 -33.86 -13.29 61.09
N THR B 110 -33.98 -12.48 62.14
CA THR B 110 -34.77 -12.83 63.30
C THR B 110 -36.26 -12.67 63.00
N VAL B 111 -37.07 -13.44 63.72
CA VAL B 111 -38.52 -13.40 63.49
C VAL B 111 -39.04 -12.00 63.74
N ALA B 112 -39.93 -11.54 62.87
CA ALA B 112 -40.49 -10.19 62.96
C ALA B 112 -42.00 -10.26 62.79
N ALA B 113 -42.73 -9.66 63.74
CA ALA B 113 -44.19 -9.70 63.70
C ALA B 113 -44.72 -8.71 62.66
N PRO B 114 -45.75 -9.09 61.90
CA PRO B 114 -46.27 -8.20 60.86
C PRO B 114 -47.17 -7.12 61.44
N SER B 115 -47.18 -5.97 60.76
CA SER B 115 -48.02 -4.84 61.15
C SER B 115 -49.24 -4.82 60.23
N VAL B 116 -50.40 -5.11 60.79
CA VAL B 116 -51.63 -5.30 60.01
C VAL B 116 -52.34 -3.96 59.85
N PHE B 117 -52.91 -3.75 58.66
CA PHE B 117 -53.69 -2.56 58.35
C PHE B 117 -54.88 -2.98 57.50
N ILE B 118 -56.03 -2.36 57.75
CA ILE B 118 -57.26 -2.63 57.02
C ILE B 118 -57.64 -1.37 56.25
N PHE B 119 -58.00 -1.54 54.98
CA PHE B 119 -58.29 -0.41 54.09
C PHE B 119 -59.69 -0.53 53.51
N PRO B 120 -60.63 0.34 53.90
CA PRO B 120 -61.99 0.24 53.37
C PRO B 120 -62.02 0.68 51.92
N PRO B 121 -62.98 0.16 51.13
CA PRO B 121 -63.05 0.56 49.72
C PRO B 121 -63.43 2.03 49.56
N SER B 122 -62.85 2.66 48.55
CA SER B 122 -63.04 4.08 48.32
C SER B 122 -64.42 4.38 47.74
N ASP B 123 -64.98 5.52 48.13
CA ASP B 123 -66.27 5.93 47.60
C ASP B 123 -66.23 6.09 46.09
N SER B 124 -65.09 6.53 45.56
CA SER B 124 -64.93 6.61 44.10
C SER B 124 -65.15 5.26 43.45
N GLN B 125 -64.75 4.18 44.12
CA GLN B 125 -64.90 2.83 43.57
C GLN B 125 -66.29 2.26 43.85
N LEU B 126 -66.92 2.66 44.96
CA LEU B 126 -68.26 2.17 45.26
C LEU B 126 -69.25 2.58 44.17
N LYS B 127 -69.19 3.84 43.74
CA LYS B 127 -70.11 4.32 42.72
C LYS B 127 -69.91 3.61 41.39
N SER B 128 -68.78 2.94 41.19
CA SER B 128 -68.54 2.20 39.97
C SER B 128 -69.13 0.79 39.99
N GLY B 129 -69.80 0.41 41.08
CA GLY B 129 -70.45 -0.89 41.15
C GLY B 129 -69.60 -2.02 41.67
N THR B 130 -68.48 -1.73 42.32
CA THR B 130 -67.60 -2.77 42.85
C THR B 130 -66.86 -2.23 44.06
N ALA B 131 -66.64 -3.12 45.04
CA ALA B 131 -66.01 -2.77 46.30
C ALA B 131 -64.83 -3.69 46.56
N SER B 132 -63.69 -3.10 46.90
CA SER B 132 -62.47 -3.84 47.23
C SER B 132 -61.92 -3.33 48.54
N VAL B 133 -61.85 -4.22 49.54
CA VAL B 133 -61.25 -3.92 50.83
C VAL B 133 -59.89 -4.58 50.89
N VAL B 134 -58.92 -3.92 51.51
CA VAL B 134 -57.52 -4.33 51.46
C VAL B 134 -57.01 -4.56 52.88
N CYS B 135 -56.37 -5.71 53.08
CA CYS B 135 -55.64 -6.04 54.30
C CYS B 135 -54.15 -6.06 53.97
N LEU B 136 -53.34 -5.50 54.87
CA LEU B 136 -51.92 -5.28 54.59
C LEU B 136 -51.07 -5.80 55.74
N LEU B 137 -50.19 -6.75 55.45
CA LEU B 137 -49.12 -7.16 56.36
C LEU B 137 -47.84 -6.49 55.91
N ASN B 138 -47.10 -5.88 56.85
CA ASN B 138 -45.96 -5.07 56.50
C ASN B 138 -44.75 -5.44 57.35
N ASN B 139 -43.62 -5.70 56.68
CA ASN B 139 -42.33 -5.89 57.33
C ASN B 139 -42.36 -7.03 58.34
N PHE B 140 -42.36 -8.27 57.86
CA PHE B 140 -42.38 -9.43 58.73
C PHE B 140 -41.46 -10.50 58.16
N TYR B 141 -41.18 -11.50 58.98
CA TYR B 141 -40.34 -12.63 58.60
C TYR B 141 -40.59 -13.79 59.55
N PRO B 142 -40.69 -15.02 59.02
CA PRO B 142 -40.51 -15.33 57.60
C PRO B 142 -41.74 -15.06 56.72
N ARG B 143 -41.65 -15.45 55.45
CA ARG B 143 -42.73 -15.19 54.51
C ARG B 143 -44.03 -15.85 54.98
N GLU B 144 -43.96 -17.08 55.46
CA GLU B 144 -45.15 -17.84 55.81
C GLU B 144 -46.07 -17.05 56.75
N ALA B 145 -47.27 -16.74 56.26
CA ALA B 145 -48.27 -16.04 57.03
C ALA B 145 -49.63 -16.29 56.40
N LYS B 146 -50.68 -16.24 57.22
CA LYS B 146 -52.03 -16.55 56.77
C LYS B 146 -52.98 -15.42 57.17
N VAL B 147 -53.75 -14.95 56.18
CA VAL B 147 -54.72 -13.87 56.38
C VAL B 147 -56.12 -14.47 56.24
N GLN B 148 -56.98 -14.19 57.21
CA GLN B 148 -58.34 -14.72 57.25
C GLN B 148 -59.31 -13.55 57.16
N TRP B 149 -60.19 -13.58 56.16
CA TRP B 149 -61.17 -12.52 55.97
C TRP B 149 -62.47 -12.88 56.69
N LYS B 150 -62.97 -11.94 57.49
CA LYS B 150 -64.21 -12.10 58.25
C LYS B 150 -65.16 -10.98 57.88
N VAL B 151 -66.35 -11.34 57.44
CA VAL B 151 -67.43 -10.40 57.14
C VAL B 151 -68.61 -10.76 58.03
N ASP B 152 -68.85 -9.94 59.06
CA ASP B 152 -69.89 -10.24 60.05
C ASP B 152 -69.64 -11.59 60.71
N ASN B 153 -68.37 -11.88 61.00
CA ASN B 153 -67.98 -13.13 61.64
C ASN B 153 -68.28 -14.33 60.74
N ALA B 154 -68.14 -14.15 59.43
CA ALA B 154 -68.35 -15.21 58.46
C ALA B 154 -67.11 -15.37 57.60
N LEU B 155 -66.68 -16.62 57.42
CA LEU B 155 -65.46 -16.89 56.67
C LEU B 155 -65.70 -16.66 55.18
N GLN B 156 -64.75 -15.98 54.54
CA GLN B 156 -64.80 -15.72 53.11
C GLN B 156 -63.82 -16.66 52.40
N SER B 157 -64.21 -17.12 51.21
CA SER B 157 -63.39 -18.05 50.46
C SER B 157 -63.54 -17.75 48.97
N GLY B 158 -62.41 -17.80 48.25
CA GLY B 158 -62.41 -17.56 46.82
C GLY B 158 -62.43 -16.10 46.41
N ASN B 159 -62.79 -15.19 47.31
CA ASN B 159 -62.79 -13.76 47.03
C ASN B 159 -61.58 -13.04 47.62
N SER B 160 -60.52 -13.79 47.91
CA SER B 160 -59.30 -13.24 48.49
C SER B 160 -58.13 -13.47 47.54
N GLN B 161 -57.42 -12.40 47.22
CA GLN B 161 -56.22 -12.47 46.40
C GLN B 161 -55.09 -11.74 47.12
N GLU B 162 -53.94 -12.40 47.27
CA GLU B 162 -52.81 -11.84 47.98
C GLU B 162 -51.56 -11.94 47.13
N SER B 163 -50.69 -10.94 47.25
CA SER B 163 -49.38 -10.94 46.63
C SER B 163 -48.37 -10.46 47.66
N VAL B 164 -47.22 -11.12 47.69
CA VAL B 164 -46.16 -10.81 48.64
C VAL B 164 -44.95 -10.28 47.89
N THR B 165 -44.36 -9.21 48.42
CA THR B 165 -43.20 -8.61 47.79
C THR B 165 -41.97 -9.48 48.00
N GLU B 166 -40.95 -9.26 47.18
CA GLU B 166 -39.66 -9.88 47.41
C GLU B 166 -39.02 -9.29 48.67
N GLN B 167 -38.08 -10.04 49.25
CA GLN B 167 -37.46 -9.61 50.49
C GLN B 167 -36.81 -8.24 50.31
N ASP B 168 -36.92 -7.42 51.36
CA ASP B 168 -36.45 -6.05 51.29
C ASP B 168 -34.93 -5.99 51.33
N SER B 169 -34.37 -5.01 50.62
CA SER B 169 -32.92 -4.88 50.53
C SER B 169 -32.28 -4.43 51.83
N LYS B 170 -33.06 -3.89 52.76
CA LYS B 170 -32.49 -3.36 54.00
C LYS B 170 -32.80 -4.28 55.19
N ASP B 171 -33.99 -4.14 55.78
CA ASP B 171 -34.35 -4.92 56.95
C ASP B 171 -34.59 -6.40 56.62
N SER B 172 -34.66 -6.76 55.34
CA SER B 172 -34.81 -8.16 54.94
C SER B 172 -36.15 -8.74 55.41
N THR B 173 -37.20 -7.92 55.35
CA THR B 173 -38.55 -8.35 55.71
C THR B 173 -39.40 -8.47 54.45
N TYR B 174 -40.61 -8.97 54.65
CA TYR B 174 -41.57 -9.17 53.57
C TYR B 174 -42.78 -8.26 53.78
N SER B 175 -43.66 -8.27 52.78
CA SER B 175 -44.91 -7.53 52.86
C SER B 175 -45.95 -8.24 52.00
N LEU B 176 -47.11 -8.52 52.59
CA LEU B 176 -48.18 -9.23 51.91
C LEU B 176 -49.44 -8.40 51.96
N SER B 177 -50.23 -8.48 50.89
CA SER B 177 -51.46 -7.70 50.78
C SER B 177 -52.56 -8.59 50.21
N SER B 178 -53.70 -8.61 50.88
CA SER B 178 -54.85 -9.42 50.48
C SER B 178 -56.04 -8.50 50.21
N THR B 179 -56.51 -8.52 48.97
CA THR B 179 -57.61 -7.65 48.54
C THR B 179 -58.87 -8.49 48.39
N LEU B 180 -59.92 -8.09 49.11
CA LEU B 180 -61.21 -8.76 49.08
C LEU B 180 -62.10 -8.02 48.09
N THR B 181 -62.41 -8.66 46.97
CA THR B 181 -63.21 -8.07 45.90
C THR B 181 -64.60 -8.69 45.90
N LEU B 182 -65.62 -7.85 46.08
CA LEU B 182 -67.01 -8.30 46.02
C LEU B 182 -67.86 -7.18 45.44
N SER B 183 -69.03 -7.57 44.95
CA SER B 183 -69.93 -6.60 44.32
C SER B 183 -70.44 -5.60 45.34
N LYS B 184 -70.73 -4.38 44.88
CA LYS B 184 -71.20 -3.33 45.76
C LYS B 184 -72.49 -3.72 46.47
N ALA B 185 -73.28 -4.62 45.89
CA ALA B 185 -74.53 -5.05 46.53
C ALA B 185 -74.24 -5.90 47.77
N ASP B 186 -73.23 -6.77 47.69
CA ASP B 186 -72.87 -7.59 48.84
C ASP B 186 -72.14 -6.77 49.91
N TYR B 187 -71.45 -5.72 49.50
CA TYR B 187 -70.68 -4.91 50.45
C TYR B 187 -71.60 -4.11 51.38
N GLU B 188 -72.73 -3.64 50.85
CA GLU B 188 -73.66 -2.83 51.62
C GLU B 188 -74.61 -3.66 52.47
N LYS B 189 -74.44 -4.98 52.51
CA LYS B 189 -75.28 -5.84 53.33
C LYS B 189 -74.72 -6.09 54.71
N HIS B 190 -73.47 -5.69 54.98
CA HIS B 190 -72.79 -6.06 56.20
C HIS B 190 -72.08 -4.86 56.82
N LYS B 191 -71.88 -4.93 58.13
CA LYS B 191 -71.20 -3.88 58.89
C LYS B 191 -69.76 -4.26 59.21
N VAL B 192 -69.56 -5.41 59.84
CA VAL B 192 -68.24 -5.81 60.34
C VAL B 192 -67.42 -6.40 59.20
N TYR B 193 -66.27 -5.78 58.92
CA TYR B 193 -65.31 -6.29 57.95
C TYR B 193 -63.96 -6.40 58.64
N ALA B 194 -63.43 -7.62 58.73
CA ALA B 194 -62.20 -7.88 59.47
C ALA B 194 -61.35 -8.92 58.78
N CYS B 195 -60.04 -8.72 58.80
CA CYS B 195 -59.07 -9.72 58.37
C CYS B 195 -58.27 -10.20 59.58
N GLU B 196 -57.92 -11.49 59.56
CA GLU B 196 -57.29 -12.14 60.70
C GLU B 196 -55.92 -12.67 60.27
N VAL B 197 -54.87 -12.14 60.87
CA VAL B 197 -53.49 -12.47 60.50
C VAL B 197 -52.93 -13.45 61.51
N THR B 198 -52.56 -14.64 61.05
CA THR B 198 -51.89 -15.65 61.86
C THR B 198 -50.43 -15.73 61.44
N HIS B 199 -49.52 -15.47 62.37
CA HIS B 199 -48.10 -15.43 62.06
C HIS B 199 -47.30 -16.00 63.23
N GLN B 200 -46.05 -16.38 62.92
CA GLN B 200 -45.15 -16.95 63.93
C GLN B 200 -44.70 -15.88 64.93
N GLY B 201 -44.43 -14.66 64.48
CA GLY B 201 -44.13 -13.54 65.33
C GLY B 201 -45.29 -13.00 66.14
N LEU B 202 -46.46 -13.64 66.07
CA LEU B 202 -47.63 -13.20 66.80
C LEU B 202 -48.10 -14.31 67.73
N SER B 203 -48.14 -14.03 69.03
CA SER B 203 -48.59 -15.05 69.98
C SER B 203 -50.04 -15.43 69.73
N SER B 204 -50.87 -14.44 69.36
CA SER B 204 -52.27 -14.66 69.07
C SER B 204 -52.61 -14.07 67.72
N PRO B 205 -53.50 -14.70 66.96
CA PRO B 205 -53.90 -14.14 65.65
C PRO B 205 -54.44 -12.73 65.82
N VAL B 206 -53.93 -11.82 64.99
CA VAL B 206 -54.30 -10.40 65.05
C VAL B 206 -55.39 -10.13 64.03
N THR B 207 -56.47 -9.51 64.48
CA THR B 207 -57.62 -9.20 63.63
C THR B 207 -57.81 -7.69 63.61
N LYS B 208 -57.44 -7.06 62.50
CA LYS B 208 -57.73 -5.64 62.28
C LYS B 208 -59.03 -5.53 61.51
N SER B 209 -59.91 -4.63 61.96
CA SER B 209 -61.25 -4.58 61.40
C SER B 209 -61.80 -3.15 61.46
N PHE B 210 -62.79 -2.90 60.62
CA PHE B 210 -63.53 -1.65 60.60
C PHE B 210 -65.01 -1.98 60.40
N ASN B 211 -65.86 -0.96 60.50
CA ASN B 211 -67.29 -1.11 60.32
C ASN B 211 -67.76 -0.22 59.19
N ARG B 212 -68.51 -0.80 58.25
CA ARG B 212 -68.96 -0.08 57.08
C ARG B 212 -69.84 1.10 57.47
N GLY B 213 -69.64 2.23 56.80
CA GLY B 213 -70.42 3.41 57.06
C GLY B 213 -70.03 4.17 58.31
N GLU B 214 -68.85 3.91 58.85
CA GLU B 214 -68.37 4.57 60.06
C GLU B 214 -67.11 5.37 59.73
N CYS B 215 -66.58 6.04 60.74
CA CYS B 215 -65.39 6.88 60.56
C CYS B 215 -64.20 6.31 61.32
N SER C 3 25.22 21.40 -14.39
CA SER C 3 24.42 20.28 -14.87
C SER C 3 25.10 18.96 -14.52
N GLU C 4 24.34 18.06 -13.90
CA GLU C 4 24.87 16.80 -13.37
C GLU C 4 24.69 15.65 -14.34
N VAL C 5 25.12 15.80 -15.60
CA VAL C 5 24.98 14.76 -16.60
C VAL C 5 26.34 14.47 -17.22
N GLN C 6 26.53 13.23 -17.66
CA GLN C 6 27.81 12.86 -18.27
C GLN C 6 27.79 11.38 -18.64
N LEU C 7 28.71 11.03 -19.55
CA LEU C 7 28.98 9.65 -19.92
C LEU C 7 30.49 9.48 -20.02
N VAL C 8 31.02 8.39 -19.48
CA VAL C 8 32.45 8.17 -19.40
C VAL C 8 32.76 6.84 -20.07
N GLU C 9 33.40 6.90 -21.24
CA GLU C 9 33.88 5.69 -21.91
C GLU C 9 35.20 5.26 -21.30
N SER C 10 35.48 3.96 -21.39
CA SER C 10 36.72 3.43 -20.86
C SER C 10 36.98 2.06 -21.47
N GLY C 11 38.24 1.63 -21.39
CA GLY C 11 38.66 0.39 -21.99
C GLY C 11 39.46 0.54 -23.26
N GLY C 12 39.98 1.72 -23.54
CA GLY C 12 40.76 1.94 -24.75
C GLY C 12 42.22 1.59 -24.59
N GLY C 13 42.87 1.36 -25.71
CA GLY C 13 44.28 1.04 -25.73
C GLY C 13 44.66 0.37 -27.03
N LEU C 14 45.95 0.07 -27.13
CA LEU C 14 46.48 -0.64 -28.28
C LEU C 14 46.13 -2.13 -28.16
N VAL C 15 45.75 -2.73 -29.29
CA VAL C 15 45.31 -4.12 -29.31
C VAL C 15 45.83 -4.78 -30.58
N GLN C 16 46.24 -6.03 -30.45
CA GLN C 16 46.78 -6.76 -31.59
C GLN C 16 45.65 -7.13 -32.55
N PRO C 17 45.89 -7.10 -33.86
CA PRO C 17 44.86 -7.50 -34.81
C PRO C 17 44.42 -8.93 -34.59
N GLY C 18 43.12 -9.19 -34.75
CA GLY C 18 42.55 -10.45 -34.41
C GLY C 18 42.27 -10.65 -32.94
N GLY C 19 42.55 -9.65 -32.11
CA GLY C 19 42.29 -9.71 -30.69
C GLY C 19 40.89 -9.23 -30.34
N SER C 20 40.71 -8.87 -29.08
CA SER C 20 39.41 -8.47 -28.58
C SER C 20 39.57 -7.40 -27.50
N LEU C 21 38.66 -6.44 -27.49
CA LEU C 21 38.63 -5.38 -26.49
C LEU C 21 37.19 -5.18 -26.04
N ARG C 22 37.03 -4.64 -24.83
CA ARG C 22 35.72 -4.45 -24.23
C ARG C 22 35.64 -3.05 -23.64
N LEU C 23 34.73 -2.25 -24.19
CA LEU C 23 34.52 -0.88 -23.73
C LEU C 23 33.29 -0.82 -22.82
N SER C 24 33.38 0.01 -21.79
CA SER C 24 32.28 0.23 -20.86
C SER C 24 31.90 1.70 -20.86
N CYS C 25 30.60 1.96 -20.69
CA CYS C 25 30.06 3.32 -20.72
C CYS C 25 29.25 3.53 -19.45
N ALA C 26 29.79 4.35 -18.55
CA ALA C 26 29.15 4.61 -17.26
C ALA C 26 28.37 5.92 -17.35
N ALA C 27 27.05 5.84 -17.17
CA ALA C 27 26.18 6.99 -17.29
C ALA C 27 25.70 7.45 -15.92
N SER C 28 25.41 8.75 -15.83
CA SER C 28 24.93 9.35 -14.59
C SER C 28 24.28 10.69 -14.90
N GLY C 29 23.25 11.03 -14.13
CA GLY C 29 22.51 12.26 -14.29
C GLY C 29 21.17 12.10 -14.97
N PHE C 30 20.96 11.00 -15.68
CA PHE C 30 19.71 10.72 -16.36
C PHE C 30 19.27 9.30 -16.03
N ASN C 31 18.14 8.88 -16.59
CA ASN C 31 17.58 7.56 -16.32
C ASN C 31 18.13 6.57 -17.34
N PHE C 32 19.00 5.68 -16.90
CA PHE C 32 19.58 4.68 -17.80
C PHE C 32 18.54 3.68 -18.26
N SER C 33 17.56 3.36 -17.41
CA SER C 33 16.56 2.37 -17.77
C SER C 33 15.73 2.81 -18.97
N SER C 34 15.58 4.12 -19.16
CA SER C 34 14.69 4.65 -20.21
C SER C 34 15.47 4.93 -21.49
N SER C 35 16.32 5.96 -21.47
CA SER C 35 16.98 6.41 -22.69
C SER C 35 17.85 5.32 -23.30
N SER C 36 17.84 5.25 -24.62
CA SER C 36 18.65 4.29 -25.36
C SER C 36 20.11 4.75 -25.43
N ILE C 37 21.00 3.77 -25.53
CA ILE C 37 22.44 4.00 -25.57
C ILE C 37 22.95 3.68 -26.96
N HIS C 38 23.89 4.50 -27.46
CA HIS C 38 24.40 4.38 -28.81
C HIS C 38 25.92 4.47 -28.81
N TRP C 39 26.55 3.66 -29.65
CA TRP C 39 27.99 3.68 -29.86
C TRP C 39 28.28 4.23 -31.26
N VAL C 40 29.12 5.25 -31.34
CA VAL C 40 29.47 5.90 -32.59
C VAL C 40 30.98 6.11 -32.63
N ARG C 41 31.64 5.53 -33.62
CA ARG C 41 33.09 5.64 -33.77
C ARG C 41 33.42 6.63 -34.88
N GLN C 42 34.53 7.33 -34.70
CA GLN C 42 35.02 8.32 -35.66
C GLN C 42 36.46 7.93 -36.03
N ALA C 43 36.64 7.35 -37.21
CA ALA C 43 37.98 6.98 -37.65
C ALA C 43 38.87 8.23 -37.69
N PRO C 44 40.18 8.06 -37.50
CA PRO C 44 41.09 9.22 -37.46
C PRO C 44 40.99 10.06 -38.73
N GLY C 45 40.61 11.33 -38.56
CA GLY C 45 40.48 12.25 -39.66
C GLY C 45 39.21 12.11 -40.48
N LYS C 46 38.49 11.00 -40.34
CA LYS C 46 37.28 10.76 -41.10
C LYS C 46 36.07 11.34 -40.36
N GLY C 47 34.86 10.95 -40.76
CA GLY C 47 33.65 11.38 -40.11
C GLY C 47 33.16 10.42 -39.04
N LEU C 48 31.87 10.47 -38.78
CA LEU C 48 31.24 9.65 -37.75
C LEU C 48 30.61 8.41 -38.37
N GLU C 49 30.73 7.29 -37.68
CA GLU C 49 30.16 6.02 -38.12
C GLU C 49 29.36 5.40 -36.99
N TRP C 50 28.23 4.81 -37.35
CA TRP C 50 27.33 4.17 -36.38
C TRP C 50 27.69 2.69 -36.29
N VAL C 51 27.98 2.22 -35.08
CA VAL C 51 28.36 0.82 -34.87
C VAL C 51 27.19 0.02 -34.33
N ALA C 52 26.69 0.40 -33.14
CA ALA C 52 25.61 -0.36 -32.53
C ALA C 52 24.82 0.56 -31.60
N SER C 53 23.58 0.15 -31.35
CA SER C 53 22.71 0.82 -30.40
C SER C 53 21.98 -0.24 -29.58
N ILE C 54 21.55 0.16 -28.39
CA ILE C 54 20.87 -0.73 -27.45
C ILE C 54 19.81 0.06 -26.71
N SER C 55 18.75 -0.64 -26.29
CA SER C 55 17.72 -0.07 -25.44
C SER C 55 17.62 -0.92 -24.19
N PRO C 56 18.17 -0.47 -23.06
CA PRO C 56 17.95 -1.16 -21.79
C PRO C 56 16.46 -1.22 -21.49
N SER C 57 16.10 -2.02 -20.49
CA SER C 57 14.70 -2.22 -20.12
C SER C 57 14.02 -3.16 -21.10
N TYR C 58 13.92 -2.76 -22.37
CA TYR C 58 13.42 -3.65 -23.41
C TYR C 58 14.51 -4.53 -23.99
N GLY C 59 15.77 -4.14 -23.86
CA GLY C 59 16.87 -4.97 -24.31
C GLY C 59 16.99 -5.17 -25.80
N TYR C 60 16.56 -4.20 -26.60
CA TYR C 60 16.73 -4.28 -28.04
C TYR C 60 18.19 -4.07 -28.41
N THR C 61 18.60 -4.70 -29.52
CA THR C 61 19.96 -4.59 -30.02
C THR C 61 19.92 -4.26 -31.51
N TYR C 62 20.67 -3.23 -31.89
CA TYR C 62 20.76 -2.79 -33.28
C TYR C 62 22.23 -2.70 -33.66
N TYR C 63 22.64 -3.47 -34.67
CA TYR C 63 24.02 -3.53 -35.10
C TYR C 63 24.15 -3.05 -36.55
N ALA C 64 25.35 -2.57 -36.87
CA ALA C 64 25.69 -2.20 -38.24
C ALA C 64 26.30 -3.39 -38.97
N ASP C 65 26.10 -3.42 -40.29
CA ASP C 65 26.65 -4.51 -41.09
C ASP C 65 28.17 -4.54 -41.05
N SER C 66 28.81 -3.46 -40.61
CA SER C 66 30.27 -3.41 -40.52
C SER C 66 30.79 -4.18 -39.30
N VAL C 67 30.14 -4.01 -38.15
CA VAL C 67 30.56 -4.66 -36.91
C VAL C 67 29.72 -5.89 -36.58
N LYS C 68 28.79 -6.27 -37.44
CA LYS C 68 27.90 -7.38 -37.12
C LYS C 68 28.66 -8.70 -37.10
N GLY C 69 28.49 -9.44 -36.00
CA GLY C 69 29.16 -10.72 -35.81
C GLY C 69 30.44 -10.63 -35.02
N ARG C 70 31.17 -9.52 -35.12
CA ARG C 70 32.37 -9.29 -34.34
C ARG C 70 32.12 -8.41 -33.12
N PHE C 71 30.99 -7.73 -33.06
CA PHE C 71 30.68 -6.78 -31.99
C PHE C 71 29.38 -7.19 -31.31
N THR C 72 29.37 -7.10 -29.97
CA THR C 72 28.19 -7.39 -29.18
C THR C 72 28.00 -6.26 -28.17
N ILE C 73 26.86 -5.59 -28.27
CA ILE C 73 26.51 -4.49 -27.38
C ILE C 73 25.59 -5.01 -26.29
N SER C 74 25.76 -4.50 -25.07
CA SER C 74 24.94 -4.93 -23.95
C SER C 74 24.96 -3.83 -22.90
N ALA C 75 23.98 -3.89 -21.99
CA ALA C 75 23.87 -2.92 -20.92
C ALA C 75 23.38 -3.61 -19.66
N ASP C 76 23.97 -3.25 -18.53
CA ASP C 76 23.58 -3.79 -17.22
C ASP C 76 22.80 -2.71 -16.49
N THR C 77 21.47 -2.88 -16.44
CA THR C 77 20.61 -1.88 -15.82
C THR C 77 20.99 -1.66 -14.36
N SER C 78 21.38 -2.73 -13.66
CA SER C 78 21.72 -2.59 -12.25
C SER C 78 23.00 -1.81 -12.05
N LYS C 79 23.94 -1.89 -13.00
CA LYS C 79 25.20 -1.17 -12.90
C LYS C 79 25.17 0.20 -13.57
N ASN C 80 24.08 0.54 -14.28
CA ASN C 80 23.98 1.81 -14.99
C ASN C 80 25.12 1.97 -16.00
N THR C 81 25.44 0.88 -16.70
CA THR C 81 26.55 0.87 -17.63
C THR C 81 26.15 0.16 -18.91
N ALA C 82 26.74 0.60 -20.01
CA ALA C 82 26.57 -0.04 -21.32
C ALA C 82 27.92 -0.57 -21.77
N TYR C 83 27.97 -1.85 -22.10
CA TYR C 83 29.19 -2.51 -22.51
C TYR C 83 29.20 -2.74 -24.02
N LEU C 84 30.37 -2.60 -24.62
CA LEU C 84 30.56 -2.89 -26.05
C LEU C 84 31.75 -3.84 -26.17
N GLN C 85 31.45 -5.09 -26.54
CA GLN C 85 32.46 -6.12 -26.68
C GLN C 85 32.88 -6.23 -28.15
N MET C 86 34.19 -6.26 -28.39
CA MET C 86 34.76 -6.26 -29.73
C MET C 86 35.62 -7.50 -29.91
N ASN C 87 35.16 -8.43 -30.75
CA ASN C 87 35.92 -9.62 -31.11
C ASN C 87 36.36 -9.54 -32.56
N SER C 88 37.39 -10.30 -32.90
CA SER C 88 37.93 -10.33 -34.26
C SER C 88 38.30 -8.92 -34.72
N LEU C 89 39.02 -8.18 -33.87
CA LEU C 89 39.38 -6.81 -34.19
C LEU C 89 40.27 -6.76 -35.43
N ARG C 90 39.98 -5.79 -36.30
CA ARG C 90 40.75 -5.57 -37.51
C ARG C 90 41.41 -4.21 -37.47
N ALA C 91 42.25 -3.94 -38.47
CA ALA C 91 43.05 -2.72 -38.46
C ALA C 91 42.18 -1.48 -38.61
N GLU C 92 41.15 -1.55 -39.47
CA GLU C 92 40.36 -0.36 -39.78
C GLU C 92 39.48 0.08 -38.61
N ASP C 93 39.18 -0.81 -37.66
CA ASP C 93 38.39 -0.41 -36.50
C ASP C 93 39.10 0.60 -35.61
N THR C 94 40.38 0.87 -35.87
CA THR C 94 41.09 1.88 -35.11
C THR C 94 40.39 3.23 -35.27
N ALA C 95 39.92 3.78 -34.15
CA ALA C 95 39.23 5.06 -34.18
C ALA C 95 38.81 5.40 -32.75
N VAL C 96 38.41 6.65 -32.55
CA VAL C 96 37.82 7.07 -31.29
C VAL C 96 36.39 6.55 -31.22
N TYR C 97 36.01 6.02 -30.06
CA TYR C 97 34.68 5.44 -29.87
C TYR C 97 33.88 6.30 -28.91
N TYR C 98 32.85 6.95 -29.44
CA TYR C 98 31.96 7.80 -28.65
C TYR C 98 30.77 6.99 -28.15
N CYS C 99 30.48 7.11 -26.86
CA CYS C 99 29.24 6.61 -26.30
C CYS C 99 28.23 7.74 -26.26
N ALA C 100 27.03 7.50 -26.78
CA ALA C 100 26.05 8.55 -26.96
C ALA C 100 24.69 8.12 -26.43
N ARG C 101 23.98 9.05 -25.79
CA ARG C 101 22.64 8.83 -25.29
C ARG C 101 21.62 9.36 -26.29
N GLY C 102 20.62 8.55 -26.61
CA GLY C 102 19.55 9.03 -27.46
C GLY C 102 18.72 10.10 -26.78
N ILE C 103 18.13 10.96 -27.62
CA ILE C 103 17.14 11.93 -27.18
C ILE C 103 15.77 11.34 -27.47
N TRP C 104 14.78 11.70 -26.65
CA TRP C 104 13.50 11.03 -26.78
C TRP C 104 12.35 12.03 -26.73
N SER C 105 11.33 11.73 -27.54
CA SER C 105 10.05 12.42 -27.55
C SER C 105 8.95 11.43 -27.21
N TYR C 106 7.87 11.92 -26.60
CA TYR C 106 6.83 11.01 -26.13
C TYR C 106 6.30 10.11 -27.23
N TRP C 107 6.42 10.49 -28.50
CA TRP C 107 6.01 9.60 -29.57
C TRP C 107 6.76 8.26 -29.51
N TYR C 108 7.87 8.21 -28.79
CA TYR C 108 8.51 6.92 -28.49
C TYR C 108 7.51 5.97 -27.85
N MET C 109 6.64 6.49 -26.99
CA MET C 109 5.71 5.64 -26.25
C MET C 109 4.83 4.82 -27.20
N VAL C 110 4.11 5.51 -28.10
CA VAL C 110 3.43 4.82 -29.20
C VAL C 110 4.43 4.03 -30.04
N TYR C 111 5.52 4.69 -30.44
CA TYR C 111 6.46 4.13 -31.41
C TYR C 111 7.83 3.90 -30.78
N PRO C 112 8.22 2.66 -30.55
CA PRO C 112 9.63 2.38 -30.26
C PRO C 112 10.41 2.23 -31.56
N HIS C 113 11.74 2.21 -31.44
CA HIS C 113 12.65 1.92 -32.55
C HIS C 113 13.10 3.16 -33.33
N ASP C 114 12.86 4.35 -32.80
CA ASP C 114 13.13 5.59 -33.52
C ASP C 114 14.19 6.39 -32.77
N ASN C 115 15.33 6.66 -33.44
CA ASN C 115 16.42 7.37 -32.78
C ASN C 115 16.12 8.86 -32.66
N TYR C 116 15.88 9.53 -33.80
CA TYR C 116 15.66 10.97 -33.82
C TYR C 116 16.95 11.70 -33.51
N GLY C 117 18.02 10.97 -33.23
CA GLY C 117 19.32 11.54 -32.96
C GLY C 117 19.81 11.22 -31.55
N MET C 118 21.05 11.63 -31.30
CA MET C 118 21.70 11.47 -30.00
C MET C 118 21.79 12.82 -29.32
N ASP C 119 21.39 12.87 -28.05
CA ASP C 119 21.41 14.13 -27.31
C ASP C 119 22.80 14.43 -26.76
N TYR C 120 23.39 13.49 -26.03
CA TYR C 120 24.64 13.71 -25.32
C TYR C 120 25.70 12.75 -25.82
N TRP C 121 26.90 13.27 -26.05
CA TRP C 121 28.03 12.50 -26.55
C TRP C 121 29.16 12.56 -25.53
N GLY C 122 29.64 11.40 -25.12
CA GLY C 122 30.84 11.36 -24.31
C GLY C 122 32.07 11.71 -25.12
N GLN C 123 33.12 12.12 -24.42
CA GLN C 123 34.33 12.52 -25.13
C GLN C 123 35.00 11.36 -25.84
N GLY C 124 34.54 10.13 -25.63
CA GLY C 124 35.05 8.99 -26.37
C GLY C 124 36.36 8.45 -25.83
N THR C 125 36.71 7.26 -26.30
CA THR C 125 37.96 6.60 -25.92
C THR C 125 38.64 6.08 -27.18
N LEU C 126 39.96 6.24 -27.24
CA LEU C 126 40.72 5.90 -28.43
C LEU C 126 41.05 4.41 -28.45
N VAL C 127 40.95 3.81 -29.64
CA VAL C 127 41.19 2.39 -29.83
C VAL C 127 42.04 2.21 -31.09
N THR C 128 43.25 1.69 -30.91
CA THR C 128 44.18 1.49 -32.02
C THR C 128 44.45 0.01 -32.20
N VAL C 129 44.24 -0.49 -33.41
CA VAL C 129 44.44 -1.89 -33.74
C VAL C 129 45.64 -1.99 -34.68
N SER C 130 46.75 -2.52 -34.18
CA SER C 130 47.94 -2.71 -35.00
C SER C 130 48.88 -3.66 -34.28
N SER C 131 49.73 -4.31 -35.05
CA SER C 131 50.75 -5.20 -34.50
C SER C 131 51.99 -4.44 -34.03
N ALA C 132 52.09 -3.15 -34.34
CA ALA C 132 53.25 -2.36 -33.95
C ALA C 132 53.35 -2.30 -32.43
N SER C 133 54.55 -2.56 -31.91
CA SER C 133 54.78 -2.54 -30.48
C SER C 133 54.87 -1.11 -29.96
N THR C 134 54.58 -0.95 -28.67
CA THR C 134 54.66 0.36 -28.03
C THR C 134 56.11 0.82 -27.94
N LYS C 135 56.32 2.12 -28.14
CA LYS C 135 57.66 2.70 -28.05
C LYS C 135 57.56 4.13 -27.54
N GLY C 136 58.51 4.49 -26.69
CA GLY C 136 58.58 5.84 -26.15
C GLY C 136 59.26 6.78 -27.11
N PRO C 137 58.91 8.07 -27.03
CA PRO C 137 59.44 9.05 -27.97
C PRO C 137 60.76 9.66 -27.52
N SER C 138 61.61 9.94 -28.51
CA SER C 138 62.84 10.70 -28.28
C SER C 138 62.54 12.19 -28.45
N VAL C 139 63.06 12.99 -27.53
CA VAL C 139 62.78 14.42 -27.48
C VAL C 139 64.06 15.16 -27.86
N PHE C 140 64.05 15.82 -29.02
CA PHE C 140 65.18 16.60 -29.49
C PHE C 140 64.81 18.07 -29.59
N PRO C 141 65.69 18.97 -29.16
CA PRO C 141 65.37 20.40 -29.20
C PRO C 141 65.59 21.01 -30.57
N LEU C 142 64.84 22.07 -30.84
CA LEU C 142 64.97 22.86 -32.06
C LEU C 142 65.49 24.24 -31.65
N ALA C 143 66.78 24.44 -31.79
CA ALA C 143 67.44 25.61 -31.22
C ALA C 143 67.11 26.87 -32.03
N PRO C 144 66.96 28.01 -31.36
CA PRO C 144 66.70 29.25 -32.09
C PRO C 144 67.95 29.78 -32.76
N SER C 145 67.77 30.35 -33.95
CA SER C 145 68.91 30.85 -34.71
C SER C 145 69.49 32.11 -34.09
N SER C 146 70.81 32.25 -34.17
CA SER C 146 71.50 33.42 -33.61
C SER C 146 71.42 34.65 -34.50
N LYS C 147 71.20 34.48 -35.79
CA LYS C 147 71.21 35.61 -36.71
C LYS C 147 69.94 36.45 -36.57
N SER C 148 68.77 35.82 -36.75
CA SER C 148 67.52 36.56 -36.76
C SER C 148 67.38 37.39 -35.49
N THR C 149 66.63 38.49 -35.61
CA THR C 149 66.41 39.39 -34.49
C THR C 149 65.62 38.70 -33.38
N GLY C 152 62.69 41.57 -33.39
CA GLY C 152 61.87 40.51 -33.98
C GLY C 152 61.55 39.39 -33.00
N THR C 153 61.11 38.26 -33.54
CA THR C 153 60.72 37.11 -32.74
C THR C 153 61.54 35.90 -33.16
N ALA C 154 62.01 35.13 -32.16
CA ALA C 154 62.75 33.92 -32.38
C ALA C 154 61.80 32.72 -32.43
N ALA C 155 62.36 31.52 -32.61
CA ALA C 155 61.56 30.31 -32.77
C ALA C 155 62.22 29.16 -32.01
N LEU C 156 61.57 28.68 -30.96
CA LEU C 156 61.98 27.48 -30.24
C LEU C 156 61.19 26.29 -30.74
N GLY C 157 61.53 25.11 -30.25
CA GLY C 157 60.81 23.92 -30.65
C GLY C 157 61.32 22.68 -29.95
N CYS C 158 60.50 21.63 -30.00
CA CYS C 158 60.85 20.30 -29.51
C CYS C 158 60.41 19.28 -30.55
N LEU C 159 61.30 18.35 -30.89
CA LEU C 159 61.03 17.34 -31.91
C LEU C 159 60.76 16.02 -31.20
N VAL C 160 59.49 15.63 -31.13
CA VAL C 160 59.09 14.37 -30.53
C VAL C 160 59.06 13.32 -31.64
N LYS C 161 60.05 12.43 -31.64
CA LYS C 161 60.27 11.52 -32.76
C LYS C 161 60.26 10.06 -32.30
N ASP C 162 59.69 9.20 -33.14
CA ASP C 162 59.74 7.75 -32.97
C ASP C 162 59.02 7.31 -31.68
N TYR C 163 57.69 7.41 -31.74
CA TYR C 163 56.83 6.99 -30.63
C TYR C 163 55.59 6.31 -31.19
N PHE C 164 55.10 5.32 -30.45
CA PHE C 164 53.88 4.61 -30.81
C PHE C 164 53.22 3.99 -29.58
N PRO C 165 51.88 4.08 -29.51
CA PRO C 165 51.04 4.79 -30.47
C PRO C 165 50.62 6.16 -29.96
N GLU C 166 49.67 6.80 -30.63
CA GLU C 166 49.17 8.08 -30.16
C GLU C 166 48.39 7.90 -28.86
N PRO C 167 48.16 9.01 -28.14
CA PRO C 167 48.68 10.32 -28.52
C PRO C 167 49.79 10.79 -27.58
N VAL C 168 50.43 11.90 -27.94
CA VAL C 168 51.46 12.53 -27.12
C VAL C 168 51.01 13.94 -26.80
N THR C 169 51.16 14.35 -25.55
CA THR C 169 50.78 15.68 -25.10
C THR C 169 52.03 16.50 -24.87
N VAL C 170 52.05 17.73 -25.38
CA VAL C 170 53.20 18.62 -25.29
C VAL C 170 52.74 19.94 -24.70
N SER C 171 53.38 20.37 -23.61
CA SER C 171 53.11 21.66 -23.01
C SER C 171 54.42 22.38 -22.77
N TRP C 172 54.36 23.71 -22.72
CA TRP C 172 55.54 24.55 -22.57
C TRP C 172 55.51 25.26 -21.23
N ASN C 173 56.64 25.18 -20.51
CA ASN C 173 56.77 25.77 -19.18
C ASN C 173 55.67 25.26 -18.23
N SER C 174 55.20 24.03 -18.46
CA SER C 174 54.19 23.42 -17.61
C SER C 174 52.89 24.23 -17.64
N GLY C 175 52.49 24.66 -18.83
CA GLY C 175 51.29 25.46 -19.00
C GLY C 175 51.45 26.94 -18.74
N ALA C 176 52.60 27.38 -18.23
CA ALA C 176 52.83 28.80 -18.01
C ALA C 176 53.05 29.56 -19.31
N LEU C 177 53.37 28.85 -20.39
CA LEU C 177 53.57 29.46 -21.71
C LEU C 177 52.46 28.98 -22.63
N THR C 178 51.55 29.89 -22.98
CA THR C 178 50.39 29.56 -23.80
C THR C 178 50.41 30.23 -25.15
N SER C 179 50.58 31.55 -25.20
CA SER C 179 50.48 32.28 -26.45
C SER C 179 51.66 31.95 -27.37
N GLY C 180 51.34 31.63 -28.62
CA GLY C 180 52.34 31.35 -29.63
C GLY C 180 52.62 29.89 -29.87
N VAL C 181 52.13 29.00 -29.01
CA VAL C 181 52.42 27.58 -29.15
C VAL C 181 51.69 27.03 -30.37
N HIS C 182 52.38 26.17 -31.12
CA HIS C 182 51.79 25.47 -32.25
C HIS C 182 52.23 24.01 -32.17
N THR C 183 51.30 23.14 -31.77
CA THR C 183 51.57 21.71 -31.72
C THR C 183 51.02 21.08 -32.99
N PHE C 184 51.90 20.79 -33.94
CA PHE C 184 51.48 20.28 -35.23
C PHE C 184 50.89 18.88 -35.09
N PRO C 185 49.97 18.50 -35.96
CA PRO C 185 49.43 17.14 -35.92
C PRO C 185 50.52 16.10 -36.18
N ALA C 186 50.44 14.98 -35.47
CA ALA C 186 51.43 13.92 -35.62
C ALA C 186 51.35 13.31 -37.01
N VAL C 187 52.50 12.92 -37.54
CA VAL C 187 52.62 12.32 -38.86
C VAL C 187 53.20 10.93 -38.73
N LEU C 188 52.66 9.99 -39.50
CA LEU C 188 53.11 8.61 -39.49
C LEU C 188 54.29 8.46 -40.43
N GLN C 189 55.44 8.06 -39.88
CA GLN C 189 56.63 7.84 -40.70
C GLN C 189 56.55 6.48 -41.39
N SER C 190 57.42 6.28 -42.38
CA SER C 190 57.46 5.00 -43.07
C SER C 190 57.84 3.87 -42.12
N SER C 191 58.62 4.18 -41.08
CA SER C 191 59.02 3.17 -40.10
C SER C 191 57.86 2.72 -39.23
N GLY C 192 56.73 3.42 -39.26
CA GLY C 192 55.60 3.10 -38.42
C GLY C 192 55.54 3.83 -37.10
N LEU C 193 56.41 4.82 -36.90
CA LEU C 193 56.47 5.59 -35.66
C LEU C 193 55.95 7.00 -35.91
N TYR C 194 55.05 7.46 -35.05
CA TYR C 194 54.53 8.81 -35.17
C TYR C 194 55.55 9.82 -34.70
N SER C 195 55.53 11.01 -35.30
CA SER C 195 56.46 12.08 -34.97
C SER C 195 55.78 13.42 -35.15
N LEU C 196 55.96 14.31 -34.18
CA LEU C 196 55.35 15.62 -34.22
C LEU C 196 56.33 16.66 -33.70
N SER C 197 56.09 17.91 -34.07
CA SER C 197 56.91 19.03 -33.66
C SER C 197 56.05 20.02 -32.90
N SER C 198 56.70 20.78 -32.01
CA SER C 198 56.03 21.79 -31.20
C SER C 198 56.92 23.02 -31.14
N VAL C 199 56.45 24.13 -31.71
CA VAL C 199 57.23 25.34 -31.86
C VAL C 199 56.50 26.50 -31.18
N VAL C 200 57.27 27.41 -30.59
CA VAL C 200 56.75 28.66 -30.06
C VAL C 200 57.46 29.82 -30.74
N THR C 201 56.88 31.00 -30.58
CA THR C 201 57.50 32.24 -31.03
C THR C 201 57.86 33.06 -29.81
N VAL C 202 59.15 33.29 -29.62
CA VAL C 202 59.63 34.00 -28.44
C VAL C 202 60.40 35.24 -28.87
N PRO C 203 60.26 36.36 -28.16
CA PRO C 203 61.08 37.53 -28.46
C PRO C 203 62.56 37.21 -28.30
N SER C 204 63.37 37.67 -29.25
CA SER C 204 64.79 37.33 -29.24
C SER C 204 65.46 37.80 -27.96
N SER C 205 65.12 39.00 -27.48
CA SER C 205 65.74 39.50 -26.25
C SER C 205 65.57 38.51 -25.10
N SER C 206 64.50 37.73 -25.12
CA SER C 206 64.22 36.76 -24.05
C SER C 206 65.00 35.46 -24.21
N LEU C 207 65.68 35.25 -25.34
CA LEU C 207 66.32 33.98 -25.59
C LEU C 207 67.36 33.65 -24.52
N GLY C 208 68.35 34.53 -24.35
CA GLY C 208 69.47 34.20 -23.48
C GLY C 208 69.13 34.13 -22.01
N THR C 209 68.22 34.98 -21.55
CA THR C 209 67.99 35.11 -20.11
C THR C 209 66.89 34.19 -19.59
N GLN C 210 65.82 33.99 -20.35
CA GLN C 210 64.64 33.29 -19.85
C GLN C 210 64.66 31.83 -20.27
N THR C 211 64.27 30.96 -19.34
CA THR C 211 64.28 29.53 -19.58
C THR C 211 63.00 29.09 -20.28
N TYR C 212 63.14 28.08 -21.13
CA TYR C 212 62.01 27.53 -21.88
C TYR C 212 62.13 26.01 -21.89
N ILE C 213 61.13 25.33 -21.34
CA ILE C 213 61.14 23.88 -21.22
C ILE C 213 59.83 23.33 -21.76
N CYS C 214 59.92 22.38 -22.69
CA CYS C 214 58.76 21.66 -23.17
C CYS C 214 58.60 20.37 -22.37
N ASN C 215 57.35 20.02 -22.05
CA ASN C 215 57.04 18.85 -21.23
C ASN C 215 56.28 17.85 -22.10
N VAL C 216 56.99 16.82 -22.54
CA VAL C 216 56.41 15.78 -23.38
C VAL C 216 55.94 14.64 -22.49
N ASN C 217 54.83 14.01 -22.89
CA ASN C 217 54.28 12.88 -22.14
C ASN C 217 53.69 11.87 -23.11
N HIS C 218 54.12 10.62 -23.00
CA HIS C 218 53.55 9.52 -23.80
C HIS C 218 53.10 8.44 -22.84
N LYS C 219 51.77 8.35 -22.63
CA LYS C 219 51.27 7.44 -21.61
C LYS C 219 51.40 5.98 -22.04
N PRO C 220 51.12 5.59 -23.29
CA PRO C 220 51.20 4.16 -23.65
C PRO C 220 52.56 3.54 -23.36
N SER C 221 53.64 4.29 -23.48
CA SER C 221 54.96 3.80 -23.10
C SER C 221 55.38 4.25 -21.71
N ASN C 222 54.59 5.10 -21.05
CA ASN C 222 54.90 5.65 -19.73
C ASN C 222 56.03 6.67 -19.77
N THR C 223 56.67 6.87 -20.93
CA THR C 223 57.81 7.76 -21.04
C THR C 223 57.40 9.21 -20.80
N LYS C 224 58.16 9.91 -19.96
CA LYS C 224 57.94 11.32 -19.66
C LYS C 224 59.28 12.03 -19.76
N VAL C 225 59.30 13.18 -20.43
CA VAL C 225 60.54 13.90 -20.69
C VAL C 225 60.30 15.39 -20.56
N ASP C 226 61.25 16.08 -19.94
CA ASP C 226 61.28 17.54 -19.85
C ASP C 226 62.57 18.02 -20.47
N LYS C 227 62.50 18.59 -21.67
CA LYS C 227 63.67 18.99 -22.43
C LYS C 227 63.76 20.51 -22.48
N LYS C 228 64.88 21.05 -22.00
CA LYS C 228 65.13 22.48 -22.03
C LYS C 228 65.71 22.88 -23.38
N VAL C 229 65.19 23.96 -23.94
CA VAL C 229 65.59 24.46 -25.25
C VAL C 229 66.33 25.78 -25.03
N GLU C 230 67.57 25.85 -25.51
CA GLU C 230 68.41 27.02 -25.33
C GLU C 230 69.23 27.24 -26.59
N PRO C 231 69.78 28.44 -26.77
CA PRO C 231 70.56 28.73 -27.98
C PRO C 231 71.76 27.80 -28.10
N LYS C 232 72.19 27.58 -29.34
CA LYS C 232 73.31 26.68 -29.61
C LYS C 232 74.63 27.38 -29.35
N SER C 233 75.48 26.75 -28.56
CA SER C 233 76.82 27.27 -28.27
C SER C 233 77.80 26.76 -29.32
N CYS C 234 78.78 27.60 -29.63
CA CYS C 234 79.74 27.29 -30.70
C CYS C 234 81.18 27.58 -30.27
N ASP D 2 19.77 0.57 -48.48
CA ASP D 2 20.44 1.35 -47.43
C ASP D 2 20.38 2.84 -47.75
N ILE D 3 20.21 3.67 -46.72
CA ILE D 3 20.05 5.10 -46.89
C ILE D 3 21.41 5.78 -46.75
N GLN D 4 21.70 6.70 -47.68
CA GLN D 4 22.93 7.47 -47.66
C GLN D 4 22.59 8.96 -47.67
N MET D 5 23.36 9.75 -46.92
CA MET D 5 23.14 11.18 -46.77
C MET D 5 24.32 11.92 -47.38
N THR D 6 24.06 12.63 -48.48
CA THR D 6 25.08 13.40 -49.18
C THR D 6 24.98 14.87 -48.75
N GLN D 7 26.02 15.35 -48.08
CA GLN D 7 26.06 16.70 -47.53
C GLN D 7 27.02 17.56 -48.34
N SER D 8 26.56 18.76 -48.71
CA SER D 8 27.40 19.68 -49.46
C SER D 8 27.20 21.11 -48.98
N PRO D 9 28.22 21.97 -49.15
CA PRO D 9 29.49 21.56 -49.77
C PRO D 9 30.40 20.82 -48.80
N SER D 10 31.56 20.38 -49.29
CA SER D 10 32.52 19.71 -48.41
C SER D 10 33.20 20.68 -47.48
N SER D 11 33.54 21.88 -47.96
CA SER D 11 34.19 22.89 -47.15
C SER D 11 33.85 24.26 -47.70
N LEU D 12 33.82 25.25 -46.79
CA LEU D 12 33.56 26.62 -47.20
C LEU D 12 34.18 27.55 -46.17
N SER D 13 34.52 28.76 -46.62
CA SER D 13 35.17 29.76 -45.80
C SER D 13 34.32 31.03 -45.82
N ALA D 14 33.54 31.23 -44.76
CA ALA D 14 32.73 32.43 -44.58
C ALA D 14 33.42 33.36 -43.58
N SER D 15 32.73 34.43 -43.21
CA SER D 15 33.28 35.42 -42.30
C SER D 15 32.27 35.74 -41.20
N VAL D 16 32.73 36.46 -40.18
CA VAL D 16 31.88 36.79 -39.04
C VAL D 16 30.71 37.64 -39.52
N GLY D 17 29.50 37.19 -39.22
CA GLY D 17 28.29 37.89 -39.62
C GLY D 17 27.67 37.40 -40.90
N ASP D 18 28.37 36.58 -41.69
CA ASP D 18 27.83 36.08 -42.93
C ASP D 18 26.69 35.11 -42.65
N ARG D 19 26.11 34.58 -43.73
CA ARG D 19 24.98 33.66 -43.66
C ARG D 19 25.36 32.40 -44.43
N VAL D 20 25.54 31.30 -43.71
CA VAL D 20 26.03 30.05 -44.29
C VAL D 20 24.86 29.09 -44.46
N THR D 21 24.95 28.24 -45.48
CA THR D 21 23.91 27.27 -45.79
C THR D 21 24.55 25.95 -46.18
N ILE D 22 24.21 24.88 -45.44
CA ILE D 22 24.69 23.54 -45.73
C ILE D 22 23.49 22.67 -46.10
N THR D 23 23.66 21.84 -47.14
CA THR D 23 22.60 21.01 -47.66
C THR D 23 22.95 19.54 -47.53
N CYS D 24 21.97 18.75 -47.10
CA CYS D 24 22.11 17.30 -46.90
C CYS D 24 20.96 16.63 -47.63
N ARG D 25 21.26 15.89 -48.69
CA ARG D 25 20.24 15.31 -49.55
C ARG D 25 20.13 13.81 -49.30
N ALA D 26 18.94 13.36 -48.93
CA ALA D 26 18.71 11.94 -48.68
C ALA D 26 18.61 11.17 -49.98
N SER D 27 19.06 9.91 -49.94
CA SER D 27 19.06 9.08 -51.14
C SER D 27 17.66 8.61 -51.51
N GLN D 28 16.77 8.48 -50.52
CA GLN D 28 15.41 8.02 -50.77
C GLN D 28 14.49 8.58 -49.70
N SER D 29 13.19 8.32 -49.85
CA SER D 29 12.20 8.90 -48.97
C SER D 29 12.50 8.57 -47.51
N VAL D 30 12.48 9.60 -46.66
CA VAL D 30 12.73 9.45 -45.24
C VAL D 30 11.73 10.32 -44.47
N SER D 31 11.64 10.07 -43.17
CA SER D 31 10.75 10.83 -42.32
C SER D 31 11.30 12.25 -42.13
N SER D 32 10.61 13.02 -41.29
CA SER D 32 11.07 14.35 -40.93
C SER D 32 12.14 14.33 -39.86
N ALA D 33 12.63 13.14 -39.48
CA ALA D 33 13.58 13.00 -38.38
C ALA D 33 15.00 13.01 -38.95
N VAL D 34 15.68 14.13 -38.78
CA VAL D 34 17.08 14.27 -39.21
C VAL D 34 17.76 15.23 -38.24
N ALA D 35 19.02 14.95 -37.94
CA ALA D 35 19.78 15.71 -36.96
C ALA D 35 21.01 16.34 -37.60
N TRP D 36 21.43 17.47 -37.03
CA TRP D 36 22.64 18.17 -37.44
C TRP D 36 23.57 18.29 -36.24
N TYR D 37 24.85 17.94 -36.43
CA TYR D 37 25.81 17.88 -35.35
C TYR D 37 27.00 18.80 -35.64
N GLN D 38 27.47 19.47 -34.60
CA GLN D 38 28.63 20.35 -34.68
C GLN D 38 29.76 19.74 -33.86
N GLN D 39 30.95 19.68 -34.45
CA GLN D 39 32.10 19.02 -33.81
C GLN D 39 33.32 19.93 -33.89
N LYS D 40 33.80 20.38 -32.74
CA LYS D 40 35.05 21.11 -32.70
C LYS D 40 36.22 20.14 -32.87
N PRO D 41 37.39 20.65 -33.23
CA PRO D 41 38.56 19.77 -33.38
C PRO D 41 38.89 19.09 -32.05
N GLY D 42 39.00 17.77 -32.08
CA GLY D 42 39.30 17.02 -30.87
C GLY D 42 38.23 17.13 -29.81
N LYS D 43 36.96 17.18 -30.21
CA LYS D 43 35.85 17.27 -29.27
C LYS D 43 34.74 16.33 -29.72
N ALA D 44 33.82 16.05 -28.79
CA ALA D 44 32.69 15.20 -29.10
C ALA D 44 31.62 15.99 -29.86
N PRO D 45 30.91 15.34 -30.78
CA PRO D 45 29.85 16.04 -31.52
C PRO D 45 28.75 16.50 -30.58
N LYS D 46 28.11 17.61 -30.94
CA LYS D 46 27.00 18.16 -30.19
C LYS D 46 25.78 18.27 -31.09
N LEU D 47 24.62 18.42 -30.47
CA LEU D 47 23.35 18.47 -31.18
C LEU D 47 22.89 19.90 -31.35
N LEU D 48 22.54 20.26 -32.59
CA LEU D 48 21.97 21.57 -32.91
C LEU D 48 20.51 21.48 -33.29
N ILE D 49 20.18 20.63 -34.26
CA ILE D 49 18.82 20.50 -34.78
C ILE D 49 18.45 19.02 -34.80
N TYR D 50 17.26 18.71 -34.29
CA TYR D 50 16.71 17.36 -34.41
C TYR D 50 15.32 17.45 -35.00
N SER D 51 14.88 16.35 -35.63
CA SER D 51 13.64 16.33 -36.39
C SER D 51 13.67 17.31 -37.55
N ALA D 52 14.87 17.61 -38.05
CA ALA D 52 15.05 18.44 -39.23
C ALA D 52 14.76 19.91 -38.96
N SER D 53 13.76 20.21 -38.12
CA SER D 53 13.35 21.58 -37.88
C SER D 53 13.36 21.99 -36.42
N SER D 54 13.40 21.03 -35.48
CA SER D 54 13.28 21.36 -34.07
C SER D 54 14.63 21.79 -33.50
N LEU D 55 14.69 23.03 -32.99
CA LEU D 55 15.90 23.57 -32.43
C LEU D 55 16.13 23.02 -31.03
N TYR D 56 17.32 22.47 -30.79
CA TYR D 56 17.63 21.83 -29.53
C TYR D 56 17.96 22.86 -28.46
N SER D 57 17.70 22.49 -27.21
CA SER D 57 17.87 23.41 -26.08
C SER D 57 19.32 23.88 -25.97
N GLY D 58 19.49 25.16 -25.63
CA GLY D 58 20.79 25.77 -25.50
C GLY D 58 21.34 26.32 -26.80
N VAL D 59 20.93 25.75 -27.94
CA VAL D 59 21.37 26.19 -29.25
C VAL D 59 20.81 27.57 -29.54
N PRO D 60 21.64 28.57 -29.82
CA PRO D 60 21.12 29.92 -30.09
C PRO D 60 20.12 29.94 -31.23
N SER D 61 19.28 30.97 -31.26
CA SER D 61 18.27 31.11 -32.30
C SER D 61 18.86 31.42 -33.66
N ARG D 62 20.15 31.74 -33.75
CA ARG D 62 20.76 31.96 -35.05
C ARG D 62 20.83 30.67 -35.87
N PHE D 63 20.66 29.52 -35.23
CA PHE D 63 20.59 28.24 -35.93
C PHE D 63 19.14 27.90 -36.28
N SER D 64 18.98 27.04 -37.26
CA SER D 64 17.65 26.59 -37.68
C SER D 64 17.74 25.58 -38.82
N GLY D 65 16.80 24.64 -38.86
CA GLY D 65 16.74 23.66 -39.92
C GLY D 65 15.48 23.82 -40.76
N SER D 66 15.48 23.13 -41.90
CA SER D 66 14.34 23.16 -42.79
C SER D 66 14.37 21.94 -43.68
N ARG D 67 13.20 21.58 -44.21
CA ARG D 67 13.04 20.39 -45.03
C ARG D 67 12.39 20.77 -46.35
N SER D 68 13.13 20.60 -47.44
CA SER D 68 12.61 20.78 -48.80
C SER D 68 12.70 19.43 -49.50
N GLY D 69 11.60 18.69 -49.49
CA GLY D 69 11.61 17.40 -50.16
C GLY D 69 12.54 16.47 -49.40
N THR D 70 13.52 15.90 -50.11
CA THR D 70 14.56 15.08 -49.52
C THR D 70 15.82 15.87 -49.21
N ASP D 71 15.77 17.20 -49.37
CA ASP D 71 16.93 18.07 -49.16
C ASP D 71 16.75 18.84 -47.85
N PHE D 72 17.52 18.46 -46.83
CA PHE D 72 17.56 19.19 -45.58
C PHE D 72 18.72 20.18 -45.60
N THR D 73 18.53 21.32 -44.92
CA THR D 73 19.50 22.40 -45.00
C THR D 73 19.66 23.10 -43.65
N LEU D 74 20.89 23.49 -43.35
CA LEU D 74 21.23 24.32 -42.20
C LEU D 74 21.32 25.77 -42.61
N THR D 75 20.98 26.67 -41.69
CA THR D 75 20.99 28.10 -41.96
C THR D 75 21.44 28.83 -40.70
N ILE D 76 22.62 29.45 -40.78
CA ILE D 76 23.12 30.31 -39.71
C ILE D 76 22.80 31.75 -40.11
N SER D 77 21.92 32.40 -39.34
CA SER D 77 21.51 33.77 -39.67
C SER D 77 22.71 34.71 -39.64
N SER D 78 23.36 34.83 -38.50
CA SER D 78 24.54 35.68 -38.33
C SER D 78 25.66 34.82 -37.75
N LEU D 79 26.64 34.50 -38.59
CA LEU D 79 27.74 33.63 -38.16
C LEU D 79 28.53 34.31 -37.05
N GLN D 80 28.97 33.50 -36.09
CA GLN D 80 29.73 33.97 -34.94
C GLN D 80 31.08 33.26 -34.87
N PRO D 81 32.06 33.86 -34.18
CA PRO D 81 33.41 33.28 -34.18
C PRO D 81 33.48 31.88 -33.59
N GLU D 82 32.64 31.57 -32.61
CA GLU D 82 32.63 30.25 -32.00
C GLU D 82 31.81 29.24 -32.79
N ASP D 83 31.12 29.68 -33.84
CA ASP D 83 30.33 28.78 -34.67
C ASP D 83 31.15 28.10 -35.77
N PHE D 84 32.46 28.31 -35.79
CA PHE D 84 33.31 27.75 -36.83
C PHE D 84 33.81 26.37 -36.40
N ALA D 85 33.41 25.34 -37.14
CA ALA D 85 33.79 23.97 -36.86
C ALA D 85 33.21 23.05 -37.92
N THR D 86 33.39 21.75 -37.77
CA THR D 86 32.88 20.79 -38.75
C THR D 86 31.46 20.39 -38.38
N TYR D 87 30.57 20.37 -39.38
CA TYR D 87 29.15 20.05 -39.19
C TYR D 87 28.79 18.76 -39.92
N TYR D 88 28.04 17.90 -39.25
CA TYR D 88 27.58 16.63 -39.81
C TYR D 88 26.05 16.59 -39.81
N CYS D 89 25.50 15.81 -40.74
CA CYS D 89 24.06 15.59 -40.82
C CYS D 89 23.78 14.09 -40.75
N GLN D 90 22.85 13.72 -39.87
CA GLN D 90 22.50 12.34 -39.61
C GLN D 90 21.03 12.11 -39.90
N GLN D 91 20.71 10.93 -40.44
CA GLN D 91 19.34 10.51 -40.67
C GLN D 91 19.02 9.39 -39.70
N SER D 92 17.99 9.59 -38.87
CA SER D 92 17.59 8.62 -37.86
C SER D 92 16.23 7.99 -38.18
N SER D 93 15.73 8.18 -39.39
CA SER D 93 14.42 7.68 -39.78
C SER D 93 14.47 6.26 -40.32
N SER D 94 15.66 5.65 -40.39
CA SER D 94 15.76 4.29 -40.89
C SER D 94 17.13 3.74 -40.56
N ARG D 95 17.21 2.42 -40.37
CA ARG D 95 18.47 1.77 -40.05
C ARG D 95 19.04 1.07 -41.27
N PRO D 96 20.38 0.97 -41.34
CA PRO D 96 21.31 1.50 -40.35
C PRO D 96 21.41 3.02 -40.38
N VAL D 97 21.72 3.63 -39.23
CA VAL D 97 21.91 5.07 -39.18
C VAL D 97 23.10 5.46 -40.05
N THR D 98 22.97 6.59 -40.74
CA THR D 98 24.00 7.04 -41.66
C THR D 98 24.25 8.53 -41.46
N PHE D 99 25.52 8.93 -41.55
CA PHE D 99 25.94 10.31 -41.40
C PHE D 99 26.34 10.89 -42.76
N GLY D 100 26.67 12.19 -42.75
CA GLY D 100 27.14 12.86 -43.94
C GLY D 100 28.65 12.94 -43.98
N GLN D 101 29.19 13.24 -45.16
CA GLN D 101 30.64 13.31 -45.30
C GLN D 101 31.24 14.43 -44.46
N GLY D 102 30.46 15.43 -44.11
CA GLY D 102 30.94 16.49 -43.25
C GLY D 102 31.17 17.80 -44.01
N THR D 103 30.96 18.91 -43.30
CA THR D 103 31.17 20.24 -43.84
C THR D 103 32.08 21.00 -42.90
N LYS D 104 33.26 21.40 -43.39
CA LYS D 104 34.26 22.09 -42.59
C LYS D 104 34.13 23.59 -42.81
N VAL D 105 33.64 24.30 -41.80
CA VAL D 105 33.44 25.74 -41.88
C VAL D 105 34.65 26.44 -41.28
N GLU D 106 35.34 27.22 -42.09
CA GLU D 106 36.54 27.93 -41.67
C GLU D 106 36.35 29.43 -41.85
N ILE D 107 37.11 30.20 -41.07
CA ILE D 107 37.03 31.65 -41.11
C ILE D 107 37.83 32.18 -42.29
N LYS D 108 37.42 33.33 -42.80
CA LYS D 108 38.09 34.00 -43.90
C LYS D 108 38.74 35.28 -43.39
N ARG D 109 40.02 35.46 -43.68
CA ARG D 109 40.76 36.64 -43.28
C ARG D 109 41.61 37.14 -44.45
N THR D 110 42.36 38.21 -44.21
CA THR D 110 43.23 38.78 -45.23
C THR D 110 44.47 37.94 -45.41
N VAL D 111 45.06 38.02 -46.61
CA VAL D 111 46.24 37.21 -46.92
C VAL D 111 47.39 37.63 -46.01
N ALA D 112 48.15 36.64 -45.55
CA ALA D 112 49.24 36.85 -44.61
C ALA D 112 50.46 36.04 -45.05
N ALA D 113 51.61 36.71 -45.14
CA ALA D 113 52.84 36.04 -45.55
C ALA D 113 53.38 35.18 -44.42
N PRO D 114 53.88 33.98 -44.71
CA PRO D 114 54.42 33.11 -43.67
C PRO D 114 55.81 33.54 -43.24
N SER D 115 56.11 33.35 -41.96
CA SER D 115 57.42 33.65 -41.40
C SER D 115 58.22 32.35 -41.36
N VAL D 116 59.24 32.26 -42.21
CA VAL D 116 59.99 31.03 -42.40
C VAL D 116 61.10 30.93 -41.36
N PHE D 117 61.36 29.71 -40.88
CA PHE D 117 62.44 29.42 -39.96
C PHE D 117 63.02 28.06 -40.30
N ILE D 118 64.35 27.94 -40.19
CA ILE D 118 65.06 26.70 -40.48
C ILE D 118 65.72 26.22 -39.20
N PHE D 119 65.59 24.93 -38.90
CA PHE D 119 66.10 24.37 -37.65
C PHE D 119 67.09 23.25 -37.91
N PRO D 120 68.39 23.46 -37.62
CA PRO D 120 69.37 22.40 -37.85
C PRO D 120 69.17 21.25 -36.89
N PRO D 121 69.57 20.04 -37.26
CA PRO D 121 69.39 18.89 -36.35
C PRO D 121 70.27 19.01 -35.13
N SER D 122 69.76 18.51 -34.01
CA SER D 122 70.46 18.56 -32.74
C SER D 122 71.58 17.52 -32.70
N ASP D 123 72.68 17.88 -32.03
CA ASP D 123 73.80 16.96 -31.92
C ASP D 123 73.40 15.69 -31.18
N SER D 124 72.50 15.80 -30.20
CA SER D 124 72.04 14.61 -29.49
C SER D 124 71.34 13.64 -30.43
N GLN D 125 70.69 14.15 -31.47
CA GLN D 125 70.03 13.28 -32.44
C GLN D 125 71.01 12.72 -33.46
N LEU D 126 72.09 13.45 -33.76
CA LEU D 126 73.06 12.97 -34.75
C LEU D 126 73.72 11.68 -34.29
N LYS D 127 74.15 11.64 -33.02
CA LYS D 127 74.82 10.45 -32.51
C LYS D 127 73.92 9.22 -32.50
N SER D 128 72.61 9.38 -32.69
CA SER D 128 71.70 8.25 -32.78
C SER D 128 71.66 7.65 -34.18
N GLY D 129 72.43 8.18 -35.13
CA GLY D 129 72.47 7.65 -36.47
C GLY D 129 71.45 8.23 -37.42
N THR D 130 70.83 9.35 -37.09
CA THR D 130 69.83 9.98 -37.95
C THR D 130 69.84 11.47 -37.72
N ALA D 131 69.60 12.23 -38.79
CA ALA D 131 69.57 13.69 -38.74
C ALA D 131 68.25 14.17 -39.35
N SER D 132 67.59 15.09 -38.65
CA SER D 132 66.33 15.66 -39.10
C SER D 132 66.42 17.17 -39.05
N VAL D 133 66.29 17.81 -40.20
CA VAL D 133 66.26 19.27 -40.29
C VAL D 133 64.81 19.71 -40.46
N VAL D 134 64.49 20.86 -39.89
CA VAL D 134 63.11 21.33 -39.77
C VAL D 134 62.97 22.69 -40.44
N CYS D 135 61.99 22.81 -41.34
CA CYS D 135 61.57 24.06 -41.94
C CYS D 135 60.21 24.42 -41.37
N LEU D 136 60.01 25.70 -41.04
CA LEU D 136 58.83 26.14 -40.31
C LEU D 136 58.20 27.33 -41.01
N LEU D 137 56.95 27.18 -41.44
CA LEU D 137 56.12 28.28 -41.91
C LEU D 137 55.14 28.63 -40.79
N ASN D 138 55.06 29.91 -40.43
CA ASN D 138 54.34 30.32 -39.23
C ASN D 138 53.38 31.46 -39.55
N ASN D 139 52.11 31.28 -39.18
CA ASN D 139 51.09 32.33 -39.27
C ASN D 139 50.92 32.85 -40.68
N PHE D 140 50.20 32.11 -41.52
CA PHE D 140 49.99 32.50 -42.91
C PHE D 140 48.58 32.15 -43.34
N TYR D 141 48.20 32.66 -44.50
CA TYR D 141 46.88 32.40 -45.09
C TYR D 141 46.93 32.67 -46.59
N PRO D 142 46.28 31.82 -47.39
CA PRO D 142 45.53 30.63 -47.00
C PRO D 142 46.40 29.38 -46.79
N ARG D 143 45.77 28.22 -46.70
CA ARG D 143 46.51 27.00 -46.39
C ARG D 143 47.52 26.66 -47.48
N GLU D 144 47.12 26.76 -48.75
CA GLU D 144 47.97 26.32 -49.85
C GLU D 144 49.35 26.94 -49.80
N ALA D 145 50.36 26.09 -49.66
CA ALA D 145 51.75 26.54 -49.61
C ALA D 145 52.65 25.37 -49.97
N LYS D 146 53.81 25.68 -50.56
CA LYS D 146 54.74 24.67 -51.03
C LYS D 146 56.12 24.93 -50.45
N VAL D 147 56.72 23.90 -49.86
CA VAL D 147 58.08 23.96 -49.33
C VAL D 147 58.98 23.10 -50.21
N GLN D 148 60.07 23.68 -50.68
CA GLN D 148 61.01 23.01 -51.57
C GLN D 148 62.32 22.79 -50.83
N TRP D 149 62.72 21.53 -50.70
CA TRP D 149 63.93 21.17 -49.97
C TRP D 149 65.12 21.11 -50.94
N LYS D 150 66.13 21.95 -50.67
CA LYS D 150 67.32 22.01 -51.50
C LYS D 150 68.54 21.68 -50.65
N VAL D 151 69.25 20.62 -51.02
CA VAL D 151 70.51 20.23 -50.42
C VAL D 151 71.60 20.39 -51.48
N ASP D 152 72.60 21.21 -51.16
CA ASP D 152 73.66 21.55 -52.12
C ASP D 152 73.04 21.91 -53.46
N ASN D 153 71.95 22.67 -53.43
CA ASN D 153 71.24 23.08 -54.65
C ASN D 153 70.69 21.88 -55.41
N ALA D 154 70.40 20.79 -54.70
CA ALA D 154 69.80 19.60 -55.28
C ALA D 154 68.42 19.38 -54.70
N LEU D 155 67.47 19.04 -55.56
CA LEU D 155 66.11 18.81 -55.10
C LEU D 155 66.04 17.58 -54.18
N GLN D 156 64.95 17.49 -53.44
CA GLN D 156 64.73 16.38 -52.53
C GLN D 156 63.27 15.95 -52.51
N ASN D 159 60.79 11.86 -49.64
CA ASN D 159 61.67 11.78 -48.47
C ASN D 159 61.53 13.02 -47.58
N SER D 160 60.42 13.73 -47.75
CA SER D 160 60.10 14.88 -46.91
C SER D 160 58.66 14.75 -46.42
N GLN D 161 58.38 15.33 -45.27
CA GLN D 161 57.05 15.25 -44.67
C GLN D 161 56.68 16.57 -44.03
N GLU D 162 55.43 16.99 -44.25
CA GLU D 162 54.92 18.22 -43.69
C GLU D 162 53.54 17.97 -43.11
N SER D 163 53.24 18.65 -42.00
CA SER D 163 51.92 18.62 -41.37
C SER D 163 51.52 20.04 -41.03
N VAL D 164 50.25 20.36 -41.28
CA VAL D 164 49.72 21.71 -41.05
C VAL D 164 48.71 21.65 -39.91
N THR D 165 48.78 22.63 -39.03
CA THR D 165 47.86 22.71 -37.90
C THR D 165 46.50 23.22 -38.36
N GLU D 166 45.49 23.03 -37.50
CA GLU D 166 44.19 23.59 -37.76
C GLU D 166 44.23 25.11 -37.57
N GLN D 167 43.25 25.79 -38.16
CA GLN D 167 43.25 27.25 -38.15
C GLN D 167 43.26 27.77 -36.72
N ASP D 168 44.04 28.82 -36.49
CA ASP D 168 44.16 29.39 -35.15
C ASP D 168 42.89 30.11 -34.75
N SER D 169 42.59 30.07 -33.46
CA SER D 169 41.37 30.68 -32.94
C SER D 169 41.43 32.20 -32.86
N LYS D 170 42.63 32.79 -32.92
CA LYS D 170 42.78 34.22 -32.73
C LYS D 170 43.11 34.93 -34.04
N ASP D 171 44.38 34.88 -34.46
CA ASP D 171 44.78 35.56 -35.68
C ASP D 171 44.23 34.91 -36.94
N SER D 172 43.63 33.73 -36.83
CA SER D 172 43.02 33.05 -37.98
C SER D 172 44.05 32.67 -39.03
N THR D 173 45.26 32.32 -38.59
CA THR D 173 46.33 31.93 -39.48
C THR D 173 46.60 30.44 -39.35
N TYR D 174 47.46 29.94 -40.22
CA TYR D 174 47.87 28.54 -40.24
C TYR D 174 49.36 28.44 -39.86
N SER D 175 49.83 27.20 -39.73
CA SER D 175 51.25 26.95 -39.47
C SER D 175 51.61 25.58 -40.05
N LEU D 176 52.65 25.56 -40.86
CA LEU D 176 53.09 24.36 -41.57
C LEU D 176 54.54 24.05 -41.23
N SER D 177 54.86 22.77 -41.17
CA SER D 177 56.22 22.34 -40.82
C SER D 177 56.62 21.17 -41.70
N SER D 178 57.77 21.29 -42.36
CA SER D 178 58.29 20.26 -43.25
C SER D 178 59.61 19.75 -42.69
N THR D 179 59.65 18.46 -42.36
CA THR D 179 60.81 17.84 -41.75
C THR D 179 61.57 17.02 -42.80
N LEU D 180 62.89 17.21 -42.84
CA LEU D 180 63.76 16.47 -43.74
C LEU D 180 64.48 15.41 -42.91
N THR D 181 64.29 14.14 -43.26
CA THR D 181 64.84 13.01 -42.52
C THR D 181 65.85 12.29 -43.40
N LEU D 182 67.11 12.29 -42.99
CA LEU D 182 68.16 11.56 -43.69
C LEU D 182 69.16 11.03 -42.68
N SER D 183 69.87 9.98 -43.08
CA SER D 183 70.83 9.33 -42.20
C SER D 183 71.99 10.28 -41.88
N LYS D 184 72.62 10.02 -40.72
CA LYS D 184 73.77 10.82 -40.32
C LYS D 184 74.90 10.75 -41.33
N ALA D 185 74.97 9.67 -42.11
CA ALA D 185 76.02 9.53 -43.12
C ALA D 185 75.75 10.44 -44.31
N ASP D 186 74.50 10.52 -44.75
CA ASP D 186 74.14 11.41 -45.84
C ASP D 186 74.12 12.87 -45.41
N TYR D 187 73.80 13.13 -44.14
CA TYR D 187 73.78 14.51 -43.65
C TYR D 187 75.18 15.11 -43.66
N GLU D 188 76.20 14.31 -43.37
CA GLU D 188 77.56 14.81 -43.27
C GLU D 188 78.27 14.91 -44.61
N LYS D 189 77.58 14.64 -45.72
CA LYS D 189 78.19 14.75 -47.04
C LYS D 189 78.00 16.12 -47.67
N HIS D 190 77.16 16.97 -47.10
CA HIS D 190 76.76 18.20 -47.76
C HIS D 190 76.84 19.38 -46.80
N LYS D 191 76.97 20.58 -47.37
CA LYS D 191 77.01 21.83 -46.64
C LYS D 191 75.69 22.60 -46.69
N VAL D 192 75.16 22.82 -47.89
CA VAL D 192 73.98 23.68 -48.06
C VAL D 192 72.73 22.86 -47.77
N TYR D 193 71.94 23.34 -46.80
CA TYR D 193 70.64 22.77 -46.49
C TYR D 193 69.63 23.92 -46.50
N ALA D 194 68.69 23.89 -47.45
CA ALA D 194 67.78 25.01 -47.65
C ALA D 194 66.39 24.52 -48.02
N CYS D 195 65.38 25.18 -47.49
CA CYS D 195 63.99 24.98 -47.90
C CYS D 195 63.49 26.25 -48.58
N GLU D 196 62.66 26.08 -49.60
CA GLU D 196 62.18 27.17 -50.43
C GLU D 196 60.66 27.24 -50.32
N VAL D 197 60.16 28.37 -49.81
CA VAL D 197 58.74 28.53 -49.51
C VAL D 197 58.09 29.35 -50.62
N THR D 198 57.12 28.76 -51.30
CA THR D 198 56.31 29.45 -52.30
C THR D 198 54.92 29.65 -51.72
N HIS D 199 54.49 30.91 -51.62
CA HIS D 199 53.21 31.24 -51.02
C HIS D 199 52.58 32.40 -51.77
N GLN D 200 51.26 32.55 -51.58
CA GLN D 200 50.54 33.64 -52.23
C GLN D 200 50.95 34.99 -51.67
N GLY D 201 51.20 35.06 -50.36
CA GLY D 201 51.61 36.30 -49.73
C GLY D 201 53.05 36.68 -49.91
N LEU D 202 53.79 35.95 -50.75
CA LEU D 202 55.20 36.21 -51.00
C LEU D 202 55.39 36.46 -52.49
N SER D 203 55.88 37.66 -52.84
CA SER D 203 56.11 37.97 -54.25
C SER D 203 57.16 37.05 -54.85
N SER D 204 58.20 36.70 -54.09
CA SER D 204 59.26 35.83 -54.56
C SER D 204 59.45 34.69 -53.57
N PRO D 205 59.76 33.49 -54.07
CA PRO D 205 59.99 32.36 -53.16
C PRO D 205 61.11 32.66 -52.18
N VAL D 206 60.86 32.39 -50.90
CA VAL D 206 61.82 32.66 -49.83
C VAL D 206 62.54 31.37 -49.50
N THR D 207 63.88 31.43 -49.50
CA THR D 207 64.72 30.28 -49.20
C THR D 207 65.62 30.64 -48.02
N LYS D 208 65.25 30.19 -46.82
CA LYS D 208 66.09 30.32 -45.65
C LYS D 208 66.91 29.04 -45.49
N SER D 209 68.21 29.20 -45.25
CA SER D 209 69.10 28.05 -45.25
C SER D 209 70.24 28.26 -44.26
N PHE D 210 70.87 27.15 -43.90
CA PHE D 210 72.05 27.13 -43.04
C PHE D 210 73.08 26.18 -43.64
N ASN D 211 74.27 26.14 -43.04
CA ASN D 211 75.35 25.29 -43.51
C ASN D 211 75.79 24.36 -42.39
N ARG D 212 75.86 23.06 -42.71
CA ARG D 212 76.22 22.06 -41.72
C ARG D 212 77.55 22.38 -41.08
N GLY D 213 77.65 22.14 -39.78
CA GLY D 213 78.87 22.45 -39.06
C GLY D 213 79.12 23.93 -38.84
N GLU D 214 78.08 24.75 -38.92
CA GLU D 214 78.19 26.19 -38.73
C GLU D 214 77.40 26.60 -37.49
N CYS D 215 77.44 27.90 -37.19
CA CYS D 215 76.79 28.42 -35.99
C CYS D 215 75.57 29.27 -36.33
N GLU E 4 26.90 -17.34 -8.29
CA GLU E 4 26.57 -16.26 -9.22
C GLU E 4 27.01 -14.92 -8.67
N VAL E 5 28.13 -14.90 -7.95
CA VAL E 5 28.69 -13.70 -7.36
C VAL E 5 30.08 -13.49 -7.93
N GLN E 6 30.53 -12.24 -7.94
CA GLN E 6 31.85 -11.95 -8.49
C GLN E 6 32.16 -10.46 -8.29
N LEU E 7 33.45 -10.16 -8.27
CA LEU E 7 33.95 -8.79 -8.23
C LEU E 7 35.06 -8.66 -9.27
N VAL E 8 34.95 -7.66 -10.13
CA VAL E 8 35.87 -7.47 -11.26
C VAL E 8 36.60 -6.15 -11.04
N GLU E 9 37.90 -6.23 -10.75
CA GLU E 9 38.71 -5.04 -10.59
C GLU E 9 39.17 -4.53 -11.96
N SER E 10 39.44 -3.24 -12.02
CA SER E 10 39.89 -2.63 -13.27
C SER E 10 40.55 -1.28 -12.97
N GLY E 11 41.36 -0.84 -13.91
CA GLY E 11 42.11 0.38 -13.77
C GLY E 11 43.60 0.21 -13.49
N GLY E 12 44.12 -1.01 -13.60
CA GLY E 12 45.53 -1.22 -13.35
C GLY E 12 46.40 -0.84 -14.53
N GLY E 13 47.67 -0.64 -14.25
CA GLY E 13 48.63 -0.28 -15.29
C GLY E 13 49.84 0.39 -14.69
N LEU E 14 50.78 0.72 -15.59
CA LEU E 14 52.00 1.39 -15.19
C LEU E 14 51.72 2.87 -14.93
N VAL E 15 52.35 3.42 -13.90
CA VAL E 15 52.11 4.81 -13.51
C VAL E 15 53.40 5.41 -12.99
N GLN E 16 53.60 6.71 -13.25
CA GLN E 16 54.81 7.38 -12.80
C GLN E 16 54.73 7.67 -11.31
N PRO E 17 55.84 7.54 -10.57
CA PRO E 17 55.80 7.83 -9.14
C PRO E 17 55.42 9.28 -8.87
N GLY E 18 54.66 9.49 -7.82
CA GLY E 18 54.07 10.78 -7.55
C GLY E 18 52.83 11.07 -8.38
N GLY E 19 52.40 10.14 -9.22
CA GLY E 19 51.19 10.28 -9.99
C GLY E 19 49.98 9.77 -9.23
N SER E 20 48.94 9.44 -9.99
CA SER E 20 47.69 8.99 -9.40
C SER E 20 47.02 7.98 -10.32
N LEU E 21 46.36 7.00 -9.71
CA LEU E 21 45.59 5.99 -10.43
C LEU E 21 44.30 5.74 -9.67
N ARG E 22 43.29 5.26 -10.40
CA ARG E 22 41.95 5.07 -9.84
C ARG E 22 41.44 3.69 -10.22
N LEU E 23 41.16 2.86 -9.22
CA LEU E 23 40.69 1.50 -9.42
C LEU E 23 39.19 1.40 -9.10
N SER E 24 38.47 0.62 -9.90
CA SER E 24 37.05 0.40 -9.70
C SER E 24 36.77 -1.08 -9.56
N CYS E 25 35.79 -1.41 -8.71
CA CYS E 25 35.41 -2.79 -8.42
C CYS E 25 33.91 -2.93 -8.70
N ALA E 26 33.58 -3.68 -9.74
CA ALA E 26 32.19 -3.91 -10.12
C ALA E 26 31.69 -5.19 -9.46
N ALA E 27 30.67 -5.06 -8.62
CA ALA E 27 30.13 -6.18 -7.86
C ALA E 27 28.78 -6.59 -8.41
N SER E 28 28.51 -7.90 -8.38
CA SER E 28 27.25 -8.44 -8.88
C SER E 28 27.02 -9.80 -8.24
N GLY E 29 25.74 -10.12 -8.05
CA GLY E 29 25.34 -11.38 -7.45
C GLY E 29 24.92 -11.28 -6.00
N PHE E 30 25.28 -10.20 -5.31
CA PHE E 30 24.93 -9.99 -3.91
C PHE E 30 24.42 -8.57 -3.73
N ASN E 31 24.08 -8.22 -2.49
CA ASN E 31 23.53 -6.91 -2.19
C ASN E 31 24.67 -5.95 -1.85
N PHE E 32 24.95 -5.01 -2.76
CA PHE E 32 26.05 -4.08 -2.56
C PHE E 32 25.75 -3.10 -1.43
N SER E 33 24.48 -2.70 -1.29
CA SER E 33 24.12 -1.71 -0.28
C SER E 33 24.45 -2.19 1.13
N SER E 34 24.39 -3.50 1.37
CA SER E 34 24.57 -4.04 2.72
C SER E 34 26.03 -4.40 3.00
N SER E 35 26.52 -5.47 2.35
CA SER E 35 27.83 -6.00 2.66
C SER E 35 28.91 -4.94 2.46
N SER E 36 29.89 -4.94 3.37
CA SER E 36 31.01 -4.01 3.27
C SER E 36 32.01 -4.47 2.23
N ILE E 37 32.71 -3.51 1.63
CA ILE E 37 33.70 -3.76 0.58
C ILE E 37 35.07 -3.45 1.14
N HIS E 38 36.07 -4.23 0.72
CA HIS E 38 37.42 -4.11 1.26
C HIS E 38 38.44 -4.19 0.15
N TRP E 39 39.54 -3.46 0.32
CA TRP E 39 40.66 -3.48 -0.61
C TRP E 39 41.89 -4.04 0.08
N VAL E 40 42.51 -5.05 -0.55
CA VAL E 40 43.67 -5.72 0.02
C VAL E 40 44.68 -5.95 -1.10
N ARG E 41 45.88 -5.39 -0.93
CA ARG E 41 46.94 -5.49 -1.92
C ARG E 41 48.00 -6.48 -1.46
N GLN E 42 48.59 -7.18 -2.45
CA GLN E 42 49.62 -8.19 -2.20
C GLN E 42 50.85 -7.83 -3.01
N ALA E 43 51.87 -7.30 -2.35
CA ALA E 43 53.09 -6.94 -3.05
C ALA E 43 53.74 -8.17 -3.68
N PRO E 44 54.46 -7.99 -4.79
CA PRO E 44 55.05 -9.15 -5.49
C PRO E 44 55.93 -9.99 -4.57
N GLY E 45 55.52 -11.25 -4.37
CA GLY E 45 56.27 -12.18 -3.55
C GLY E 45 56.04 -12.07 -2.06
N LYS E 46 55.37 -11.02 -1.59
CA LYS E 46 55.11 -10.84 -0.18
C LYS E 46 53.75 -11.43 0.17
N GLY E 47 53.23 -11.07 1.35
CA GLY E 47 51.95 -11.55 1.83
C GLY E 47 50.83 -10.58 1.52
N LEU E 48 49.77 -10.66 2.32
CA LEU E 48 48.59 -9.84 2.14
C LEU E 48 48.65 -8.63 3.06
N GLU E 49 48.20 -7.48 2.55
CA GLU E 49 48.15 -6.24 3.30
C GLU E 49 46.79 -5.59 3.14
N TRP E 50 46.29 -4.98 4.22
CA TRP E 50 45.01 -4.30 4.20
C TRP E 50 45.24 -2.82 3.90
N VAL E 51 44.52 -2.32 2.88
CA VAL E 51 44.65 -0.92 2.48
C VAL E 51 43.51 -0.10 3.06
N ALA E 52 42.28 -0.41 2.67
CA ALA E 52 41.13 0.35 3.13
C ALA E 52 39.88 -0.52 3.05
N SER E 53 38.85 -0.12 3.80
CA SER E 53 37.55 -0.78 3.79
C SER E 53 36.46 0.28 3.81
N ILE E 54 35.28 -0.11 3.33
CA ILE E 54 34.18 0.81 3.13
C ILE E 54 32.87 0.14 3.56
N SER E 55 31.91 0.96 3.95
CA SER E 55 30.57 0.48 4.32
C SER E 55 29.55 1.34 3.58
N PRO E 56 29.13 0.92 2.39
CA PRO E 56 28.14 1.69 1.64
C PRO E 56 26.83 1.76 2.40
N SER E 57 25.96 2.67 1.95
CA SER E 57 24.69 2.95 2.63
C SER E 57 24.94 3.74 3.91
N TYR E 58 25.86 3.29 4.74
CA TYR E 58 26.28 4.04 5.92
C TYR E 58 27.47 4.95 5.61
N GLY E 59 28.27 4.62 4.60
CA GLY E 59 29.36 5.47 4.17
C GLY E 59 30.54 5.58 5.12
N TYR E 60 30.87 4.50 5.82
CA TYR E 60 32.03 4.49 6.69
C TYR E 60 33.30 4.31 5.87
N THR E 61 34.40 4.82 6.42
CA THR E 61 35.72 4.72 5.79
C THR E 61 36.74 4.26 6.82
N TYR E 62 37.49 3.22 6.48
CA TYR E 62 38.53 2.67 7.34
C TYR E 62 39.81 2.60 6.54
N TYR E 63 40.84 3.32 6.98
CA TYR E 63 42.11 3.40 6.28
C TYR E 63 43.24 2.88 7.15
N ALA E 64 44.25 2.30 6.50
CA ALA E 64 45.48 1.93 7.18
C ALA E 64 46.43 3.12 7.22
N ASP E 65 47.30 3.14 8.23
CA ASP E 65 48.23 4.23 8.39
C ASP E 65 49.20 4.35 7.22
N SER E 66 49.30 3.30 6.39
CA SER E 66 50.20 3.34 5.24
C SER E 66 49.61 4.16 4.10
N VAL E 67 48.32 3.98 3.81
CA VAL E 67 47.67 4.66 2.69
C VAL E 67 46.85 5.86 3.15
N LYS E 68 46.93 6.22 4.43
CA LYS E 68 46.12 7.33 4.95
C LYS E 68 46.60 8.65 4.38
N GLY E 69 45.67 9.43 3.83
CA GLY E 69 45.97 10.72 3.23
C GLY E 69 46.22 10.66 1.73
N ARG E 70 46.81 9.58 1.25
CA ARG E 70 47.06 9.39 -0.17
C ARG E 70 46.00 8.55 -0.86
N PHE E 71 45.18 7.85 -0.10
CA PHE E 71 44.15 6.95 -0.63
C PHE E 71 42.78 7.36 -0.12
N THR E 72 41.79 7.34 -1.00
CA THR E 72 40.41 7.66 -0.66
C THR E 72 39.50 6.61 -1.28
N ILE E 73 38.79 5.87 -0.44
CA ILE E 73 37.88 4.81 -0.90
C ILE E 73 36.46 5.35 -0.88
N SER E 74 35.67 4.95 -1.87
CA SER E 74 34.29 5.40 -1.97
C SER E 74 33.50 4.37 -2.76
N ALA E 75 32.18 4.40 -2.58
CA ALA E 75 31.30 3.47 -3.28
C ALA E 75 30.08 4.23 -3.78
N ASP E 76 29.66 3.91 -5.00
CA ASP E 76 28.47 4.49 -5.61
C ASP E 76 27.36 3.45 -5.56
N THR E 77 26.38 3.65 -4.68
CA THR E 77 25.32 2.67 -4.51
C THR E 77 24.53 2.48 -5.79
N SER E 78 24.34 3.55 -6.56
CA SER E 78 23.49 3.48 -7.75
C SER E 78 24.16 2.68 -8.87
N LYS E 79 25.48 2.72 -8.95
CA LYS E 79 26.19 2.00 -10.01
C LYS E 79 26.66 0.62 -9.59
N ASN E 80 26.55 0.26 -8.31
CA ASN E 80 26.98 -1.05 -7.83
C ASN E 80 28.48 -1.23 -8.00
N THR E 81 29.25 -0.21 -7.63
CA THR E 81 30.69 -0.23 -7.83
C THR E 81 31.39 0.39 -6.64
N ALA E 82 32.63 -0.03 -6.42
CA ALA E 82 33.48 0.49 -5.36
C ALA E 82 34.75 1.08 -5.97
N TYR E 83 35.03 2.34 -5.65
CA TYR E 83 36.16 3.07 -6.21
C TYR E 83 37.25 3.24 -5.17
N LEU E 84 38.51 3.18 -5.60
CA LEU E 84 39.67 3.40 -4.74
C LEU E 84 40.60 4.37 -5.45
N GLN E 85 40.68 5.60 -4.95
CA GLN E 85 41.49 6.65 -5.55
C GLN E 85 42.87 6.67 -4.91
N MET E 86 43.91 6.71 -5.75
CA MET E 86 45.30 6.64 -5.31
C MET E 86 46.02 7.92 -5.74
N ASN E 87 46.40 8.74 -4.76
CA ASN E 87 47.19 9.93 -4.99
C ASN E 87 48.57 9.76 -4.35
N SER E 88 49.53 10.53 -4.85
CA SER E 88 50.91 10.49 -4.35
C SER E 88 51.45 9.07 -4.36
N LEU E 89 51.22 8.36 -5.47
CA LEU E 89 51.68 6.99 -5.58
C LEU E 89 53.20 6.91 -5.52
N ARG E 90 53.69 5.96 -4.74
CA ARG E 90 55.12 5.73 -4.57
C ARG E 90 55.49 4.34 -5.04
N ALA E 91 56.79 4.04 -5.01
CA ALA E 91 57.28 2.76 -5.52
C ALA E 91 56.78 1.59 -4.68
N GLU E 92 56.66 1.79 -3.36
CA GLU E 92 56.26 0.70 -2.48
C GLU E 92 54.81 0.27 -2.71
N ASP E 93 53.99 1.11 -3.32
CA ASP E 93 52.59 0.78 -3.56
C ASP E 93 52.40 -0.23 -4.69
N THR E 94 53.47 -0.57 -5.41
CA THR E 94 53.37 -1.54 -6.49
C THR E 94 52.97 -2.91 -5.94
N ALA E 95 51.86 -3.44 -6.44
CA ALA E 95 51.38 -4.75 -6.02
C ALA E 95 50.05 -5.03 -6.70
N VAL E 96 49.60 -6.27 -6.58
CA VAL E 96 48.28 -6.66 -7.05
C VAL E 96 47.25 -6.24 -6.01
N TYR E 97 46.15 -5.68 -6.45
CA TYR E 97 45.12 -5.13 -5.56
C TYR E 97 43.85 -5.97 -5.67
N TYR E 98 43.51 -6.64 -4.57
CA TYR E 98 42.32 -7.48 -4.51
C TYR E 98 41.13 -6.70 -3.96
N CYS E 99 39.98 -6.90 -4.59
CA CYS E 99 38.70 -6.40 -4.08
C CYS E 99 37.98 -7.55 -3.38
N ALA E 100 37.55 -7.31 -2.15
CA ALA E 100 36.99 -8.38 -1.34
C ALA E 100 35.75 -7.90 -0.60
N ARG E 101 34.78 -8.79 -0.44
CA ARG E 101 33.54 -8.50 0.25
C ARG E 101 33.56 -9.10 1.64
N GLY E 102 33.29 -8.28 2.66
CA GLY E 102 33.19 -8.78 4.01
C GLY E 102 32.08 -9.80 4.16
N ILE E 103 32.21 -10.64 5.17
CA ILE E 103 31.28 -11.75 5.39
C ILE E 103 30.20 -11.32 6.38
N TRP E 104 28.97 -11.76 6.12
CA TRP E 104 27.80 -11.26 6.82
C TRP E 104 27.55 -12.01 8.11
N SER E 105 27.06 -11.28 9.11
CA SER E 105 26.60 -11.85 10.37
C SER E 105 25.55 -10.90 10.92
N TYR E 106 24.65 -11.44 11.75
CA TYR E 106 23.65 -10.58 12.36
C TYR E 106 24.21 -9.73 13.49
N TRP E 107 25.33 -10.15 14.08
CA TRP E 107 25.93 -9.36 15.15
C TRP E 107 26.32 -7.97 14.67
N TYR E 108 26.58 -7.81 13.37
CA TYR E 108 26.77 -6.47 12.82
C TYR E 108 25.62 -5.56 13.22
N MET E 109 24.40 -6.10 13.30
CA MET E 109 23.25 -5.30 13.66
C MET E 109 23.39 -4.68 15.04
N VAL E 110 23.67 -5.51 16.05
CA VAL E 110 23.85 -5.00 17.42
C VAL E 110 24.88 -3.89 17.42
N TYR E 111 26.00 -4.12 16.74
CA TYR E 111 27.10 -3.17 16.63
C TYR E 111 27.81 -3.39 15.30
N PRO E 112 27.89 -2.39 14.44
CA PRO E 112 28.67 -2.56 13.20
C PRO E 112 30.16 -2.48 13.51
N HIS E 113 30.97 -2.25 12.47
CA HIS E 113 32.41 -2.06 12.61
C HIS E 113 33.17 -3.36 12.83
N ASP E 114 32.59 -4.52 12.50
CA ASP E 114 33.20 -5.81 12.79
C ASP E 114 33.43 -6.54 11.46
N ASN E 115 34.68 -6.63 11.03
CA ASN E 115 34.99 -7.21 9.73
C ASN E 115 34.78 -8.72 9.72
N TYR E 116 35.31 -9.41 10.73
CA TYR E 116 35.16 -10.86 10.85
C TYR E 116 35.91 -11.60 9.75
N GLY E 117 35.67 -11.24 8.49
CA GLY E 117 36.42 -11.87 7.42
C GLY E 117 36.01 -11.33 6.07
N MET E 118 36.68 -11.84 5.04
CA MET E 118 36.36 -11.55 3.65
C MET E 118 35.91 -12.84 2.97
N ASP E 119 34.68 -12.83 2.45
CA ASP E 119 34.12 -14.03 1.85
C ASP E 119 34.68 -14.28 0.45
N TYR E 120 34.53 -13.32 -0.45
CA TYR E 120 34.86 -13.48 -1.86
C TYR E 120 35.92 -12.48 -2.25
N TRP E 121 36.95 -12.96 -2.96
CA TRP E 121 38.07 -12.14 -3.40
C TRP E 121 38.09 -12.11 -4.92
N GLY E 122 38.05 -10.90 -5.49
CA GLY E 122 38.27 -10.76 -6.90
C GLY E 122 39.67 -11.16 -7.29
N GLN E 123 39.84 -11.56 -8.56
CA GLN E 123 41.14 -12.01 -9.02
C GLN E 123 42.19 -10.91 -8.97
N GLY E 124 41.81 -9.68 -8.68
CA GLY E 124 42.76 -8.60 -8.49
C GLY E 124 43.27 -8.03 -9.80
N THR E 125 43.84 -6.83 -9.69
CA THR E 125 44.41 -6.13 -10.84
C THR E 125 45.80 -5.64 -10.48
N LEU E 126 46.73 -5.76 -11.43
CA LEU E 126 48.13 -5.44 -11.18
C LEU E 126 48.37 -3.94 -11.32
N VAL E 127 49.13 -3.39 -10.38
CA VAL E 127 49.47 -1.97 -10.37
C VAL E 127 50.97 -1.83 -10.15
N THR E 128 51.66 -1.19 -11.09
CA THR E 128 53.10 -1.02 -11.04
C THR E 128 53.43 0.47 -11.03
N VAL E 129 54.17 0.89 -10.01
CA VAL E 129 54.57 2.29 -9.85
C VAL E 129 56.08 2.37 -10.05
N SER E 130 56.50 2.98 -11.16
CA SER E 130 57.92 3.17 -11.43
C SER E 130 58.06 4.21 -12.54
N SER E 131 59.21 4.88 -12.55
CA SER E 131 59.55 5.78 -13.64
C SER E 131 60.09 5.05 -14.86
N ALA E 132 60.34 3.75 -14.74
CA ALA E 132 60.89 2.98 -15.85
C ALA E 132 59.89 2.90 -17.00
N SER E 133 60.37 3.17 -18.21
CA SER E 133 59.49 3.14 -19.37
C SER E 133 59.25 1.70 -19.80
N THR E 134 58.23 1.52 -20.64
CA THR E 134 57.90 0.20 -21.16
C THR E 134 58.97 -0.28 -22.13
N LYS E 135 59.22 -1.59 -22.13
CA LYS E 135 60.22 -2.19 -22.99
C LYS E 135 59.75 -3.57 -23.43
N GLY E 136 59.89 -3.87 -24.72
CA GLY E 136 59.56 -5.17 -25.24
C GLY E 136 60.69 -6.15 -25.01
N PRO E 137 60.36 -7.42 -24.82
CA PRO E 137 61.38 -8.42 -24.49
C PRO E 137 62.12 -8.91 -25.73
N SER E 138 63.42 -9.12 -25.56
CA SER E 138 64.24 -9.75 -26.59
C SER E 138 64.20 -11.26 -26.41
N VAL E 139 63.91 -11.97 -27.51
CA VAL E 139 63.74 -13.42 -27.47
C VAL E 139 64.96 -14.07 -28.13
N PHE E 140 65.74 -14.79 -27.33
CA PHE E 140 66.91 -15.50 -27.80
C PHE E 140 66.74 -17.00 -27.62
N PRO E 141 67.17 -17.82 -28.58
CA PRO E 141 66.95 -19.25 -28.47
C PRO E 141 67.98 -19.96 -27.60
N LEU E 142 67.56 -21.08 -27.02
CA LEU E 142 68.44 -21.97 -26.27
C LEU E 142 68.56 -23.26 -27.08
N ALA E 143 69.66 -23.38 -27.82
CA ALA E 143 69.75 -24.43 -28.83
C ALA E 143 70.00 -25.78 -28.17
N PRO E 144 69.45 -26.87 -28.72
CA PRO E 144 69.75 -28.20 -28.17
C PRO E 144 71.15 -28.64 -28.56
N SER E 145 71.86 -29.24 -27.60
CA SER E 145 73.25 -29.63 -27.83
C SER E 145 73.34 -30.86 -28.71
N SER E 146 74.33 -30.87 -29.60
CA SER E 146 74.56 -32.04 -30.45
C SER E 146 75.12 -33.21 -29.64
N LYS E 147 75.84 -32.92 -28.56
CA LYS E 147 76.35 -33.96 -27.68
C LYS E 147 75.24 -34.68 -26.91
N SER E 148 74.02 -34.14 -26.92
CA SER E 148 72.91 -34.71 -26.16
C SER E 148 72.77 -36.21 -26.40
N THR E 149 72.08 -36.90 -25.49
CA THR E 149 72.06 -38.35 -25.50
C THR E 149 71.20 -38.89 -26.65
N SER E 150 71.74 -39.84 -27.40
CA SER E 150 70.99 -40.57 -28.42
C SER E 150 70.27 -41.73 -27.75
N GLY E 151 68.94 -41.72 -27.81
CA GLY E 151 68.14 -42.59 -26.98
C GLY E 151 67.66 -41.94 -25.69
N GLY E 152 67.70 -40.61 -25.60
CA GLY E 152 67.22 -39.88 -24.46
C GLY E 152 66.47 -38.64 -24.88
N THR E 153 66.49 -37.60 -24.04
CA THR E 153 65.74 -36.37 -24.31
C THR E 153 66.69 -35.19 -24.32
N ALA E 154 66.53 -34.32 -25.31
CA ALA E 154 67.30 -33.09 -25.40
C ALA E 154 66.57 -31.98 -24.65
N ALA E 155 67.05 -30.75 -24.77
CA ALA E 155 66.46 -29.61 -24.05
C ALA E 155 66.46 -28.40 -24.96
N LEU E 156 65.27 -27.91 -25.28
CA LEU E 156 65.08 -26.66 -26.00
C LEU E 156 64.76 -25.54 -25.01
N GLY E 157 64.72 -24.31 -25.51
CA GLY E 157 64.44 -23.19 -24.63
C GLY E 157 64.34 -21.88 -25.39
N CYS E 158 63.69 -20.91 -24.75
CA CYS E 158 63.58 -19.54 -25.23
C CYS E 158 63.96 -18.61 -24.10
N LEU E 159 64.84 -17.64 -24.38
CA LEU E 159 65.34 -16.71 -23.38
C LEU E 159 64.67 -15.36 -23.61
N VAL E 160 63.69 -15.04 -22.78
CA VAL E 160 62.98 -13.75 -22.86
C VAL E 160 63.70 -12.79 -21.91
N LYS E 161 64.41 -11.83 -22.46
CA LYS E 161 65.30 -10.98 -21.69
C LYS E 161 64.98 -9.50 -21.90
N ASP E 162 65.13 -8.73 -20.83
CA ASP E 162 65.06 -7.27 -20.87
C ASP E 162 63.67 -6.79 -21.32
N TYR E 163 62.69 -7.03 -20.45
CA TYR E 163 61.34 -6.55 -20.70
C TYR E 163 60.77 -5.93 -19.42
N PHE E 164 59.91 -4.94 -19.60
CA PHE E 164 59.27 -4.26 -18.48
C PHE E 164 57.92 -3.69 -18.91
N PRO E 165 56.91 -3.84 -18.06
CA PRO E 165 56.99 -4.64 -16.84
C PRO E 165 56.28 -5.97 -17.02
N GLU E 166 56.10 -6.73 -15.95
CA GLU E 166 55.45 -8.02 -16.05
C GLU E 166 53.98 -7.83 -16.41
N PRO E 167 53.31 -8.91 -16.83
CA PRO E 167 53.94 -10.22 -17.01
C PRO E 167 54.11 -10.61 -18.47
N VAL E 168 54.81 -11.71 -18.73
CA VAL E 168 55.00 -12.26 -20.06
C VAL E 168 54.44 -13.68 -20.09
N THR E 169 53.70 -13.99 -21.15
CA THR E 169 53.15 -15.33 -21.34
C THR E 169 53.93 -16.05 -22.43
N VAL E 170 54.29 -17.30 -22.16
CA VAL E 170 55.09 -18.10 -23.09
C VAL E 170 54.35 -19.40 -23.35
N SER E 171 54.16 -19.72 -24.62
CA SER E 171 53.53 -20.97 -25.04
C SER E 171 54.37 -21.60 -26.14
N TRP E 172 54.34 -22.92 -26.21
CA TRP E 172 55.12 -23.68 -27.18
C TRP E 172 54.21 -24.30 -28.22
N ASN E 173 54.56 -24.10 -29.50
CA ASN E 173 53.78 -24.64 -30.62
C ASN E 173 52.33 -24.19 -30.56
N SER E 174 52.09 -22.99 -30.01
CA SER E 174 50.75 -22.41 -29.94
C SER E 174 49.82 -23.28 -29.09
N GLY E 175 50.32 -23.70 -27.93
CA GLY E 175 49.56 -24.56 -27.04
C GLY E 175 49.51 -26.01 -27.45
N ALA E 176 50.03 -26.37 -28.62
CA ALA E 176 50.04 -27.76 -29.04
C ALA E 176 51.08 -28.58 -28.28
N LEU E 177 52.03 -27.93 -27.62
CA LEU E 177 53.06 -28.60 -26.84
C LEU E 177 52.84 -28.28 -25.37
N THR E 178 52.38 -29.27 -24.60
CA THR E 178 52.05 -29.09 -23.19
C THR E 178 53.03 -29.81 -22.28
N SER E 179 53.19 -31.12 -22.45
CA SER E 179 54.01 -31.90 -21.53
C SER E 179 55.48 -31.52 -21.66
N GLY E 180 56.13 -31.28 -20.52
CA GLY E 180 57.54 -30.95 -20.47
C GLY E 180 57.85 -29.48 -20.34
N VAL E 181 56.86 -28.61 -20.52
CA VAL E 181 57.13 -27.17 -20.48
C VAL E 181 57.44 -26.73 -19.05
N HIS E 182 58.46 -25.88 -18.91
CA HIS E 182 58.82 -25.30 -17.62
C HIS E 182 59.10 -23.81 -17.86
N THR E 183 58.15 -22.96 -17.47
CA THR E 183 58.28 -21.51 -17.58
C THR E 183 58.71 -20.97 -16.23
N PHE E 184 60.00 -20.71 -16.08
CA PHE E 184 60.53 -20.26 -14.80
C PHE E 184 59.99 -18.88 -14.44
N PRO E 185 59.85 -18.58 -13.15
CA PRO E 185 59.41 -17.24 -12.75
C PRO E 185 60.41 -16.19 -13.17
N ALA E 186 59.90 -15.03 -13.60
CA ALA E 186 60.78 -13.95 -14.03
C ALA E 186 61.57 -13.41 -12.83
N VAL E 187 62.81 -13.01 -13.10
CA VAL E 187 63.70 -12.47 -12.08
C VAL E 187 64.04 -11.04 -12.45
N LEU E 188 64.12 -10.17 -11.44
CA LEU E 188 64.46 -8.77 -11.67
C LEU E 188 65.97 -8.63 -11.76
N GLN E 189 66.46 -8.18 -12.91
CA GLN E 189 67.88 -7.99 -13.11
C GLN E 189 68.34 -6.68 -12.47
N SER E 190 69.66 -6.53 -12.34
CA SER E 190 70.21 -5.30 -11.78
C SER E 190 69.87 -4.10 -12.64
N SER E 191 69.71 -4.30 -13.96
CA SER E 191 69.35 -3.22 -14.85
C SER E 191 67.92 -2.73 -14.66
N GLY E 192 67.12 -3.45 -13.87
CA GLY E 192 65.72 -3.12 -13.69
C GLY E 192 64.80 -3.76 -14.69
N LEU E 193 65.28 -4.65 -15.54
CA LEU E 193 64.49 -5.33 -16.54
C LEU E 193 64.29 -6.79 -16.14
N TYR E 194 63.05 -7.26 -16.23
CA TYR E 194 62.73 -8.63 -15.88
C TYR E 194 63.13 -9.58 -17.01
N SER E 195 63.49 -10.80 -16.64
CA SER E 195 63.96 -11.79 -17.60
C SER E 195 63.57 -13.19 -17.13
N LEU E 196 63.11 -14.01 -18.05
CA LEU E 196 62.70 -15.37 -17.74
C LEU E 196 63.07 -16.30 -18.88
N SER E 197 63.13 -17.59 -18.56
CA SER E 197 63.46 -18.63 -19.53
C SER E 197 62.36 -19.67 -19.54
N SER E 198 62.28 -20.41 -20.64
CA SER E 198 61.25 -21.42 -20.82
C SER E 198 61.85 -22.58 -21.59
N VAL E 199 61.92 -23.75 -20.97
CA VAL E 199 62.60 -24.91 -21.53
C VAL E 199 61.65 -26.09 -21.58
N VAL E 200 61.83 -26.94 -22.58
CA VAL E 200 61.10 -28.19 -22.73
C VAL E 200 62.09 -29.34 -22.78
N THR E 201 61.56 -30.56 -22.70
CA THR E 201 62.33 -31.78 -22.86
C THR E 201 61.78 -32.55 -24.05
N VAL E 202 62.63 -32.78 -25.05
CA VAL E 202 62.20 -33.44 -26.27
C VAL E 202 63.13 -34.60 -26.59
N PRO E 203 62.60 -35.72 -27.09
CA PRO E 203 63.48 -36.81 -27.51
C PRO E 203 64.37 -36.38 -28.66
N SER E 204 65.62 -36.84 -28.62
CA SER E 204 66.60 -36.38 -29.61
C SER E 204 66.21 -36.80 -31.02
N SER E 205 65.67 -38.02 -31.18
CA SER E 205 65.34 -38.51 -32.51
C SER E 205 64.29 -37.66 -33.20
N SER E 206 63.43 -36.99 -32.43
CA SER E 206 62.36 -36.17 -32.97
C SER E 206 62.79 -34.75 -33.30
N LEU E 207 64.05 -34.39 -33.02
CA LEU E 207 64.48 -33.00 -33.14
C LEU E 207 64.28 -32.46 -34.56
N GLY E 208 64.91 -33.10 -35.56
CA GLY E 208 64.97 -32.53 -36.89
C GLY E 208 63.66 -32.51 -37.65
N THR E 209 62.71 -33.39 -37.29
CA THR E 209 61.51 -33.55 -38.11
C THR E 209 60.32 -32.75 -37.61
N GLN E 210 60.26 -32.43 -36.31
CA GLN E 210 59.02 -31.92 -35.73
C GLN E 210 58.95 -30.40 -35.68
N THR E 211 60.08 -29.72 -35.46
CA THR E 211 60.10 -28.26 -35.37
C THR E 211 59.50 -27.78 -34.06
N TYR E 212 60.03 -26.69 -33.51
CA TYR E 212 59.59 -26.18 -32.21
C TYR E 212 59.63 -24.65 -32.21
N ILE E 213 58.51 -24.03 -31.86
CA ILE E 213 58.38 -22.58 -31.82
C ILE E 213 57.72 -22.17 -30.52
N CYS E 214 58.30 -21.18 -29.84
CA CYS E 214 57.71 -20.59 -28.65
C CYS E 214 57.05 -19.26 -29.00
N ASN E 215 55.95 -18.95 -28.32
CA ASN E 215 55.16 -17.76 -28.59
C ASN E 215 55.19 -16.87 -27.34
N VAL E 216 56.04 -15.84 -27.37
CA VAL E 216 56.18 -14.91 -26.26
C VAL E 216 55.24 -13.73 -26.48
N ASN E 217 54.63 -13.26 -25.40
CA ASN E 217 53.69 -12.15 -25.45
C ASN E 217 53.91 -11.23 -24.26
N HIS E 218 54.08 -9.94 -24.53
CA HIS E 218 54.24 -8.93 -23.49
C HIS E 218 53.22 -7.83 -23.77
N LYS E 219 52.10 -7.85 -23.03
CA LYS E 219 51.00 -6.94 -23.36
C LYS E 219 51.33 -5.49 -23.07
N PRO E 220 51.92 -5.13 -21.92
CA PRO E 220 52.18 -3.71 -21.64
C PRO E 220 52.97 -3.01 -22.73
N SER E 221 53.89 -3.72 -23.40
CA SER E 221 54.64 -3.16 -24.51
C SER E 221 54.04 -3.52 -25.87
N ASN E 222 53.01 -4.36 -25.89
CA ASN E 222 52.37 -4.86 -27.11
C ASN E 222 53.30 -5.77 -27.91
N THR E 223 54.52 -6.00 -27.44
CA THR E 223 55.48 -6.81 -28.18
C THR E 223 55.04 -8.27 -28.20
N LYS E 224 55.00 -8.85 -29.40
CA LYS E 224 54.66 -10.26 -29.59
C LYS E 224 55.72 -10.88 -30.48
N VAL E 225 56.19 -12.07 -30.11
CA VAL E 225 57.31 -12.70 -30.80
C VAL E 225 57.10 -14.21 -30.86
N ASP E 226 57.38 -14.79 -32.02
CA ASP E 226 57.40 -16.24 -32.24
C ASP E 226 58.81 -16.61 -32.68
N LYS E 227 59.57 -17.25 -31.79
CA LYS E 227 60.96 -17.59 -32.06
C LYS E 227 61.09 -19.09 -32.25
N LYS E 228 61.55 -19.50 -33.44
CA LYS E 228 61.78 -20.90 -33.74
C LYS E 228 63.15 -21.32 -33.22
N VAL E 229 63.20 -22.49 -32.59
CA VAL E 229 64.41 -23.00 -31.96
C VAL E 229 64.88 -24.25 -32.69
N GLU E 230 66.09 -24.21 -33.22
CA GLU E 230 66.67 -25.29 -33.99
C GLU E 230 68.11 -25.51 -33.55
N PRO E 231 68.69 -26.68 -33.86
CA PRO E 231 70.07 -26.95 -33.47
C PRO E 231 71.04 -25.96 -34.09
N LYS E 232 72.20 -25.83 -33.46
CA LYS E 232 73.22 -24.90 -33.93
C LYS E 232 74.00 -25.51 -35.08
N SER E 233 74.14 -24.75 -36.16
CA SER E 233 74.88 -25.21 -37.34
C SER E 233 76.34 -24.80 -37.26
N ASP F 2 49.08 -1.48 18.29
CA ASP F 2 48.90 -2.15 17.01
C ASP F 2 48.96 -3.67 17.19
N ILE F 3 48.15 -4.39 16.42
CA ILE F 3 48.03 -5.84 16.56
C ILE F 3 49.00 -6.52 15.59
N GLN F 4 49.71 -7.53 16.08
CA GLN F 4 50.65 -8.30 15.28
C GLN F 4 50.29 -9.78 15.39
N MET F 5 50.33 -10.47 14.25
CA MET F 5 49.98 -11.89 14.16
C MET F 5 51.20 -12.65 13.68
N THR F 6 51.80 -13.45 14.57
CA THR F 6 52.97 -14.26 14.26
C THR F 6 52.50 -15.68 13.97
N GLN F 7 52.66 -16.12 12.73
CA GLN F 7 52.20 -17.42 12.27
C GLN F 7 53.38 -18.36 12.09
N SER F 8 53.22 -19.58 12.56
CA SER F 8 54.26 -20.61 12.43
C SER F 8 53.64 -21.97 12.13
N PRO F 9 54.39 -22.83 11.42
CA PRO F 9 55.74 -22.57 10.93
C PRO F 9 55.76 -21.80 9.61
N SER F 10 56.95 -21.60 9.05
CA SER F 10 57.07 -20.90 7.78
C SER F 10 56.76 -21.81 6.60
N SER F 11 57.24 -23.06 6.63
CA SER F 11 57.01 -24.00 5.55
C SER F 11 57.11 -25.41 6.10
N LEU F 12 56.43 -26.35 5.45
CA LEU F 12 56.45 -27.74 5.87
C LEU F 12 56.08 -28.61 4.67
N SER F 13 56.55 -29.85 4.71
CA SER F 13 56.35 -30.81 3.62
C SER F 13 55.72 -32.07 4.18
N ALA F 14 54.40 -32.21 4.01
CA ALA F 14 53.66 -33.37 4.46
C ALA F 14 53.39 -34.29 3.26
N SER F 15 52.51 -35.28 3.48
CA SER F 15 52.17 -36.25 2.45
C SER F 15 50.67 -36.47 2.45
N VAL F 16 50.20 -37.22 1.45
CA VAL F 16 48.77 -37.49 1.30
C VAL F 16 48.30 -38.33 2.48
N GLY F 17 47.29 -37.82 3.20
CA GLY F 17 46.73 -38.52 4.34
C GLY F 17 47.29 -38.08 5.68
N ASP F 18 48.33 -37.26 5.70
CA ASP F 18 48.93 -36.81 6.94
C ASP F 18 48.00 -35.80 7.63
N ARG F 19 48.46 -35.31 8.78
CA ARG F 19 47.71 -34.35 9.59
C ARG F 19 48.60 -33.12 9.81
N VAL F 20 48.18 -31.99 9.25
CA VAL F 20 48.99 -30.77 9.28
C VAL F 20 48.36 -29.79 10.26
N THR F 21 49.22 -28.98 10.89
CA THR F 21 48.80 -28.01 11.89
C THR F 21 49.54 -26.70 11.69
N ILE F 22 48.79 -25.61 11.53
CA ILE F 22 49.35 -24.26 11.40
C ILE F 22 48.90 -23.43 12.58
N THR F 23 49.83 -22.69 13.18
CA THR F 23 49.57 -21.91 14.38
C THR F 23 49.73 -20.43 14.10
N CYS F 24 48.78 -19.63 14.61
CA CYS F 24 48.77 -18.19 14.46
C CYS F 24 48.63 -17.57 15.85
N ARG F 25 49.66 -16.85 16.29
CA ARG F 25 49.71 -16.32 17.64
C ARG F 25 49.46 -14.82 17.62
N ALA F 26 48.46 -14.37 18.37
CA ALA F 26 48.12 -12.96 18.43
C ALA F 26 49.07 -12.22 19.36
N SER F 27 49.36 -10.96 19.00
CA SER F 27 50.26 -10.15 19.82
C SER F 27 49.62 -9.76 21.15
N GLN F 28 48.30 -9.56 21.17
CA GLN F 28 47.62 -9.14 22.38
C GLN F 28 46.17 -9.63 22.33
N SER F 29 45.44 -9.37 23.41
CA SER F 29 44.09 -9.87 23.55
C SER F 29 43.21 -9.38 22.40
N VAL F 30 42.53 -10.32 21.75
CA VAL F 30 41.62 -10.03 20.65
C VAL F 30 40.35 -10.84 20.84
N SER F 31 39.33 -10.53 20.05
CA SER F 31 38.07 -11.27 20.12
C SER F 31 38.24 -12.64 19.47
N SER F 32 37.14 -13.37 19.40
CA SER F 32 37.14 -14.70 18.79
C SER F 32 37.10 -14.65 17.27
N ALA F 33 37.17 -13.45 16.68
CA ALA F 33 37.03 -13.28 15.24
C ALA F 33 38.41 -13.37 14.59
N VAL F 34 38.68 -14.51 13.95
CA VAL F 34 39.93 -14.74 13.24
C VAL F 34 39.64 -15.64 12.04
N ALA F 35 40.30 -15.37 10.93
CA ALA F 35 40.03 -16.06 9.69
C ALA F 35 41.28 -16.77 9.17
N TRP F 36 41.06 -17.86 8.43
CA TRP F 36 42.12 -18.62 7.79
C TRP F 36 41.85 -18.69 6.30
N TYR F 37 42.84 -18.30 5.50
CA TYR F 37 42.69 -18.20 4.05
C TYR F 37 43.63 -19.15 3.33
N GLN F 38 43.15 -19.73 2.25
CA GLN F 38 43.96 -20.57 1.36
C GLN F 38 44.14 -19.83 0.03
N GLN F 39 45.39 -19.72 -0.41
CA GLN F 39 45.72 -18.99 -1.63
C GLN F 39 46.61 -19.86 -2.51
N LYS F 40 46.07 -20.30 -3.64
CA LYS F 40 46.87 -21.03 -4.61
C LYS F 40 47.80 -20.05 -5.34
N PRO F 41 48.84 -20.56 -5.98
CA PRO F 41 49.77 -19.67 -6.70
C PRO F 41 49.04 -18.90 -7.79
N GLY F 42 49.21 -17.57 -7.78
CA GLY F 42 48.60 -16.72 -8.77
C GLY F 42 47.09 -16.75 -8.77
N LYS F 43 46.48 -16.86 -7.59
CA LYS F 43 45.03 -16.89 -7.47
C LYS F 43 44.61 -16.01 -6.30
N ALA F 44 43.33 -15.66 -6.29
CA ALA F 44 42.79 -14.84 -5.23
C ALA F 44 42.60 -15.68 -3.95
N PRO F 45 42.75 -15.07 -2.79
CA PRO F 45 42.56 -15.82 -1.53
C PRO F 45 41.12 -16.29 -1.38
N LYS F 46 40.96 -17.42 -0.71
CA LYS F 46 39.66 -17.99 -0.40
C LYS F 46 39.54 -18.17 1.11
N LEU F 47 38.29 -18.29 1.57
CA LEU F 47 38.00 -18.37 2.99
C LEU F 47 37.75 -19.81 3.41
N LEU F 48 38.46 -20.25 4.44
CA LEU F 48 38.25 -21.57 5.03
C LEU F 48 37.56 -21.47 6.38
N ILE F 49 38.14 -20.74 7.32
CA ILE F 49 37.62 -20.62 8.68
C ILE F 49 37.52 -19.15 9.05
N TYR F 50 36.40 -18.78 9.67
CA TYR F 50 36.21 -17.47 10.26
C TYR F 50 35.74 -17.64 11.69
N SER F 51 36.01 -16.64 12.52
CA SER F 51 35.72 -16.71 13.95
C SER F 51 36.53 -17.81 14.63
N ALA F 52 37.68 -18.15 14.03
CA ALA F 52 38.65 -19.06 14.64
C ALA F 52 38.19 -20.51 14.58
N SER F 53 36.90 -20.77 14.78
CA SER F 53 36.39 -22.13 14.83
C SER F 53 35.28 -22.42 13.84
N SER F 54 34.65 -21.41 13.26
CA SER F 54 33.50 -21.61 12.38
C SER F 54 33.99 -21.92 10.97
N LEU F 55 33.60 -23.08 10.45
CA LEU F 55 33.99 -23.49 9.11
C LEU F 55 33.08 -22.86 8.07
N TYR F 56 33.68 -22.26 7.05
CA TYR F 56 32.92 -21.56 6.02
C TYR F 56 32.28 -22.54 5.03
N SER F 57 31.19 -22.10 4.42
CA SER F 57 30.44 -22.95 3.51
C SER F 57 31.30 -23.42 2.34
N GLY F 58 31.13 -24.68 1.96
CA GLY F 58 31.90 -25.30 0.90
C GLY F 58 33.20 -25.94 1.37
N VAL F 59 33.80 -25.40 2.42
CA VAL F 59 35.03 -25.94 3.00
C VAL F 59 34.74 -27.34 3.53
N PRO F 60 35.41 -28.38 3.03
CA PRO F 60 35.13 -29.74 3.50
C PRO F 60 35.35 -29.86 5.01
N SER F 61 34.64 -30.83 5.61
CA SER F 61 34.83 -31.12 7.02
C SER F 61 36.26 -31.52 7.34
N ARG F 62 37.06 -31.83 6.32
CA ARG F 62 38.48 -32.08 6.50
C ARG F 62 39.19 -30.93 7.20
N PHE F 63 38.63 -29.72 7.14
CA PHE F 63 39.19 -28.53 7.78
C PHE F 63 38.51 -28.27 9.12
N SER F 64 39.16 -27.42 9.93
CA SER F 64 38.63 -27.05 11.23
C SER F 64 39.57 -26.09 11.96
N GLY F 65 39.00 -25.19 12.76
CA GLY F 65 39.78 -24.24 13.53
C GLY F 65 39.56 -24.41 15.02
N SER F 66 40.42 -23.76 15.80
CA SER F 66 40.36 -23.84 17.25
C SER F 66 41.08 -22.64 17.84
N ARG F 67 40.72 -22.32 19.09
CA ARG F 67 41.27 -21.17 19.80
C ARG F 67 41.72 -21.61 21.18
N SER F 68 43.03 -21.48 21.44
CA SER F 68 43.61 -21.76 22.74
C SER F 68 44.32 -20.48 23.21
N GLY F 69 43.64 -19.69 24.03
CA GLY F 69 44.22 -18.44 24.49
C GLY F 69 44.39 -17.48 23.34
N THR F 70 45.61 -16.99 23.15
CA THR F 70 45.96 -16.14 22.02
C THR F 70 46.52 -16.94 20.85
N ASP F 71 46.53 -18.27 20.94
CA ASP F 71 47.10 -19.14 19.92
C ASP F 71 45.96 -19.78 19.14
N PHE F 72 45.73 -19.28 17.92
CA PHE F 72 44.77 -19.89 17.01
C PHE F 72 45.47 -20.91 16.15
N THR F 73 44.73 -21.95 15.75
CA THR F 73 45.31 -23.06 15.02
C THR F 73 44.38 -23.56 13.93
N LEU F 74 44.94 -23.82 12.76
CA LEU F 74 44.25 -24.46 11.66
C LEU F 74 44.61 -25.93 11.64
N THR F 75 43.65 -26.78 11.29
CA THR F 75 43.84 -28.23 11.37
C THR F 75 43.22 -28.90 10.15
N ILE F 76 44.06 -29.55 9.36
CA ILE F 76 43.60 -30.42 8.28
C ILE F 76 43.67 -31.85 8.79
N SER F 77 42.52 -32.51 8.88
CA SER F 77 42.48 -33.86 9.42
C SER F 77 43.27 -34.83 8.56
N SER F 78 42.88 -34.97 7.29
CA SER F 78 43.55 -35.87 6.35
C SER F 78 43.91 -35.08 5.10
N LEU F 79 45.20 -34.78 4.94
CA LEU F 79 45.63 -33.90 3.84
C LEU F 79 45.27 -34.52 2.49
N GLN F 80 44.86 -33.66 1.56
CA GLN F 80 44.43 -34.05 0.24
C GLN F 80 45.26 -33.34 -0.83
N PRO F 81 45.28 -33.86 -2.06
CA PRO F 81 46.15 -33.28 -3.08
C PRO F 81 45.80 -31.84 -3.44
N GLU F 82 44.53 -31.46 -3.36
CA GLU F 82 44.14 -30.09 -3.67
C GLU F 82 44.35 -29.13 -2.50
N ASP F 83 44.79 -29.62 -1.35
CA ASP F 83 45.00 -28.80 -0.17
C ASP F 83 46.41 -28.23 -0.09
N PHE F 84 47.22 -28.42 -1.11
CA PHE F 84 48.61 -27.94 -1.11
C PHE F 84 48.64 -26.51 -1.63
N ALA F 85 48.97 -25.57 -0.73
CA ALA F 85 49.04 -24.16 -1.09
C ALA F 85 49.49 -23.34 0.12
N THR F 86 49.59 -22.02 -0.05
CA THR F 86 49.97 -21.13 1.03
C THR F 86 48.74 -20.75 1.84
N TYR F 87 48.87 -20.80 3.17
CA TYR F 87 47.76 -20.53 4.08
C TYR F 87 48.09 -19.30 4.92
N TYR F 88 47.13 -18.39 5.02
CA TYR F 88 47.28 -17.17 5.80
C TYR F 88 46.24 -17.12 6.91
N CYS F 89 46.57 -16.36 7.96
CA CYS F 89 45.66 -16.14 9.09
C CYS F 89 45.47 -14.65 9.28
N GLN F 90 44.21 -14.24 9.43
CA GLN F 90 43.84 -12.83 9.53
C GLN F 90 43.09 -12.58 10.82
N GLN F 91 43.40 -11.48 11.47
CA GLN F 91 42.69 -11.03 12.67
C GLN F 91 41.84 -9.82 12.30
N SER F 92 40.53 -9.95 12.44
CA SER F 92 39.59 -8.87 12.17
C SER F 92 38.97 -8.30 13.43
N SER F 93 39.52 -8.62 14.60
CA SER F 93 38.98 -8.15 15.87
C SER F 93 39.42 -6.75 16.22
N SER F 94 40.28 -6.11 15.41
CA SER F 94 40.75 -4.78 15.71
C SER F 94 41.38 -4.18 14.46
N ARG F 95 41.36 -2.86 14.38
CA ARG F 95 41.96 -2.16 13.25
C ARG F 95 43.31 -1.60 13.65
N PRO F 96 44.26 -1.59 12.70
CA PRO F 96 44.07 -2.11 11.35
C PRO F 96 44.01 -3.63 11.31
N VAL F 97 43.38 -4.19 10.26
CA VAL F 97 43.37 -5.63 10.08
C VAL F 97 44.78 -6.12 9.80
N THR F 98 45.11 -7.29 10.33
CA THR F 98 46.46 -7.84 10.22
C THR F 98 46.39 -9.28 9.74
N PHE F 99 47.32 -9.64 8.86
CA PHE F 99 47.45 -10.99 8.34
C PHE F 99 48.69 -11.67 8.92
N GLY F 100 48.93 -12.90 8.49
CA GLY F 100 50.08 -13.66 8.92
C GLY F 100 51.20 -13.66 7.89
N GLN F 101 52.37 -14.14 8.32
CA GLN F 101 53.51 -14.17 7.42
C GLN F 101 53.33 -15.19 6.31
N GLY F 102 52.54 -16.23 6.54
CA GLY F 102 52.24 -17.20 5.52
C GLY F 102 52.89 -18.55 5.81
N THR F 103 52.19 -19.61 5.42
CA THR F 103 52.68 -20.98 5.57
C THR F 103 52.53 -21.69 4.24
N LYS F 104 53.66 -22.15 3.69
CA LYS F 104 53.68 -22.80 2.39
C LYS F 104 53.70 -24.32 2.61
N VAL F 105 52.61 -24.99 2.25
CA VAL F 105 52.47 -26.42 2.42
C VAL F 105 52.81 -27.11 1.09
N GLU F 106 53.83 -27.95 1.10
CA GLU F 106 54.30 -28.63 -0.09
C GLU F 106 54.19 -30.14 0.10
N ILE F 107 54.16 -30.86 -1.03
CA ILE F 107 53.99 -32.29 -1.02
C ILE F 107 55.35 -32.97 -0.93
N LYS F 108 55.35 -34.22 -0.45
CA LYS F 108 56.57 -35.00 -0.26
C LYS F 108 56.55 -36.20 -1.18
N ARG F 109 57.65 -36.43 -1.89
CA ARG F 109 57.81 -37.57 -2.77
C ARG F 109 59.16 -38.22 -2.52
N THR F 110 59.49 -39.21 -3.35
CA THR F 110 60.77 -39.88 -3.25
C THR F 110 61.87 -39.04 -3.88
N VAL F 111 63.10 -39.24 -3.41
CA VAL F 111 64.24 -38.49 -3.93
C VAL F 111 64.40 -38.78 -5.42
N ALA F 112 64.69 -37.72 -6.19
CA ALA F 112 64.84 -37.84 -7.64
C ALA F 112 66.06 -37.06 -8.08
N ALA F 113 66.93 -37.72 -8.84
CA ALA F 113 68.15 -37.08 -9.32
C ALA F 113 67.83 -36.11 -10.46
N PRO F 114 68.41 -34.90 -10.43
CA PRO F 114 68.09 -33.91 -11.46
C PRO F 114 68.82 -34.18 -12.77
N SER F 115 68.22 -33.69 -13.86
CA SER F 115 68.81 -33.81 -15.20
C SER F 115 69.39 -32.46 -15.59
N VAL F 116 70.72 -32.39 -15.67
CA VAL F 116 71.43 -31.13 -15.88
C VAL F 116 71.61 -30.87 -17.37
N PHE F 117 71.56 -29.59 -17.75
CA PHE F 117 71.76 -29.18 -19.13
C PHE F 117 72.44 -27.83 -19.16
N ILE F 118 73.34 -27.64 -20.12
CA ILE F 118 74.09 -26.40 -20.28
C ILE F 118 73.72 -25.81 -21.65
N PHE F 119 73.47 -24.51 -21.67
CA PHE F 119 73.02 -23.84 -22.89
C PHE F 119 73.93 -22.67 -23.24
N PRO F 120 74.70 -22.77 -24.33
CA PRO F 120 75.58 -21.67 -24.71
C PRO F 120 74.77 -20.48 -25.20
N PRO F 121 75.27 -19.26 -25.00
CA PRO F 121 74.52 -18.07 -25.47
C PRO F 121 74.42 -18.03 -26.99
N SER F 122 73.28 -17.55 -27.47
CA SER F 122 73.02 -17.52 -28.90
C SER F 122 73.81 -16.40 -29.57
N ASP F 123 74.23 -16.66 -30.81
CA ASP F 123 74.93 -15.65 -31.60
C ASP F 123 74.08 -14.41 -31.80
N SER F 124 72.77 -14.58 -31.93
CA SER F 124 71.87 -13.43 -32.03
C SER F 124 71.95 -12.55 -30.79
N GLN F 125 72.25 -13.15 -29.64
CA GLN F 125 72.39 -12.41 -28.40
C GLN F 125 73.77 -11.81 -28.24
N LEU F 126 74.80 -12.45 -28.79
CA LEU F 126 76.17 -11.97 -28.64
C LEU F 126 76.35 -10.60 -29.30
N LYS F 127 75.87 -10.45 -30.53
CA LYS F 127 76.03 -9.19 -31.25
C LYS F 127 75.36 -8.02 -30.55
N SER F 128 74.51 -8.28 -29.55
CA SER F 128 73.90 -7.21 -28.77
C SER F 128 74.81 -6.69 -27.67
N GLY F 129 76.02 -7.22 -27.55
CA GLY F 129 76.96 -6.76 -26.54
C GLY F 129 76.85 -7.41 -25.19
N THR F 130 76.19 -8.57 -25.10
CA THR F 130 76.04 -9.26 -23.82
C THR F 130 75.85 -10.75 -24.09
N ALA F 131 76.39 -11.56 -23.19
CA ALA F 131 76.34 -13.02 -23.32
C ALA F 131 75.79 -13.61 -22.04
N SER F 132 74.81 -14.51 -22.18
CA SER F 132 74.17 -15.17 -21.05
C SER F 132 74.13 -16.67 -21.32
N VAL F 133 74.81 -17.43 -20.47
CA VAL F 133 74.80 -18.89 -20.56
C VAL F 133 73.88 -19.45 -19.48
N VAL F 134 73.24 -20.58 -19.78
CA VAL F 134 72.18 -21.13 -18.94
C VAL F 134 72.53 -22.55 -18.53
N CYS F 135 72.43 -22.83 -17.23
CA CYS F 135 72.51 -24.17 -16.68
C CYS F 135 71.14 -24.55 -16.13
N LEU F 136 70.73 -25.79 -16.36
CA LEU F 136 69.36 -26.21 -16.10
C LEU F 136 69.33 -27.50 -15.29
N LEU F 137 68.71 -27.45 -14.10
CA LEU F 137 68.36 -28.62 -13.32
C LEU F 137 66.88 -28.90 -13.51
N ASN F 138 66.54 -30.15 -13.83
CA ASN F 138 65.19 -30.49 -14.27
C ASN F 138 64.67 -31.73 -13.54
N ASN F 139 63.49 -31.60 -12.95
CA ASN F 139 62.78 -32.71 -12.33
C ASN F 139 63.59 -33.37 -11.21
N PHE F 140 63.58 -32.76 -10.03
CA PHE F 140 64.33 -33.29 -8.89
C PHE F 140 63.56 -32.99 -7.61
N TYR F 141 64.00 -33.62 -6.53
CA TYR F 141 63.42 -33.41 -5.21
C TYR F 141 64.40 -33.85 -4.13
N PRO F 142 64.49 -33.09 -3.02
CA PRO F 142 63.73 -31.86 -2.73
C PRO F 142 64.30 -30.63 -3.41
N ARG F 143 63.79 -29.45 -3.04
CA ARG F 143 64.23 -28.21 -3.69
C ARG F 143 65.72 -27.99 -3.52
N GLU F 144 66.23 -28.20 -2.31
CA GLU F 144 67.62 -27.87 -1.98
C GLU F 144 68.60 -28.53 -2.95
N ALA F 145 69.24 -27.71 -3.78
CA ALA F 145 70.27 -28.16 -4.71
C ALA F 145 71.18 -26.97 -5.00
N LYS F 146 72.42 -27.26 -5.36
CA LYS F 146 73.45 -26.24 -5.46
C LYS F 146 74.20 -26.35 -6.77
N VAL F 147 74.24 -25.24 -7.52
CA VAL F 147 74.92 -25.15 -8.81
C VAL F 147 76.11 -24.20 -8.65
N GLN F 148 77.26 -24.62 -9.17
CA GLN F 148 78.51 -23.87 -9.05
C GLN F 148 79.04 -23.58 -10.44
N TRP F 149 79.20 -22.31 -10.77
CA TRP F 149 79.67 -21.89 -12.08
C TRP F 149 81.19 -21.78 -12.08
N LYS F 150 81.83 -22.43 -13.05
CA LYS F 150 83.28 -22.42 -13.20
C LYS F 150 83.64 -21.94 -14.59
N VAL F 151 84.53 -20.95 -14.66
CA VAL F 151 85.03 -20.39 -15.92
C VAL F 151 86.53 -20.64 -15.95
N ASP F 152 86.95 -21.56 -16.82
CA ASP F 152 88.36 -21.96 -16.89
C ASP F 152 88.85 -22.43 -15.51
N ASN F 153 88.03 -23.24 -14.84
CA ASN F 153 88.36 -23.77 -13.52
C ASN F 153 88.50 -22.66 -12.48
N ALA F 154 87.75 -21.58 -12.67
CA ALA F 154 87.75 -20.45 -11.74
C ALA F 154 86.36 -20.24 -11.19
N LEU F 155 86.25 -20.17 -9.86
CA LEU F 155 84.95 -19.98 -9.23
C LEU F 155 84.45 -18.56 -9.46
N GLN F 156 83.20 -18.44 -9.91
CA GLN F 156 82.56 -17.15 -10.14
C GLN F 156 81.59 -16.85 -9.02
N SER F 157 81.57 -15.58 -8.58
CA SER F 157 80.73 -15.16 -7.48
C SER F 157 80.14 -13.78 -7.78
N GLY F 158 78.86 -13.60 -7.42
CA GLY F 158 78.16 -12.36 -7.64
C GLY F 158 77.55 -12.20 -9.02
N ASN F 159 77.87 -13.09 -9.96
CA ASN F 159 77.34 -13.01 -11.32
C ASN F 159 76.35 -14.13 -11.63
N SER F 160 75.74 -14.71 -10.60
CA SER F 160 74.82 -15.82 -10.74
C SER F 160 73.45 -15.42 -10.22
N GLN F 161 72.44 -15.53 -11.08
CA GLN F 161 71.05 -15.29 -10.72
C GLN F 161 70.24 -16.50 -11.14
N GLU F 162 69.52 -17.10 -10.20
CA GLU F 162 68.76 -18.32 -10.46
C GLU F 162 67.33 -18.18 -9.97
N SER F 163 66.42 -18.82 -10.69
CA SER F 163 65.00 -18.84 -10.36
C SER F 163 64.49 -20.27 -10.44
N VAL F 164 63.67 -20.66 -9.46
CA VAL F 164 63.15 -22.01 -9.36
C VAL F 164 61.64 -21.97 -9.53
N THR F 165 61.11 -22.93 -10.28
CA THR F 165 59.67 -23.04 -10.49
C THR F 165 59.00 -23.63 -9.26
N GLU F 166 57.69 -23.41 -9.15
CA GLU F 166 56.93 -24.06 -8.10
C GLU F 166 56.82 -25.54 -8.38
N GLN F 167 56.46 -26.30 -7.34
CA GLN F 167 56.43 -27.75 -7.44
C GLN F 167 55.46 -28.19 -8.53
N ASP F 168 55.87 -29.20 -9.29
CA ASP F 168 55.07 -29.69 -10.40
C ASP F 168 53.77 -30.31 -9.90
N SER F 169 52.73 -30.24 -10.74
CA SER F 169 51.42 -30.74 -10.38
C SER F 169 51.32 -32.26 -10.43
N LYS F 170 52.25 -32.93 -11.11
CA LYS F 170 52.16 -34.38 -11.28
C LYS F 170 53.26 -35.10 -10.49
N ASP F 171 54.46 -35.19 -11.06
CA ASP F 171 55.55 -35.88 -10.38
C ASP F 171 56.04 -35.16 -9.14
N SER F 172 55.57 -33.94 -8.88
CA SER F 172 55.95 -33.19 -7.69
C SER F 172 57.44 -32.91 -7.64
N THR F 173 58.06 -32.74 -8.81
CA THR F 173 59.48 -32.39 -8.90
C THR F 173 59.63 -30.90 -9.13
N TYR F 174 60.87 -30.44 -9.05
CA TYR F 174 61.21 -29.03 -9.19
C TYR F 174 62.04 -28.82 -10.47
N SER F 175 62.33 -27.55 -10.75
CA SER F 175 63.19 -27.19 -11.87
C SER F 175 63.87 -25.88 -11.53
N LEU F 176 65.19 -25.86 -11.64
CA LEU F 176 66.01 -24.71 -11.27
C LEU F 176 66.78 -24.21 -12.47
N SER F 177 67.03 -22.91 -12.50
CA SER F 177 67.70 -22.27 -13.64
C SER F 177 68.74 -21.29 -13.13
N SER F 178 69.97 -21.44 -13.60
CA SER F 178 71.07 -20.55 -13.22
C SER F 178 71.59 -19.85 -14.47
N THR F 179 71.44 -18.53 -14.52
CA THR F 179 71.81 -17.72 -15.67
C THR F 179 73.12 -16.99 -15.39
N LEU F 180 74.12 -17.23 -16.23
CA LEU F 180 75.42 -16.62 -16.11
C LEU F 180 75.48 -15.40 -17.05
N THR F 181 75.58 -14.21 -16.47
CA THR F 181 75.55 -12.96 -17.23
C THR F 181 76.94 -12.34 -17.24
N LEU F 182 77.47 -12.12 -18.44
CA LEU F 182 78.78 -11.51 -18.60
C LEU F 182 78.76 -10.64 -19.85
N SER F 183 79.61 -9.61 -19.85
CA SER F 183 79.78 -8.80 -21.04
C SER F 183 80.38 -9.63 -22.17
N LYS F 184 80.01 -9.29 -23.40
CA LYS F 184 80.55 -10.02 -24.55
C LYS F 184 82.07 -9.95 -24.60
N ALA F 185 82.65 -8.90 -24.01
CA ALA F 185 84.10 -8.78 -23.97
C ALA F 185 84.70 -9.74 -22.94
N ASP F 186 84.08 -9.86 -21.78
CA ASP F 186 84.55 -10.80 -20.77
C ASP F 186 84.24 -12.25 -21.15
N TYR F 187 83.16 -12.46 -21.90
CA TYR F 187 82.81 -13.82 -22.31
C TYR F 187 83.86 -14.41 -23.25
N GLU F 188 84.49 -13.57 -24.06
CA GLU F 188 85.46 -14.02 -25.06
C GLU F 188 86.87 -14.14 -24.50
N LYS F 189 87.06 -13.97 -23.20
CA LYS F 189 88.36 -14.12 -22.57
C LYS F 189 88.63 -15.54 -22.08
N HIS F 190 87.61 -16.38 -22.03
CA HIS F 190 87.74 -17.73 -21.47
C HIS F 190 87.17 -18.75 -22.44
N LYS F 191 87.61 -20.00 -22.29
CA LYS F 191 87.13 -21.11 -23.11
C LYS F 191 86.17 -22.01 -22.34
N VAL F 192 86.60 -22.52 -21.19
CA VAL F 192 85.83 -23.51 -20.45
C VAL F 192 84.75 -22.80 -19.64
N TYR F 193 83.50 -23.21 -19.86
CA TYR F 193 82.36 -22.72 -19.09
C TYR F 193 81.58 -23.93 -18.58
N ALA F 194 81.50 -24.08 -17.26
CA ALA F 194 80.93 -25.28 -16.67
C ALA F 194 80.15 -24.94 -15.40
N CYS F 195 79.06 -25.68 -15.18
CA CYS F 195 78.31 -25.63 -13.93
C CYS F 195 78.35 -27.01 -13.27
N GLU F 196 78.46 -27.02 -11.94
CA GLU F 196 78.54 -28.25 -11.16
C GLU F 196 77.38 -28.28 -10.18
N VAL F 197 76.53 -29.31 -10.30
CA VAL F 197 75.34 -29.45 -9.48
C VAL F 197 75.60 -30.52 -8.41
N THR F 198 75.52 -30.12 -7.14
CA THR F 198 75.60 -31.03 -6.01
C THR F 198 74.21 -31.19 -5.42
N HIS F 199 73.70 -32.43 -5.40
CA HIS F 199 72.36 -32.70 -4.95
C HIS F 199 72.35 -33.97 -4.11
N GLN F 200 71.30 -34.11 -3.30
CA GLN F 200 71.16 -35.29 -2.44
C GLN F 200 70.92 -36.55 -3.28
N GLY F 201 70.19 -36.43 -4.37
CA GLY F 201 69.93 -37.56 -5.25
C GLY F 201 71.08 -37.95 -6.15
N LEU F 202 72.25 -37.33 -5.99
CA LEU F 202 73.42 -37.62 -6.80
C LEU F 202 74.57 -38.01 -5.89
N SER F 203 75.11 -39.22 -6.09
CA SER F 203 76.24 -39.66 -5.30
C SER F 203 77.47 -38.82 -5.57
N SER F 204 77.66 -38.41 -6.82
CA SER F 204 78.82 -37.61 -7.21
C SER F 204 78.37 -36.40 -8.02
N PRO F 205 79.06 -35.27 -7.86
CA PRO F 205 78.65 -34.05 -8.56
C PRO F 205 78.71 -34.21 -10.07
N VAL F 206 77.72 -33.64 -10.75
CA VAL F 206 77.62 -33.69 -12.20
C VAL F 206 78.06 -32.36 -12.78
N THR F 207 78.95 -32.40 -13.77
CA THR F 207 79.50 -31.20 -14.39
C THR F 207 79.24 -31.24 -15.90
N LYS F 208 78.27 -30.44 -16.34
CA LYS F 208 78.01 -30.23 -17.77
C LYS F 208 78.67 -28.93 -18.21
N SER F 209 79.45 -29.01 -19.29
CA SER F 209 80.24 -27.85 -19.71
C SER F 209 80.43 -27.88 -21.21
N PHE F 210 80.73 -26.70 -21.76
CA PHE F 210 81.06 -26.51 -23.17
C PHE F 210 82.29 -25.61 -23.25
N ASN F 211 82.77 -25.41 -24.48
CA ASN F 211 83.94 -24.56 -24.71
C ASN F 211 83.59 -23.49 -25.74
N ARG F 212 83.94 -22.24 -25.41
CA ARG F 212 83.58 -21.12 -26.26
C ARG F 212 84.17 -21.28 -27.66
N GLY F 213 83.37 -20.91 -28.67
CA GLY F 213 83.83 -20.99 -30.04
C GLY F 213 83.86 -22.38 -30.62
N GLU F 214 83.18 -23.34 -29.98
CA GLU F 214 83.16 -24.72 -30.45
C GLU F 214 81.73 -25.17 -30.76
N GLU G 4 -32.64 -1.45 -5.15
CA GLU G 4 -32.23 -2.16 -3.95
C GLU G 4 -31.97 -1.20 -2.80
N VAL G 5 -32.80 -0.16 -2.72
CA VAL G 5 -32.67 0.88 -1.70
C VAL G 5 -33.99 0.97 -0.95
N GLN G 6 -33.90 1.46 0.29
CA GLN G 6 -35.10 1.59 1.12
C GLN G 6 -34.73 2.26 2.43
N LEU G 7 -35.73 2.85 3.08
CA LEU G 7 -35.60 3.45 4.40
C LEU G 7 -36.77 3.00 5.25
N VAL G 8 -36.49 2.52 6.46
CA VAL G 8 -37.50 1.96 7.35
C VAL G 8 -37.55 2.81 8.61
N GLU G 9 -38.64 3.55 8.79
CA GLU G 9 -38.85 4.29 10.02
C GLU G 9 -39.48 3.39 11.07
N SER G 10 -39.25 3.74 12.33
CA SER G 10 -39.81 2.99 13.45
C SER G 10 -39.70 3.84 14.70
N GLY G 11 -40.49 3.47 15.71
CA GLY G 11 -40.57 4.22 16.94
C GLY G 11 -41.83 5.04 17.10
N GLY G 12 -42.84 4.84 16.25
CA GLY G 12 -44.09 5.55 16.40
C GLY G 12 -45.02 4.89 17.39
N GLY G 13 -46.01 5.65 17.82
CA GLY G 13 -46.99 5.17 18.78
C GLY G 13 -47.62 6.32 19.52
N LEU G 14 -48.58 5.96 20.36
CA LEU G 14 -49.29 6.97 21.15
C LEU G 14 -48.39 7.49 22.27
N VAL G 15 -48.45 8.79 22.51
CA VAL G 15 -47.57 9.41 23.51
C VAL G 15 -48.31 10.55 24.17
N GLN G 16 -48.06 10.74 25.46
CA GLN G 16 -48.73 11.81 26.19
C GLN G 16 -48.09 13.15 25.85
N PRO G 17 -48.88 14.21 25.74
CA PRO G 17 -48.31 15.53 25.45
C PRO G 17 -47.34 15.95 26.56
N GLY G 18 -46.26 16.61 26.15
CA GLY G 18 -45.19 16.94 27.07
C GLY G 18 -44.19 15.82 27.29
N GLY G 19 -44.43 14.65 26.72
CA GLY G 19 -43.50 13.54 26.80
C GLY G 19 -42.43 13.62 25.74
N SER G 20 -41.88 12.45 25.40
CA SER G 20 -40.81 12.39 24.42
C SER G 20 -40.88 11.06 23.68
N LEU G 21 -40.54 11.10 22.39
CA LEU G 21 -40.51 9.93 21.53
C LEU G 21 -39.27 10.01 20.67
N ARG G 22 -38.80 8.84 20.21
CA ARG G 22 -37.55 8.74 19.46
C ARG G 22 -37.76 7.85 18.25
N LEU G 23 -37.56 8.42 17.06
CA LEU G 23 -37.73 7.71 15.80
C LEU G 23 -36.38 7.38 15.19
N SER G 24 -36.27 6.19 14.61
CA SER G 24 -35.05 5.74 13.95
C SER G 24 -35.33 5.44 12.49
N CYS G 25 -34.33 5.69 11.65
CA CYS G 25 -34.43 5.48 10.21
C CYS G 25 -33.29 4.56 9.77
N ALA G 26 -33.63 3.36 9.35
CA ALA G 26 -32.67 2.36 8.92
C ALA G 26 -32.54 2.42 7.39
N ALA G 27 -31.34 2.78 6.92
CA ALA G 27 -31.08 2.93 5.50
C ALA G 27 -30.21 1.79 5.00
N SER G 28 -30.43 1.41 3.74
CA SER G 28 -29.67 0.34 3.12
C SER G 28 -29.79 0.45 1.61
N GLY G 29 -28.77 -0.01 0.90
CA GLY G 29 -28.74 0.01 -0.54
C GLY G 29 -27.94 1.16 -1.12
N PHE G 30 -27.67 2.20 -0.36
CA PHE G 30 -26.88 3.34 -0.81
C PHE G 30 -25.81 3.65 0.24
N ASN G 31 -25.05 4.70 -0.01
CA ASN G 31 -23.96 5.10 0.88
C ASN G 31 -24.50 6.10 1.90
N PHE G 32 -24.62 5.66 3.15
CA PHE G 32 -25.17 6.53 4.19
C PHE G 32 -24.22 7.68 4.51
N SER G 33 -22.91 7.44 4.42
CA SER G 33 -21.94 8.46 4.79
C SER G 33 -22.02 9.69 3.90
N SER G 34 -22.49 9.52 2.66
CA SER G 34 -22.51 10.62 1.69
C SER G 34 -23.86 11.33 1.68
N SER G 35 -24.91 10.62 1.26
CA SER G 35 -26.21 11.25 1.05
C SER G 35 -26.75 11.84 2.35
N SER G 36 -27.41 12.98 2.24
CA SER G 36 -28.05 13.62 3.37
C SER G 36 -29.40 12.96 3.67
N ILE G 37 -29.77 12.98 4.95
CA ILE G 37 -31.03 12.40 5.42
C ILE G 37 -31.97 13.52 5.82
N HIS G 38 -33.25 13.36 5.50
CA HIS G 38 -34.26 14.38 5.75
C HIS G 38 -35.49 13.77 6.40
N TRP G 39 -36.05 14.48 7.37
CA TRP G 39 -37.31 14.11 8.00
C TRP G 39 -38.40 15.07 7.54
N VAL G 40 -39.53 14.52 7.11
CA VAL G 40 -40.65 15.31 6.61
C VAL G 40 -41.93 14.69 7.14
N ARG G 41 -42.70 15.47 7.90
CA ARG G 41 -43.95 15.00 8.49
C ARG G 41 -45.14 15.53 7.69
N GLN G 42 -46.20 14.73 7.66
CA GLN G 42 -47.44 15.10 6.97
C GLN G 42 -48.59 14.98 7.97
N ALA G 43 -49.09 16.13 8.42
CA ALA G 43 -50.20 16.11 9.36
C ALA G 43 -51.42 15.45 8.73
N PRO G 44 -52.28 14.82 9.53
CA PRO G 44 -53.44 14.11 8.98
C PRO G 44 -54.31 15.03 8.14
N GLY G 45 -54.45 14.71 6.86
CA GLY G 45 -55.24 15.48 5.93
C GLY G 45 -54.57 16.70 5.35
N LYS G 46 -53.44 17.13 5.92
CA LYS G 46 -52.72 18.31 5.43
C LYS G 46 -51.68 17.87 4.39
N GLY G 47 -50.73 18.75 4.10
CA GLY G 47 -49.66 18.49 3.14
C GLY G 47 -48.38 18.05 3.82
N LEU G 48 -47.26 18.29 3.14
CA LEU G 48 -45.95 17.90 3.63
C LEU G 48 -45.29 19.07 4.35
N GLU G 49 -44.57 18.76 5.43
CA GLU G 49 -43.85 19.75 6.21
C GLU G 49 -42.45 19.25 6.49
N TRP G 50 -41.48 20.17 6.46
CA TRP G 50 -40.08 19.86 6.69
C TRP G 50 -39.71 20.15 8.12
N VAL G 51 -39.15 19.16 8.81
CA VAL G 51 -38.82 19.29 10.23
C VAL G 51 -37.33 19.55 10.41
N ALA G 52 -36.50 18.65 9.90
CA ALA G 52 -35.06 18.79 10.09
C ALA G 52 -34.33 17.97 9.03
N SER G 53 -33.05 18.29 8.84
CA SER G 53 -32.19 17.58 7.92
C SER G 53 -30.82 17.41 8.56
N ILE G 54 -30.08 16.41 8.06
CA ILE G 54 -28.78 16.04 8.60
C ILE G 54 -27.88 15.61 7.45
N SER G 55 -26.58 15.73 7.68
CA SER G 55 -25.57 15.24 6.74
C SER G 55 -24.53 14.45 7.52
N PRO G 56 -24.67 13.13 7.62
CA PRO G 56 -23.64 12.33 8.28
C PRO G 56 -22.31 12.54 7.58
N SER G 57 -21.23 12.41 8.35
CA SER G 57 -19.87 12.72 7.89
C SER G 57 -19.52 14.15 8.26
N TYR G 58 -19.96 15.13 7.46
CA TYR G 58 -19.72 16.52 7.81
C TYR G 58 -20.48 16.93 9.07
N GLY G 59 -21.53 16.20 9.41
CA GLY G 59 -22.23 16.43 10.67
C GLY G 59 -23.03 17.70 10.76
N TYR G 60 -23.66 18.12 9.66
CA TYR G 60 -24.51 19.29 9.65
C TYR G 60 -25.88 18.96 10.21
N THR G 61 -26.54 19.99 10.73
CA THR G 61 -27.91 19.85 11.25
C THR G 61 -28.71 21.08 10.88
N TYR G 62 -29.89 20.87 10.29
CA TYR G 62 -30.77 21.94 9.86
C TYR G 62 -32.14 21.72 10.47
N TYR G 63 -32.62 22.71 11.23
CA TYR G 63 -33.89 22.61 11.92
C TYR G 63 -34.84 23.72 11.45
N ALA G 64 -36.13 23.42 11.50
CA ALA G 64 -37.16 24.40 11.21
C ALA G 64 -37.54 25.15 12.47
N ASP G 65 -38.05 26.37 12.30
CA ASP G 65 -38.47 27.17 13.44
C ASP G 65 -39.60 26.52 14.22
N SER G 66 -40.28 25.54 13.63
CA SER G 66 -41.39 24.86 14.30
C SER G 66 -40.90 23.86 15.33
N VAL G 67 -39.90 23.05 14.98
CA VAL G 67 -39.39 22.00 15.85
C VAL G 67 -38.08 22.40 16.52
N LYS G 68 -37.64 23.64 16.34
CA LYS G 68 -36.33 24.06 16.86
C LYS G 68 -36.36 24.13 18.38
N GLY G 69 -35.40 23.46 19.02
CA GLY G 69 -35.29 23.40 20.46
C GLY G 69 -35.94 22.16 21.06
N ARG G 70 -37.03 21.68 20.47
CA ARG G 70 -37.71 20.48 20.93
C ARG G 70 -37.29 19.23 20.16
N PHE G 71 -36.64 19.39 19.01
CA PHE G 71 -36.26 18.29 18.15
C PHE G 71 -34.76 18.31 17.90
N THR G 72 -34.13 17.14 17.97
CA THR G 72 -32.70 16.98 17.72
C THR G 72 -32.51 15.82 16.77
N ILE G 73 -31.92 16.09 15.62
CA ILE G 73 -31.66 15.07 14.59
C ILE G 73 -30.19 14.67 14.66
N SER G 74 -29.94 13.38 14.48
CA SER G 74 -28.58 12.86 14.51
C SER G 74 -28.53 11.57 13.70
N ALA G 75 -27.32 11.20 13.29
CA ALA G 75 -27.12 10.00 12.50
C ALA G 75 -25.88 9.27 12.99
N ASP G 76 -25.97 7.95 13.07
CA ASP G 76 -24.86 7.11 13.48
C ASP G 76 -24.27 6.43 12.25
N THR G 77 -23.10 6.89 11.83
CA THR G 77 -22.51 6.37 10.59
C THR G 77 -22.20 4.88 10.71
N SER G 78 -21.81 4.43 11.89
CA SER G 78 -21.45 3.02 12.05
C SER G 78 -22.68 2.12 11.99
N LYS G 79 -23.83 2.60 12.45
CA LYS G 79 -25.04 1.80 12.45
C LYS G 79 -25.88 1.98 11.20
N ASN G 80 -25.55 2.94 10.34
CA ASN G 80 -26.31 3.19 9.12
C ASN G 80 -27.75 3.57 9.45
N THR G 81 -27.93 4.41 10.47
CA THR G 81 -29.25 4.78 10.93
C THR G 81 -29.28 6.27 11.24
N ALA G 82 -30.45 6.87 11.05
CA ALA G 82 -30.68 8.28 11.35
C ALA G 82 -31.73 8.37 12.45
N TYR G 83 -31.40 9.07 13.53
CA TYR G 83 -32.27 9.18 14.70
C TYR G 83 -32.89 10.58 14.75
N LEU G 84 -34.14 10.64 15.20
CA LEU G 84 -34.84 11.90 15.40
C LEU G 84 -35.47 11.88 16.79
N GLN G 85 -34.93 12.68 17.70
CA GLN G 85 -35.39 12.75 19.08
C GLN G 85 -36.39 13.89 19.21
N MET G 86 -37.51 13.62 19.87
CA MET G 86 -38.61 14.58 20.02
C MET G 86 -38.87 14.80 21.50
N ASN G 87 -38.58 16.01 21.99
CA ASN G 87 -38.87 16.41 23.35
C ASN G 87 -39.97 17.48 23.35
N SER G 88 -40.69 17.56 24.47
CA SER G 88 -41.78 18.52 24.62
C SER G 88 -42.81 18.35 23.50
N LEU G 89 -43.17 17.09 23.23
CA LEU G 89 -44.13 16.80 22.18
C LEU G 89 -45.49 17.43 22.50
N ARG G 90 -46.13 18.00 21.48
CA ARG G 90 -47.42 18.64 21.62
C ARG G 90 -48.42 17.99 20.68
N ALA G 91 -49.68 18.41 20.80
CA ALA G 91 -50.76 17.76 20.05
C ALA G 91 -50.62 18.01 18.55
N GLU G 92 -50.19 19.20 18.16
CA GLU G 92 -50.08 19.52 16.74
C GLU G 92 -49.00 18.73 16.04
N ASP G 93 -48.05 18.15 16.78
CA ASP G 93 -47.00 17.35 16.18
C ASP G 93 -47.49 16.00 15.68
N THR G 94 -48.74 15.63 15.95
CA THR G 94 -49.27 14.37 15.49
C THR G 94 -49.33 14.34 13.97
N ALA G 95 -48.70 13.34 13.37
CA ALA G 95 -48.67 13.20 11.92
C ALA G 95 -47.78 12.03 11.56
N VAL G 96 -47.83 11.64 10.29
CA VAL G 96 -46.95 10.60 9.77
C VAL G 96 -45.59 11.21 9.47
N TYR G 97 -44.52 10.51 9.85
CA TYR G 97 -43.16 11.04 9.75
C TYR G 97 -42.40 10.26 8.68
N TYR G 98 -42.04 10.94 7.60
CA TYR G 98 -41.30 10.34 6.50
C TYR G 98 -39.81 10.60 6.68
N CYS G 99 -39.01 9.55 6.43
CA CYS G 99 -37.57 9.67 6.33
C CYS G 99 -37.19 9.73 4.86
N ALA G 100 -36.43 10.74 4.47
CA ALA G 100 -36.16 10.97 3.06
C ALA G 100 -34.68 11.26 2.83
N ARG G 101 -34.15 10.74 1.72
CA ARG G 101 -32.78 10.95 1.33
C ARG G 101 -32.70 11.96 0.20
N GLY G 102 -31.89 13.01 0.39
CA GLY G 102 -31.63 13.95 -0.68
C GLY G 102 -30.92 13.29 -1.85
N ILE G 103 -31.11 13.87 -3.04
CA ILE G 103 -30.59 13.29 -4.27
C ILE G 103 -29.30 13.99 -4.66
N TRP G 104 -28.32 13.20 -5.07
CA TRP G 104 -26.95 13.68 -5.23
C TRP G 104 -26.76 14.44 -6.54
N SER G 105 -25.90 15.46 -6.49
CA SER G 105 -25.51 16.24 -7.65
C SER G 105 -24.11 16.78 -7.39
N TYR G 106 -23.25 16.71 -8.40
CA TYR G 106 -21.86 17.14 -8.20
C TYR G 106 -21.79 18.57 -7.65
N TRP G 107 -22.70 19.44 -8.06
CA TRP G 107 -22.68 20.81 -7.57
C TRP G 107 -22.69 20.87 -6.04
N TYR G 108 -23.27 19.85 -5.39
CA TYR G 108 -23.01 19.70 -3.96
C TYR G 108 -21.54 19.85 -3.62
N MET G 109 -20.66 19.42 -4.52
CA MET G 109 -19.23 19.34 -4.21
C MET G 109 -18.64 20.72 -3.95
N VAL G 110 -18.87 21.67 -4.86
CA VAL G 110 -18.27 23.00 -4.73
C VAL G 110 -18.79 23.71 -3.49
N TYR G 111 -20.10 23.66 -3.27
CA TYR G 111 -20.73 24.34 -2.15
C TYR G 111 -21.72 23.37 -1.50
N PRO G 112 -21.74 23.26 -0.18
CA PRO G 112 -22.70 22.36 0.47
C PRO G 112 -23.96 23.11 0.91
N HIS G 113 -24.87 22.40 1.57
CA HIS G 113 -26.09 22.92 2.20
C HIS G 113 -27.26 23.01 1.22
N ASP G 114 -27.09 22.62 -0.04
CA ASP G 114 -28.12 22.78 -1.05
C ASP G 114 -28.85 21.44 -1.21
N ASN G 115 -30.15 21.44 -0.92
CA ASN G 115 -30.89 20.18 -0.83
C ASN G 115 -31.26 19.67 -2.23
N TYR G 116 -31.94 20.49 -3.02
CA TYR G 116 -32.37 20.15 -4.37
C TYR G 116 -33.44 19.06 -4.37
N GLY G 117 -34.09 18.83 -3.24
CA GLY G 117 -35.16 17.86 -3.16
C GLY G 117 -34.74 16.54 -2.52
N MET G 118 -35.72 15.66 -2.37
CA MET G 118 -35.53 14.34 -1.80
C MET G 118 -35.88 13.27 -2.83
N ASP G 119 -35.00 12.28 -2.97
CA ASP G 119 -35.18 11.22 -3.96
C ASP G 119 -36.13 10.13 -3.46
N TYR G 120 -35.78 9.50 -2.34
CA TYR G 120 -36.48 8.32 -1.84
C TYR G 120 -37.10 8.64 -0.50
N TRP G 121 -38.37 8.28 -0.34
CA TRP G 121 -39.13 8.53 0.87
C TRP G 121 -39.53 7.20 1.48
N GLY G 122 -39.17 6.98 2.74
CA GLY G 122 -39.69 5.84 3.45
C GLY G 122 -41.19 5.95 3.65
N GLN G 123 -41.85 4.80 3.77
CA GLN G 123 -43.30 4.81 3.93
C GLN G 123 -43.77 5.57 5.15
N GLY G 124 -42.87 5.90 6.08
CA GLY G 124 -43.20 6.72 7.22
C GLY G 124 -43.75 5.93 8.38
N THR G 125 -43.81 6.61 9.53
CA THR G 125 -44.34 6.04 10.75
C THR G 125 -45.30 7.03 11.39
N LEU G 126 -46.42 6.52 11.91
CA LEU G 126 -47.45 7.35 12.50
C LEU G 126 -47.11 7.68 13.95
N VAL G 127 -47.33 8.93 14.33
CA VAL G 127 -47.08 9.41 15.68
C VAL G 127 -48.29 10.21 16.13
N THR G 128 -48.91 9.80 17.23
CA THR G 128 -50.09 10.46 17.77
C THR G 128 -49.77 11.00 19.15
N VAL G 129 -49.90 12.30 19.32
CA VAL G 129 -49.64 12.97 20.59
C VAL G 129 -50.97 13.46 21.13
N SER G 130 -51.42 12.86 22.23
CA SER G 130 -52.64 13.28 22.89
C SER G 130 -52.69 12.65 24.28
N SER G 131 -53.38 13.32 25.19
CA SER G 131 -53.63 12.78 26.51
C SER G 131 -54.73 11.72 26.51
N ALA G 132 -55.47 11.58 25.41
CA ALA G 132 -56.54 10.59 25.35
C ALA G 132 -55.97 9.18 25.49
N SER G 133 -56.60 8.39 26.35
CA SER G 133 -56.16 7.03 26.56
C SER G 133 -56.63 6.13 25.42
N THR G 134 -55.98 4.97 25.30
CA THR G 134 -56.40 3.99 24.31
C THR G 134 -57.80 3.47 24.63
N LYS G 135 -58.57 3.23 23.58
CA LYS G 135 -59.95 2.76 23.75
C LYS G 135 -60.34 1.91 22.55
N GLY G 136 -60.95 0.77 22.83
CA GLY G 136 -61.35 -0.16 21.78
C GLY G 136 -62.66 0.24 21.13
N PRO G 137 -62.78 -0.05 19.83
CA PRO G 137 -63.98 0.36 19.09
C PRO G 137 -65.14 -0.59 19.28
N SER G 138 -66.34 -0.04 19.31
CA SER G 138 -67.57 -0.82 19.35
C SER G 138 -68.01 -1.13 17.92
N VAL G 139 -68.40 -2.37 17.67
CA VAL G 139 -68.76 -2.85 16.34
C VAL G 139 -70.26 -3.11 16.34
N PHE G 140 -71.00 -2.28 15.60
CA PHE G 140 -72.44 -2.42 15.49
C PHE G 140 -72.83 -2.74 14.04
N PRO G 141 -73.79 -3.63 13.83
CA PRO G 141 -74.14 -4.03 12.47
C PRO G 141 -75.10 -3.05 11.81
N LEU G 142 -75.02 -3.00 10.47
CA LEU G 142 -75.94 -2.21 9.65
C LEU G 142 -76.77 -3.21 8.85
N ALA G 143 -77.99 -3.48 9.32
CA ALA G 143 -78.82 -4.54 8.77
C ALA G 143 -79.43 -4.12 7.44
N PRO G 144 -79.54 -5.06 6.48
CA PRO G 144 -80.19 -4.74 5.21
C PRO G 144 -81.70 -4.68 5.37
N SER G 145 -82.32 -3.70 4.70
CA SER G 145 -83.75 -3.48 4.84
C SER G 145 -84.54 -4.56 4.11
N SER G 146 -85.65 -4.98 4.70
CA SER G 146 -86.53 -5.94 4.04
C SER G 146 -87.28 -5.31 2.87
N LYS G 147 -87.49 -3.99 2.92
CA LYS G 147 -88.13 -3.28 1.82
C LYS G 147 -87.26 -3.24 0.57
N SER G 148 -85.97 -3.58 0.70
CA SER G 148 -85.02 -3.47 -0.40
C SER G 148 -85.55 -4.12 -1.67
N THR G 149 -84.97 -3.74 -2.82
CA THR G 149 -85.52 -4.13 -4.11
C THR G 149 -85.31 -5.62 -4.37
N SER G 150 -86.38 -6.31 -4.76
CA SER G 150 -86.29 -7.69 -5.21
C SER G 150 -85.96 -7.69 -6.71
N GLY G 151 -84.83 -8.27 -7.06
CA GLY G 151 -84.27 -8.07 -8.38
C GLY G 151 -83.23 -6.96 -8.44
N GLY G 152 -82.70 -6.55 -7.29
CA GLY G 152 -81.67 -5.53 -7.21
C GLY G 152 -80.60 -5.92 -6.22
N THR G 153 -79.94 -4.93 -5.62
CA THR G 153 -78.83 -5.16 -4.70
C THR G 153 -79.16 -4.55 -3.34
N ALA G 154 -78.95 -5.31 -2.27
CA ALA G 154 -79.11 -4.81 -0.92
C ALA G 154 -77.79 -4.19 -0.44
N ALA G 155 -77.78 -3.74 0.80
CA ALA G 155 -76.62 -3.04 1.36
C ALA G 155 -76.38 -3.50 2.78
N LEU G 156 -75.25 -4.16 3.01
CA LEU G 156 -74.78 -4.51 4.34
C LEU G 156 -73.78 -3.46 4.82
N GLY G 157 -73.39 -3.57 6.08
CA GLY G 157 -72.45 -2.61 6.62
C GLY G 157 -72.12 -2.93 8.07
N CYS G 158 -71.00 -2.35 8.51
CA CYS G 158 -70.52 -2.46 9.89
C CYS G 158 -70.16 -1.07 10.39
N LEU G 159 -70.63 -0.73 11.59
CA LEU G 159 -70.41 0.58 12.19
C LEU G 159 -69.35 0.42 13.29
N VAL G 160 -68.13 0.87 12.99
CA VAL G 160 -67.03 0.83 13.96
C VAL G 160 -66.99 2.19 14.65
N LYS G 161 -67.37 2.23 15.91
CA LYS G 161 -67.58 3.49 16.62
C LYS G 161 -66.75 3.54 17.91
N ASP G 162 -66.29 4.75 18.24
CA ASP G 162 -65.64 5.06 19.50
C ASP G 162 -64.35 4.25 19.67
N TYR G 163 -63.35 4.61 18.86
CA TYR G 163 -62.03 4.02 18.96
C TYR G 163 -60.96 5.10 18.89
N PHE G 164 -59.86 4.86 19.58
CA PHE G 164 -58.72 5.78 19.59
C PHE G 164 -57.44 5.00 19.83
N PRO G 165 -56.39 5.30 19.05
CA PRO G 165 -56.40 6.23 17.92
C PRO G 165 -56.42 5.49 16.59
N GLU G 166 -56.20 6.20 15.50
CA GLU G 166 -56.10 5.55 14.19
C GLU G 166 -54.93 4.57 14.17
N PRO G 167 -54.95 3.62 13.24
CA PRO G 167 -56.06 3.37 12.31
C PRO G 167 -56.79 2.07 12.60
N VAL G 168 -57.90 1.84 11.90
CA VAL G 168 -58.68 0.61 12.02
C VAL G 168 -58.78 -0.04 10.65
N THR G 169 -58.58 -1.36 10.61
CA THR G 169 -58.68 -2.14 9.38
C THR G 169 -59.97 -2.94 9.39
N VAL G 170 -60.70 -2.89 8.27
CA VAL G 170 -61.97 -3.58 8.13
C VAL G 170 -61.90 -4.46 6.89
N SER G 171 -62.24 -5.74 7.05
CA SER G 171 -62.29 -6.69 5.95
C SER G 171 -63.60 -7.46 6.01
N TRP G 172 -64.08 -7.89 4.84
CA TRP G 172 -65.33 -8.61 4.72
C TRP G 172 -65.04 -10.05 4.29
N ASN G 173 -65.59 -11.01 5.03
CA ASN G 173 -65.43 -12.42 4.75
C ASN G 173 -63.96 -12.83 4.70
N SER G 174 -63.11 -12.14 5.46
CA SER G 174 -61.69 -12.45 5.55
C SER G 174 -61.01 -12.32 4.20
N GLY G 175 -61.28 -11.20 3.52
CA GLY G 175 -60.74 -10.96 2.21
C GLY G 175 -61.41 -11.72 1.08
N ALA G 176 -62.36 -12.59 1.39
CA ALA G 176 -63.08 -13.32 0.35
C ALA G 176 -64.06 -12.44 -0.42
N LEU G 177 -64.46 -11.31 0.16
CA LEU G 177 -65.41 -10.40 -0.48
C LEU G 177 -64.68 -9.09 -0.79
N THR G 178 -64.42 -8.86 -2.07
CA THR G 178 -63.69 -7.67 -2.52
C THR G 178 -64.58 -6.67 -3.25
N SER G 179 -65.30 -7.11 -4.29
CA SER G 179 -66.09 -6.18 -5.07
C SER G 179 -67.27 -5.67 -4.26
N GLY G 180 -67.44 -4.34 -4.24
CA GLY G 180 -68.55 -3.71 -3.56
C GLY G 180 -68.22 -3.09 -2.21
N VAL G 181 -67.04 -3.38 -1.66
CA VAL G 181 -66.69 -2.87 -0.34
C VAL G 181 -66.39 -1.37 -0.43
N HIS G 182 -66.86 -0.62 0.57
CA HIS G 182 -66.59 0.80 0.68
C HIS G 182 -66.31 1.13 2.14
N THR G 183 -65.05 1.36 2.46
CA THR G 183 -64.63 1.71 3.82
C THR G 183 -64.46 3.23 3.88
N PHE G 184 -65.46 3.92 4.43
CA PHE G 184 -65.43 5.36 4.46
C PHE G 184 -64.33 5.86 5.40
N PRO G 185 -63.77 7.04 5.12
CA PRO G 185 -62.71 7.58 6.00
C PRO G 185 -63.25 7.83 7.41
N ALA G 186 -62.39 7.59 8.39
CA ALA G 186 -62.78 7.80 9.78
C ALA G 186 -63.00 9.27 10.07
N VAL G 187 -63.92 9.56 10.99
CA VAL G 187 -64.27 10.92 11.36
C VAL G 187 -63.94 11.13 12.83
N LEU G 188 -63.47 12.33 13.15
CA LEU G 188 -63.20 12.70 14.53
C LEU G 188 -64.49 13.24 15.15
N GLN G 189 -65.03 12.51 16.12
CA GLN G 189 -66.24 12.93 16.78
C GLN G 189 -65.94 14.02 17.82
N SER G 190 -66.99 14.64 18.32
CA SER G 190 -66.82 15.69 19.33
C SER G 190 -66.21 15.14 20.61
N SER G 191 -66.50 13.88 20.93
CA SER G 191 -65.93 13.27 22.13
C SER G 191 -64.44 12.99 22.01
N GLY G 192 -63.87 13.12 20.83
CA GLY G 192 -62.49 12.78 20.59
C GLY G 192 -62.25 11.34 20.20
N LEU G 193 -63.31 10.58 19.92
CA LEU G 193 -63.22 9.18 19.54
C LEU G 193 -63.53 9.04 18.06
N TYR G 194 -62.68 8.29 17.36
CA TYR G 194 -62.85 8.11 15.92
C TYR G 194 -63.92 7.07 15.63
N SER G 195 -64.57 7.23 14.48
CA SER G 195 -65.66 6.33 14.07
C SER G 195 -65.71 6.28 12.54
N LEU G 196 -65.88 5.07 12.01
CA LEU G 196 -65.97 4.88 10.56
C LEU G 196 -66.99 3.79 10.26
N SER G 197 -67.42 3.76 9.01
CA SER G 197 -68.41 2.79 8.55
C SER G 197 -67.86 2.03 7.35
N SER G 198 -68.39 0.83 7.15
CA SER G 198 -67.94 -0.04 6.06
C SER G 198 -69.15 -0.77 5.50
N VAL G 199 -69.48 -0.49 4.23
CA VAL G 199 -70.67 -1.02 3.59
C VAL G 199 -70.27 -1.80 2.35
N VAL G 200 -71.06 -2.83 2.03
CA VAL G 200 -70.95 -3.60 0.80
C VAL G 200 -72.28 -3.56 0.07
N THR G 201 -72.23 -3.96 -1.20
CA THR G 201 -73.42 -4.09 -2.03
C THR G 201 -73.60 -5.56 -2.37
N VAL G 202 -74.69 -6.14 -1.88
CA VAL G 202 -74.92 -7.58 -2.02
C VAL G 202 -76.25 -7.81 -2.73
N PRO G 203 -76.34 -8.82 -3.59
CA PRO G 203 -77.62 -9.13 -4.24
C PRO G 203 -78.67 -9.52 -3.21
N SER G 204 -79.90 -9.06 -3.45
CA SER G 204 -80.97 -9.28 -2.48
C SER G 204 -81.26 -10.76 -2.29
N SER G 205 -81.23 -11.54 -3.39
CA SER G 205 -81.56 -12.95 -3.29
C SER G 205 -80.58 -13.70 -2.38
N SER G 206 -79.35 -13.21 -2.27
CA SER G 206 -78.32 -13.88 -1.48
C SER G 206 -78.39 -13.54 0.00
N LEU G 207 -79.25 -12.59 0.40
CA LEU G 207 -79.27 -12.12 1.78
C LEU G 207 -79.53 -13.26 2.75
N GLY G 208 -80.66 -13.95 2.60
CA GLY G 208 -81.09 -14.91 3.61
C GLY G 208 -80.22 -16.15 3.70
N THR G 209 -79.64 -16.58 2.59
CA THR G 209 -78.92 -17.85 2.57
C THR G 209 -77.44 -17.71 2.86
N GLN G 210 -76.81 -16.61 2.45
CA GLN G 210 -75.37 -16.46 2.52
C GLN G 210 -74.97 -15.67 3.77
N THR G 211 -73.83 -16.06 4.34
CA THR G 211 -73.28 -15.40 5.52
C THR G 211 -72.33 -14.28 5.12
N TYR G 212 -72.33 -13.21 5.91
CA TYR G 212 -71.48 -12.05 5.65
C TYR G 212 -70.92 -11.56 6.98
N ILE G 213 -69.59 -11.54 7.09
CA ILE G 213 -68.91 -11.15 8.31
C ILE G 213 -67.81 -10.14 7.97
N CYS G 214 -67.82 -9.01 8.67
CA CYS G 214 -66.74 -8.03 8.60
C CYS G 214 -65.78 -8.27 9.76
N ASN G 215 -64.49 -8.02 9.51
CA ASN G 215 -63.44 -8.29 10.48
C ASN G 215 -62.74 -6.98 10.82
N VAL G 216 -63.06 -6.42 11.98
CA VAL G 216 -62.47 -5.17 12.43
C VAL G 216 -61.24 -5.47 13.27
N ASN G 217 -60.22 -4.63 13.16
CA ASN G 217 -58.98 -4.79 13.91
C ASN G 217 -58.43 -3.43 14.29
N HIS G 218 -58.16 -3.25 15.59
CA HIS G 218 -57.57 -2.02 16.12
C HIS G 218 -56.32 -2.42 16.89
N LYS G 219 -55.14 -2.21 16.29
CA LYS G 219 -53.91 -2.69 16.90
C LYS G 219 -53.56 -1.93 18.17
N PRO G 220 -53.64 -0.60 18.22
CA PRO G 220 -53.21 0.12 19.44
C PRO G 220 -53.90 -0.36 20.70
N SER G 221 -55.18 -0.75 20.60
CA SER G 221 -55.90 -1.29 21.75
C SER G 221 -55.92 -2.82 21.75
N ASN G 222 -55.36 -3.45 20.72
CA ASN G 222 -55.35 -4.89 20.55
C ASN G 222 -56.74 -5.47 20.31
N THR G 223 -57.78 -4.64 20.32
CA THR G 223 -59.14 -5.13 20.16
C THR G 223 -59.36 -5.68 18.76
N LYS G 224 -59.91 -6.88 18.69
CA LYS G 224 -60.25 -7.55 17.43
C LYS G 224 -61.66 -8.08 17.54
N VAL G 225 -62.47 -7.85 16.49
CA VAL G 225 -63.88 -8.21 16.52
C VAL G 225 -64.30 -8.74 15.16
N ASP G 226 -65.11 -9.80 15.17
CA ASP G 226 -65.73 -10.36 13.98
C ASP G 226 -67.24 -10.31 14.18
N LYS G 227 -67.90 -9.39 13.49
CA LYS G 227 -69.34 -9.17 13.64
C LYS G 227 -70.05 -9.66 12.38
N LYS G 228 -70.97 -10.60 12.57
CA LYS G 228 -71.78 -11.11 11.46
C LYS G 228 -73.01 -10.23 11.28
N VAL G 229 -73.32 -9.91 10.03
CA VAL G 229 -74.43 -9.01 9.70
C VAL G 229 -75.52 -9.82 9.01
N GLU G 230 -76.71 -9.80 9.58
CA GLU G 230 -77.86 -10.53 9.04
C GLU G 230 -79.10 -9.66 9.16
N PRO G 231 -80.16 -10.00 8.42
CA PRO G 231 -81.38 -9.18 8.46
C PRO G 231 -81.97 -9.13 9.86
N LYS G 232 -82.72 -8.07 10.13
CA LYS G 232 -83.38 -7.88 11.42
C LYS G 232 -84.60 -8.77 11.55
N ASP H 2 -38.66 34.52 5.01
CA ASP H 2 -39.18 33.18 4.80
C ASP H 2 -39.81 33.06 3.42
N ILE H 3 -39.67 31.90 2.80
CA ILE H 3 -40.15 31.67 1.44
C ILE H 3 -41.53 31.03 1.50
N GLN H 4 -42.44 31.47 0.63
CA GLN H 4 -43.78 30.93 0.53
C GLN H 4 -44.02 30.46 -0.90
N MET H 5 -44.68 29.32 -1.05
CA MET H 5 -44.94 28.71 -2.36
C MET H 5 -46.44 28.63 -2.57
N THR H 6 -46.97 29.43 -3.51
CA THR H 6 -48.38 29.45 -3.84
C THR H 6 -48.59 28.61 -5.10
N GLN H 7 -49.24 27.46 -4.94
CA GLN H 7 -49.45 26.52 -6.02
C GLN H 7 -50.92 26.52 -6.44
N SER H 8 -51.16 26.54 -7.74
CA SER H 8 -52.52 26.52 -8.26
C SER H 8 -52.62 25.65 -9.51
N PRO H 9 -53.83 25.11 -9.77
CA PRO H 9 -54.98 25.31 -8.89
C PRO H 9 -54.96 24.37 -7.69
N SER H 10 -56.01 24.41 -6.87
CA SER H 10 -56.11 23.47 -5.76
C SER H 10 -56.58 22.10 -6.24
N SER H 11 -57.48 22.06 -7.21
CA SER H 11 -58.00 20.81 -7.74
C SER H 11 -58.45 21.03 -9.19
N LEU H 12 -58.44 19.96 -9.96
CA LEU H 12 -58.87 20.02 -11.36
C LEU H 12 -59.32 18.63 -11.78
N SER H 13 -60.17 18.59 -12.79
CA SER H 13 -60.78 17.35 -13.28
C SER H 13 -60.50 17.21 -14.77
N ALA H 14 -59.52 16.40 -15.12
CA ALA H 14 -59.16 16.09 -16.49
C ALA H 14 -59.59 14.66 -16.83
N SER H 15 -59.21 14.20 -18.01
CA SER H 15 -59.56 12.87 -18.48
C SER H 15 -58.32 12.23 -19.11
N VAL H 16 -58.42 10.91 -19.36
CA VAL H 16 -57.31 10.17 -19.94
C VAL H 16 -56.97 10.76 -21.30
N GLY H 17 -55.71 11.16 -21.47
CA GLY H 17 -55.28 11.81 -22.69
C GLY H 17 -55.32 13.32 -22.66
N ASP H 18 -55.94 13.92 -21.65
CA ASP H 18 -55.98 15.36 -21.53
C ASP H 18 -54.60 15.92 -21.20
N ARG H 19 -54.50 17.24 -21.13
CA ARG H 19 -53.26 17.93 -20.85
C ARG H 19 -53.46 18.78 -19.60
N VAL H 20 -52.78 18.42 -18.51
CA VAL H 20 -52.94 19.08 -17.23
C VAL H 20 -51.77 20.02 -16.99
N THR H 21 -52.04 21.14 -16.33
CA THR H 21 -51.03 22.14 -16.03
C THR H 21 -51.18 22.59 -14.59
N ILE H 22 -50.12 22.41 -13.79
CA ILE H 22 -50.07 22.87 -12.41
C ILE H 22 -49.01 23.95 -12.31
N THR H 23 -49.36 25.06 -11.67
CA THR H 23 -48.47 26.21 -11.56
C THR H 23 -48.06 26.41 -10.11
N CYS H 24 -46.77 26.62 -9.90
CA CYS H 24 -46.18 26.86 -8.58
C CYS H 24 -45.45 28.19 -8.63
N ARG H 25 -45.95 29.18 -7.90
CA ARG H 25 -45.43 30.55 -7.96
C ARG H 25 -44.61 30.85 -6.71
N ALA H 26 -43.34 31.16 -6.91
CA ALA H 26 -42.46 31.50 -5.81
C ALA H 26 -42.68 32.94 -5.37
N SER H 27 -42.49 33.20 -4.07
CA SER H 27 -42.73 34.54 -3.55
C SER H 27 -41.61 35.50 -3.93
N GLN H 28 -40.39 35.01 -4.07
CA GLN H 28 -39.25 35.87 -4.39
C GLN H 28 -38.20 35.07 -5.16
N SER H 29 -37.13 35.76 -5.54
CA SER H 29 -36.11 35.15 -6.40
C SER H 29 -35.52 33.92 -5.73
N VAL H 30 -35.45 32.82 -6.50
CA VAL H 30 -34.89 31.56 -6.04
C VAL H 30 -34.06 30.95 -7.16
N SER H 31 -33.28 29.94 -6.81
CA SER H 31 -32.46 29.24 -7.79
C SER H 31 -33.34 28.44 -8.73
N SER H 32 -32.69 27.71 -9.65
CA SER H 32 -33.40 26.86 -10.59
C SER H 32 -33.80 25.52 -10.00
N ALA H 33 -33.53 25.30 -8.71
CA ALA H 33 -33.76 24.00 -8.08
C ALA H 33 -35.16 23.98 -7.47
N VAL H 34 -36.05 23.22 -8.09
CA VAL H 34 -37.42 23.04 -7.61
C VAL H 34 -37.87 21.63 -7.96
N ALA H 35 -38.63 21.01 -7.06
CA ALA H 35 -39.03 19.63 -7.21
C ALA H 35 -40.55 19.51 -7.33
N TRP H 36 -40.99 18.47 -8.03
CA TRP H 36 -42.40 18.13 -8.18
C TRP H 36 -42.62 16.70 -7.70
N TYR H 37 -43.58 16.52 -6.81
CA TYR H 37 -43.82 15.24 -6.17
C TYR H 37 -45.23 14.73 -6.45
N GLN H 38 -45.33 13.43 -6.69
CA GLN H 38 -46.60 12.72 -6.81
C GLN H 38 -46.78 11.84 -5.58
N GLN H 39 -47.97 11.91 -4.98
CA GLN H 39 -48.27 11.18 -3.76
C GLN H 39 -49.63 10.51 -3.88
N LYS H 40 -49.63 9.19 -3.97
CA LYS H 40 -50.88 8.44 -3.97
C LYS H 40 -51.47 8.41 -2.57
N PRO H 41 -52.77 8.16 -2.45
CA PRO H 41 -53.39 8.11 -1.12
C PRO H 41 -52.78 6.99 -0.28
N GLY H 42 -52.38 7.34 0.94
CA GLY H 42 -51.77 6.37 1.84
C GLY H 42 -50.45 5.82 1.35
N LYS H 43 -49.67 6.62 0.63
CA LYS H 43 -48.38 6.19 0.10
C LYS H 43 -47.34 7.27 0.33
N ALA H 44 -46.08 6.86 0.25
CA ALA H 44 -44.99 7.79 0.42
C ALA H 44 -44.83 8.66 -0.84
N PRO H 45 -44.40 9.91 -0.68
CA PRO H 45 -44.18 10.77 -1.85
C PRO H 45 -43.04 10.26 -2.70
N LYS H 46 -43.17 10.47 -4.00
CA LYS H 46 -42.14 10.12 -4.98
C LYS H 46 -41.74 11.36 -5.75
N LEU H 47 -40.53 11.32 -6.32
CA LEU H 47 -39.98 12.45 -7.05
C LEU H 47 -40.26 12.31 -8.54
N LEU H 48 -40.75 13.38 -9.15
CA LEU H 48 -41.00 13.41 -10.59
C LEU H 48 -40.04 14.37 -11.30
N ILE H 49 -39.99 15.63 -10.87
CA ILE H 49 -39.14 16.63 -11.49
C ILE H 49 -38.33 17.34 -10.40
N TYR H 50 -37.04 17.52 -10.67
CA TYR H 50 -36.16 18.30 -9.81
C TYR H 50 -35.42 19.31 -10.66
N SER H 51 -34.94 20.37 -10.00
CA SER H 51 -34.30 21.49 -10.69
C SER H 51 -35.28 22.18 -11.64
N ALA H 52 -36.58 22.09 -11.35
CA ALA H 52 -37.61 22.80 -12.09
C ALA H 52 -37.83 22.21 -13.48
N SER H 53 -36.75 21.86 -14.17
CA SER H 53 -36.85 21.34 -15.53
C SER H 53 -36.27 19.95 -15.71
N SER H 54 -35.48 19.46 -14.75
CA SER H 54 -34.80 18.18 -14.89
C SER H 54 -35.74 17.05 -14.48
N LEU H 55 -36.02 16.15 -15.41
CA LEU H 55 -36.89 15.01 -15.14
C LEU H 55 -36.10 13.90 -14.44
N TYR H 56 -36.65 13.38 -13.35
CA TYR H 56 -35.96 12.38 -12.56
C TYR H 56 -36.08 10.99 -13.19
N SER H 57 -35.10 10.14 -12.89
CA SER H 57 -35.07 8.80 -13.46
C SER H 57 -36.35 8.02 -13.13
N GLY H 58 -36.80 7.22 -14.09
CA GLY H 58 -38.02 6.44 -13.95
C GLY H 58 -39.28 7.19 -14.30
N VAL H 59 -39.28 8.51 -14.13
CA VAL H 59 -40.43 9.34 -14.47
C VAL H 59 -40.65 9.30 -15.97
N PRO H 60 -41.80 8.86 -16.45
CA PRO H 60 -42.05 8.81 -17.89
C PRO H 60 -41.87 10.18 -18.53
N SER H 61 -41.56 10.16 -19.82
CA SER H 61 -41.38 11.40 -20.58
C SER H 61 -42.67 12.20 -20.72
N ARG H 62 -43.83 11.60 -20.41
CA ARG H 62 -45.08 12.35 -20.43
C ARG H 62 -45.07 13.50 -19.42
N PHE H 63 -44.18 13.46 -18.43
CA PHE H 63 -44.03 14.52 -17.46
C PHE H 63 -42.92 15.48 -17.89
N SER H 64 -42.94 16.68 -17.29
CA SER H 64 -41.95 17.70 -17.61
C SER H 64 -42.16 18.94 -16.76
N GLY H 65 -41.07 19.61 -16.39
CA GLY H 65 -41.12 20.85 -15.65
C GLY H 65 -40.60 22.02 -16.48
N SER H 66 -40.86 23.22 -15.98
CA SER H 66 -40.45 24.43 -16.69
C SER H 66 -40.34 25.56 -15.68
N ARG H 67 -39.57 26.59 -16.05
CA ARG H 67 -39.31 27.73 -15.19
C ARG H 67 -39.57 29.01 -15.99
N SER H 68 -40.59 29.77 -15.59
CA SER H 68 -40.93 31.04 -16.21
C SER H 68 -40.91 32.11 -15.11
N GLY H 69 -39.79 32.82 -15.01
CA GLY H 69 -39.65 33.84 -13.97
C GLY H 69 -39.71 33.19 -12.60
N THR H 70 -40.65 33.64 -11.77
CA THR H 70 -40.91 33.03 -10.48
C THR H 70 -42.02 31.99 -10.54
N ASP H 71 -42.50 31.66 -11.73
CA ASP H 71 -43.62 30.73 -11.91
C ASP H 71 -43.07 29.41 -12.44
N PHE H 72 -43.05 28.40 -11.59
CA PHE H 72 -42.73 27.04 -12.00
C PHE H 72 -44.01 26.29 -12.34
N THR H 73 -43.93 25.39 -13.31
CA THR H 73 -45.11 24.70 -13.79
C THR H 73 -44.80 23.25 -14.10
N LEU H 74 -45.71 22.37 -13.70
CA LEU H 74 -45.67 20.95 -14.04
C LEU H 74 -46.62 20.71 -15.19
N THR H 75 -46.23 19.83 -16.12
CA THR H 75 -46.97 19.63 -17.35
C THR H 75 -47.05 18.14 -17.65
N ILE H 76 -48.24 17.57 -17.59
CA ILE H 76 -48.50 16.21 -18.04
C ILE H 76 -49.07 16.30 -19.45
N SER H 77 -48.33 15.79 -20.43
CA SER H 77 -48.76 15.88 -21.83
C SER H 77 -50.08 15.14 -22.03
N SER H 78 -50.07 13.82 -21.82
CA SER H 78 -51.27 12.99 -21.96
C SER H 78 -51.51 12.28 -20.64
N LEU H 79 -52.50 12.74 -19.88
CA LEU H 79 -52.78 12.17 -18.58
C LEU H 79 -53.07 10.67 -18.69
N GLN H 80 -52.55 9.91 -17.73
CA GLN H 80 -52.66 8.46 -17.72
C GLN H 80 -53.32 7.99 -16.42
N PRO H 81 -53.90 6.78 -16.43
CA PRO H 81 -54.63 6.32 -15.23
C PRO H 81 -53.77 6.25 -13.99
N GLU H 82 -52.46 5.99 -14.13
CA GLU H 82 -51.57 5.92 -12.98
C GLU H 82 -51.07 7.29 -12.53
N ASP H 83 -51.41 8.35 -13.24
CA ASP H 83 -50.95 9.70 -12.93
C ASP H 83 -51.88 10.45 -11.99
N PHE H 84 -52.89 9.80 -11.46
CA PHE H 84 -53.95 10.48 -10.72
C PHE H 84 -53.67 10.40 -9.23
N ALA H 85 -53.41 11.57 -8.64
CA ALA H 85 -53.01 11.70 -7.25
C ALA H 85 -52.76 13.18 -6.95
N THR H 86 -52.38 13.49 -5.72
CA THR H 86 -52.06 14.86 -5.35
C THR H 86 -50.62 15.18 -5.72
N TYR H 87 -50.41 16.38 -6.27
CA TYR H 87 -49.10 16.80 -6.73
C TYR H 87 -48.62 18.00 -5.91
N TYR H 88 -47.41 17.90 -5.38
CA TYR H 88 -46.80 18.97 -4.61
C TYR H 88 -45.57 19.52 -5.34
N CYS H 89 -45.26 20.78 -5.05
CA CYS H 89 -44.09 21.44 -5.61
C CYS H 89 -43.24 21.99 -4.47
N GLN H 90 -41.95 21.67 -4.50
CA GLN H 90 -41.03 22.00 -3.42
C GLN H 90 -39.91 22.89 -3.94
N GLN H 91 -39.56 23.89 -3.16
CA GLN H 91 -38.41 24.75 -3.43
C GLN H 91 -37.28 24.34 -2.50
N SER H 92 -36.16 23.94 -3.07
CA SER H 92 -34.98 23.54 -2.30
C SER H 92 -33.88 24.59 -2.37
N SER H 93 -34.17 25.77 -2.92
CA SER H 93 -33.16 26.79 -3.14
C SER H 93 -32.89 27.65 -1.90
N SER H 94 -33.58 27.41 -0.80
CA SER H 94 -33.35 28.21 0.40
C SER H 94 -34.05 27.56 1.58
N ARG H 95 -33.53 27.83 2.77
CA ARG H 95 -34.09 27.28 4.00
C ARG H 95 -34.92 28.33 4.74
N PRO H 96 -35.97 27.89 5.45
CA PRO H 96 -36.36 26.48 5.53
C PRO H 96 -36.96 25.95 4.23
N VAL H 97 -36.89 24.64 4.03
CA VAL H 97 -37.51 24.02 2.85
C VAL H 97 -39.02 24.19 2.91
N THR H 98 -39.62 24.45 1.76
CA THR H 98 -41.04 24.73 1.69
C THR H 98 -41.67 23.96 0.53
N PHE H 99 -42.86 23.42 0.77
CA PHE H 99 -43.62 22.65 -0.20
C PHE H 99 -44.82 23.46 -0.68
N GLY H 100 -45.62 22.85 -1.54
CA GLY H 100 -46.82 23.47 -2.06
C GLY H 100 -48.07 23.03 -1.32
N GLN H 101 -49.15 23.79 -1.53
CA GLN H 101 -50.41 23.49 -0.85
C GLN H 101 -51.04 22.20 -1.35
N GLY H 102 -50.75 21.77 -2.57
CA GLY H 102 -51.23 20.50 -3.06
C GLY H 102 -52.26 20.65 -4.17
N THR H 103 -52.17 19.76 -5.16
CA THR H 103 -53.10 19.69 -6.29
C THR H 103 -53.67 18.29 -6.36
N LYS H 104 -54.97 18.17 -6.13
CA LYS H 104 -55.66 16.88 -6.23
C LYS H 104 -56.23 16.75 -7.64
N VAL H 105 -55.74 15.76 -8.38
CA VAL H 105 -56.23 15.47 -9.72
C VAL H 105 -57.29 14.37 -9.62
N GLU H 106 -58.43 14.61 -10.24
CA GLU H 106 -59.55 13.68 -10.20
C GLU H 106 -60.05 13.44 -11.62
N ILE H 107 -60.57 12.24 -11.85
CA ILE H 107 -61.04 11.81 -13.17
C ILE H 107 -62.37 12.48 -13.50
N LYS H 108 -62.70 12.53 -14.77
CA LYS H 108 -64.00 13.02 -15.25
C LYS H 108 -64.71 11.88 -15.97
N ARG H 109 -65.92 11.57 -15.52
CA ARG H 109 -66.73 10.52 -16.14
C ARG H 109 -68.14 11.04 -16.38
N THR H 110 -69.01 10.17 -16.87
CA THR H 110 -70.41 10.53 -17.13
C THR H 110 -71.18 10.60 -15.82
N VAL H 111 -72.21 11.44 -15.81
CA VAL H 111 -73.03 11.59 -14.60
C VAL H 111 -73.70 10.27 -14.26
N ALA H 112 -73.73 9.96 -12.96
CA ALA H 112 -74.29 8.70 -12.48
C ALA H 112 -75.16 8.96 -11.26
N ALA H 113 -76.38 8.45 -11.29
CA ALA H 113 -77.30 8.68 -10.18
C ALA H 113 -76.87 7.85 -8.98
N PRO H 114 -76.93 8.40 -7.76
CA PRO H 114 -76.54 7.64 -6.58
C PRO H 114 -77.65 6.69 -6.12
N SER H 115 -77.23 5.60 -5.50
CA SER H 115 -78.15 4.60 -4.95
C SER H 115 -78.24 4.84 -3.44
N VAL H 116 -79.40 5.31 -3.00
CA VAL H 116 -79.60 5.73 -1.61
C VAL H 116 -80.05 4.54 -0.77
N PHE H 117 -79.58 4.49 0.48
CA PHE H 117 -79.97 3.45 1.42
C PHE H 117 -79.99 4.05 2.83
N ILE H 118 -80.96 3.61 3.62
CA ILE H 118 -81.13 4.06 5.00
C ILE H 118 -80.95 2.86 5.91
N PHE H 119 -80.18 3.04 6.98
CA PHE H 119 -79.87 1.96 7.91
C PHE H 119 -80.34 2.32 9.31
N PRO H 120 -81.35 1.63 9.85
CA PRO H 120 -81.83 1.96 11.19
C PRO H 120 -80.82 1.52 12.24
N PRO H 121 -80.69 2.26 13.34
CA PRO H 121 -79.74 1.89 14.39
C PRO H 121 -80.14 0.60 15.09
N SER H 122 -79.13 -0.16 15.51
CA SER H 122 -79.36 -1.44 16.15
C SER H 122 -79.80 -1.26 17.60
N ASP H 123 -80.68 -2.14 18.06
CA ASP H 123 -81.14 -2.09 19.45
C ASP H 123 -79.99 -2.35 20.42
N SER H 124 -79.01 -3.15 20.02
CA SER H 124 -77.86 -3.41 20.90
C SER H 124 -77.09 -2.13 21.18
N GLN H 125 -77.12 -1.17 20.24
CA GLN H 125 -76.44 0.10 20.46
C GLN H 125 -77.26 1.06 21.31
N LEU H 126 -78.58 0.91 21.30
CA LEU H 126 -79.44 1.82 22.07
C LEU H 126 -79.13 1.73 23.56
N LYS H 127 -79.01 0.51 24.09
CA LYS H 127 -78.78 0.32 25.51
C LYS H 127 -77.47 0.93 25.99
N SER H 128 -76.56 1.29 25.07
CA SER H 128 -75.32 1.97 25.44
C SER H 128 -75.51 3.47 25.64
N GLY H 129 -76.73 3.98 25.46
CA GLY H 129 -77.00 5.38 25.68
C GLY H 129 -76.85 6.28 24.46
N THR H 130 -76.80 5.71 23.26
CA THR H 130 -76.63 6.51 22.05
C THR H 130 -77.21 5.75 20.87
N ALA H 131 -77.79 6.50 19.93
CA ALA H 131 -78.41 5.93 18.74
C ALA H 131 -77.83 6.62 17.51
N SER H 132 -77.42 5.82 16.52
CA SER H 132 -76.79 6.33 15.30
C SER H 132 -77.49 5.71 14.09
N VAL H 133 -78.10 6.56 13.27
CA VAL H 133 -78.74 6.15 12.03
C VAL H 133 -77.84 6.54 10.88
N VAL H 134 -77.88 5.74 9.80
CA VAL H 134 -76.95 5.87 8.68
C VAL H 134 -77.73 6.02 7.39
N CYS H 135 -77.39 7.05 6.62
CA CYS H 135 -77.87 7.25 5.26
C CYS H 135 -76.69 7.08 4.32
N LEU H 136 -76.92 6.41 3.19
CA LEU H 136 -75.82 5.99 2.31
C LEU H 136 -76.11 6.39 0.87
N LEU H 137 -75.20 7.16 0.28
CA LEU H 137 -75.17 7.41 -1.16
C LEU H 137 -74.07 6.54 -1.76
N ASN H 138 -74.38 5.85 -2.85
CA ASN H 138 -73.47 4.84 -3.40
C ASN H 138 -73.32 5.00 -4.90
N ASN H 139 -72.07 5.06 -5.37
CA ASN H 139 -71.72 5.06 -6.78
C ASN H 139 -72.39 6.19 -7.54
N PHE H 140 -71.82 7.39 -7.46
CA PHE H 140 -72.39 8.56 -8.12
C PHE H 140 -71.25 9.46 -8.59
N TYR H 141 -71.60 10.42 -9.43
CA TYR H 141 -70.66 11.42 -9.93
C TYR H 141 -71.42 12.62 -10.47
N PRO H 142 -70.89 13.83 -10.24
CA PRO H 142 -69.63 14.07 -9.52
C PRO H 142 -69.78 14.01 -8.00
N ARG H 143 -68.74 14.44 -7.30
CA ARG H 143 -68.74 14.38 -5.84
C ARG H 143 -69.86 15.22 -5.24
N GLU H 144 -70.11 16.40 -5.80
CA GLU H 144 -71.07 17.34 -5.25
C GLU H 144 -72.45 16.72 -5.03
N ALA H 145 -72.86 16.58 -3.78
CA ALA H 145 -74.17 16.07 -3.42
C ALA H 145 -74.52 16.57 -2.04
N LYS H 146 -75.82 16.67 -1.76
CA LYS H 146 -76.31 17.28 -0.53
C LYS H 146 -77.37 16.40 0.11
N VAL H 147 -77.17 16.09 1.39
CA VAL H 147 -78.08 15.24 2.16
C VAL H 147 -78.72 16.10 3.24
N GLN H 148 -80.05 16.01 3.36
CA GLN H 148 -80.82 16.79 4.32
C GLN H 148 -81.54 15.84 5.26
N TRP H 149 -81.27 15.98 6.55
CA TRP H 149 -81.90 15.13 7.56
C TRP H 149 -83.18 15.79 8.07
N LYS H 150 -84.26 15.02 8.11
CA LYS H 150 -85.56 15.50 8.54
C LYS H 150 -86.03 14.68 9.73
N VAL H 151 -86.33 15.35 10.84
CA VAL H 151 -86.86 14.72 12.04
C VAL H 151 -88.28 15.25 12.23
N ASP H 152 -89.27 14.40 11.93
CA ASP H 152 -90.67 14.81 11.95
C ASP H 152 -90.90 15.99 11.02
N ASN H 153 -90.31 15.92 9.83
CA ASN H 153 -90.48 16.96 8.81
C ASN H 153 -89.91 18.29 9.29
N ALA H 154 -88.82 18.24 10.04
CA ALA H 154 -88.15 19.42 10.57
C ALA H 154 -86.71 19.43 10.08
N LEU H 155 -86.27 20.57 9.56
CA LEU H 155 -84.90 20.70 9.08
C LEU H 155 -83.91 20.63 10.24
N GLN H 156 -82.90 19.80 10.09
CA GLN H 156 -81.88 19.61 11.11
C GLN H 156 -80.59 20.30 10.69
N SER H 157 -79.89 20.89 11.66
CA SER H 157 -78.64 21.59 11.41
C SER H 157 -77.71 21.37 12.59
N GLY H 158 -76.45 21.04 12.29
CA GLY H 158 -75.43 20.86 13.30
C GLY H 158 -75.28 19.46 13.85
N ASN H 159 -76.18 18.54 13.49
CA ASN H 159 -76.12 17.16 13.96
C ASN H 159 -75.73 16.19 12.84
N SER H 160 -75.09 16.68 11.78
CA SER H 160 -74.72 15.86 10.64
C SER H 160 -73.22 15.94 10.40
N GLN H 161 -72.57 14.78 10.37
CA GLN H 161 -71.16 14.65 10.01
C GLN H 161 -71.03 13.56 8.96
N GLU H 162 -70.38 13.89 7.84
CA GLU H 162 -70.33 12.98 6.71
C GLU H 162 -68.89 12.83 6.22
N SER H 163 -68.62 11.67 5.60
CA SER H 163 -67.33 11.38 5.00
C SER H 163 -67.54 10.78 3.62
N VAL H 164 -66.74 11.22 2.66
CA VAL H 164 -66.81 10.75 1.29
C VAL H 164 -65.52 10.02 0.95
N THR H 165 -65.67 8.88 0.27
CA THR H 165 -64.51 8.09 -0.13
C THR H 165 -63.81 8.72 -1.33
N GLU H 166 -62.54 8.36 -1.50
CA GLU H 166 -61.82 8.79 -2.69
C GLU H 166 -62.39 8.10 -3.92
N GLN H 167 -61.99 8.59 -5.10
CA GLN H 167 -62.53 8.07 -6.35
C GLN H 167 -62.24 6.58 -6.47
N ASP H 168 -63.24 5.84 -6.95
CA ASP H 168 -63.12 4.39 -7.08
C ASP H 168 -62.05 4.04 -8.13
N SER H 169 -61.35 2.94 -7.88
CA SER H 169 -60.27 2.53 -8.77
C SER H 169 -60.79 2.02 -10.11
N LYS H 170 -62.07 1.67 -10.21
CA LYS H 170 -62.61 1.14 -11.45
C LYS H 170 -63.55 2.13 -12.12
N ASP H 171 -64.80 2.19 -11.66
CA ASP H 171 -65.79 3.06 -12.28
C ASP H 171 -65.57 4.54 -11.95
N SER H 172 -64.66 4.87 -11.04
CA SER H 172 -64.36 6.26 -10.69
C SER H 172 -65.58 6.97 -10.09
N THR H 173 -66.39 6.24 -9.34
CA THR H 173 -67.55 6.81 -8.66
C THR H 173 -67.23 7.07 -7.19
N TYR H 174 -68.20 7.63 -6.48
CA TYR H 174 -68.04 8.03 -5.09
C TYR H 174 -69.02 7.28 -4.20
N SER H 175 -68.83 7.46 -2.89
CA SER H 175 -69.72 6.91 -1.88
C SER H 175 -69.69 7.82 -0.67
N LEU H 176 -70.86 8.25 -0.22
CA LEU H 176 -70.98 9.20 0.88
C LEU H 176 -71.83 8.62 1.98
N SER H 177 -71.54 9.02 3.22
CA SER H 177 -72.28 8.55 4.39
C SER H 177 -72.51 9.72 5.33
N SER H 178 -73.76 9.93 5.72
CA SER H 178 -74.14 10.99 6.64
C SER H 178 -74.75 10.36 7.88
N THR H 179 -74.11 10.58 9.04
CA THR H 179 -74.52 9.98 10.30
C THR H 179 -75.08 11.06 11.22
N LEU H 180 -76.34 10.90 11.61
CA LEU H 180 -76.98 11.81 12.55
C LEU H 180 -76.86 11.22 13.95
N THR H 181 -76.16 11.92 14.84
CA THR H 181 -75.85 11.42 16.17
C THR H 181 -76.69 12.16 17.20
N LEU H 182 -77.46 11.41 17.97
CA LEU H 182 -78.28 11.98 19.04
C LEU H 182 -78.47 10.94 20.14
N SER H 183 -78.77 11.42 21.33
CA SER H 183 -78.96 10.55 22.48
C SER H 183 -80.20 9.67 22.29
N LYS H 184 -80.18 8.49 22.91
CA LYS H 184 -81.32 7.59 22.83
C LYS H 184 -82.59 8.22 23.39
N ALA H 185 -82.46 9.21 24.28
CA ALA H 185 -83.64 9.84 24.84
C ALA H 185 -84.31 10.77 23.83
N ASP H 186 -83.51 11.52 23.07
CA ASP H 186 -84.06 12.36 22.00
C ASP H 186 -84.49 11.52 20.80
N TYR H 187 -83.91 10.34 20.62
CA TYR H 187 -84.24 9.50 19.48
C TYR H 187 -85.64 8.91 19.60
N GLU H 188 -86.09 8.63 20.83
CA GLU H 188 -87.38 7.99 21.06
C GLU H 188 -88.53 8.98 21.15
N LYS H 189 -88.29 10.26 20.88
CA LYS H 189 -89.36 11.25 20.91
C LYS H 189 -90.02 11.46 19.56
N HIS H 190 -89.45 10.93 18.48
CA HIS H 190 -89.96 11.18 17.13
C HIS H 190 -90.13 9.87 16.39
N LYS H 191 -91.01 9.89 15.40
CA LYS H 191 -91.30 8.73 14.55
C LYS H 191 -90.58 8.82 13.21
N VAL H 192 -90.82 9.88 12.45
CA VAL H 192 -90.31 9.99 11.09
C VAL H 192 -88.87 10.46 11.12
N TYR H 193 -87.96 9.63 10.59
CA TYR H 193 -86.56 9.99 10.41
C TYR H 193 -86.20 9.72 8.96
N ALA H 194 -85.83 10.77 8.23
CA ALA H 194 -85.62 10.64 6.79
C ALA H 194 -84.43 11.49 6.35
N CYS H 195 -83.69 10.98 5.38
CA CYS H 195 -82.63 11.71 4.69
C CYS H 195 -83.04 11.94 3.25
N GLU H 196 -82.74 13.13 2.73
CA GLU H 196 -83.15 13.55 1.40
C GLU H 196 -81.92 13.89 0.58
N VAL H 197 -81.71 13.16 -0.51
CA VAL H 197 -80.54 13.30 -1.35
C VAL H 197 -80.93 14.05 -2.62
N THR H 198 -80.36 15.24 -2.81
CA THR H 198 -80.53 16.03 -4.03
C THR H 198 -79.23 15.98 -4.82
N HIS H 199 -79.29 15.48 -6.03
CA HIS H 199 -78.10 15.29 -6.85
C HIS H 199 -78.40 15.68 -8.30
N GLN H 200 -77.33 15.98 -9.03
CA GLN H 200 -77.44 16.33 -10.43
C GLN H 200 -77.94 15.16 -11.27
N GLY H 201 -77.48 13.95 -10.96
CA GLY H 201 -77.91 12.75 -11.64
C GLY H 201 -79.28 12.24 -11.24
N LEU H 202 -80.02 13.00 -10.44
CA LEU H 202 -81.36 12.62 -10.00
C LEU H 202 -82.34 13.70 -10.43
N SER H 203 -83.31 13.31 -11.27
CA SER H 203 -84.31 14.27 -11.71
C SER H 203 -85.17 14.73 -10.55
N SER H 204 -85.43 13.85 -9.58
CA SER H 204 -86.23 14.19 -8.42
C SER H 204 -85.52 13.74 -7.14
N PRO H 205 -85.65 14.51 -6.06
CA PRO H 205 -84.97 14.13 -4.81
C PRO H 205 -85.47 12.81 -4.27
N VAL H 206 -84.53 11.98 -3.83
CA VAL H 206 -84.83 10.65 -3.29
C VAL H 206 -84.85 10.72 -1.78
N THR H 207 -85.93 10.24 -1.18
CA THR H 207 -86.11 10.27 0.28
C THR H 207 -86.29 8.84 0.77
N LYS H 208 -85.26 8.29 1.39
CA LYS H 208 -85.34 7.01 2.08
C LYS H 208 -85.54 7.26 3.57
N SER H 209 -86.54 6.60 4.15
CA SER H 209 -86.93 6.89 5.53
C SER H 209 -87.51 5.62 6.18
N PHE H 210 -87.54 5.65 7.50
CA PHE H 210 -88.10 4.57 8.30
C PHE H 210 -88.92 5.16 9.44
N ASN H 211 -89.56 4.29 10.23
CA ASN H 211 -90.40 4.70 11.34
C ASN H 211 -89.91 4.06 12.62
N ARG H 212 -89.86 4.85 13.69
CA ARG H 212 -89.28 4.40 14.95
C ARG H 212 -90.08 3.25 15.53
N GLY H 213 -89.36 2.24 16.03
CA GLY H 213 -90.01 1.13 16.70
C GLY H 213 -90.83 0.22 15.82
N GLU H 214 -90.65 0.30 14.50
CA GLU H 214 -91.43 -0.53 13.58
C GLU H 214 -90.51 -1.32 12.65
N ILE I 5 -16.94 -43.96 -9.39
CA ILE I 5 -15.89 -42.98 -9.65
C ILE I 5 -15.98 -41.83 -8.66
N PHE I 6 -17.06 -41.06 -8.75
CA PHE I 6 -17.24 -39.92 -7.86
C PHE I 6 -17.65 -40.35 -6.45
N ASP I 7 -18.45 -41.41 -6.35
CA ASP I 7 -18.91 -41.85 -5.03
C ASP I 7 -17.79 -42.52 -4.26
N ILE I 8 -16.98 -43.34 -4.92
CA ILE I 8 -15.92 -44.06 -4.22
C ILE I 8 -14.92 -43.08 -3.61
N TYR I 9 -14.60 -42.00 -4.33
CA TYR I 9 -13.67 -41.02 -3.80
C TYR I 9 -14.30 -40.16 -2.72
N TYR I 10 -15.61 -39.88 -2.82
CA TYR I 10 -16.28 -39.06 -1.82
C TYR I 10 -16.50 -39.84 -0.54
N LYS I 11 -17.29 -40.92 -0.60
CA LYS I 11 -17.66 -41.64 0.61
C LYS I 11 -16.42 -42.13 1.37
N THR I 12 -15.35 -42.48 0.67
CA THR I 12 -14.15 -42.98 1.34
C THR I 12 -13.47 -41.88 2.14
N LEU I 13 -13.31 -40.70 1.56
CA LEU I 13 -12.66 -39.60 2.26
C LEU I 13 -13.59 -38.91 3.24
N ASP I 14 -14.90 -38.97 3.00
CA ASP I 14 -15.85 -38.34 3.92
C ASP I 14 -15.83 -39.03 5.27
N ALA I 15 -15.92 -40.36 5.28
CA ALA I 15 -16.00 -41.10 6.54
C ALA I 15 -14.76 -40.88 7.40
N ILE I 16 -13.62 -40.56 6.79
CA ILE I 16 -12.40 -40.39 7.56
C ILE I 16 -12.27 -38.98 8.11
N PHE I 17 -12.69 -37.98 7.33
CA PHE I 17 -12.49 -36.59 7.70
C PHE I 17 -13.71 -35.96 8.37
N MET I 18 -14.88 -36.59 8.29
CA MET I 18 -16.07 -36.06 8.97
C MET I 18 -15.80 -35.72 10.43
N PRO I 19 -15.12 -36.56 11.22
CA PRO I 19 -14.86 -36.17 12.62
C PRO I 19 -14.09 -34.87 12.75
N ILE I 20 -13.08 -34.66 11.89
CA ILE I 20 -12.25 -33.46 11.97
C ILE I 20 -12.75 -32.33 11.08
N ILE I 21 -13.88 -32.52 10.40
CA ILE I 21 -14.46 -31.46 9.58
C ILE I 21 -15.43 -30.60 10.38
N LYS I 22 -16.39 -31.25 11.05
CA LYS I 22 -17.42 -30.50 11.77
C LYS I 22 -16.83 -29.68 12.91
N VAL I 23 -15.78 -30.19 13.54
CA VAL I 23 -15.24 -29.54 14.73
C VAL I 23 -14.17 -28.50 14.38
N LEU I 24 -13.28 -28.83 13.45
CA LEU I 24 -12.15 -27.96 13.15
C LEU I 24 -12.57 -26.78 12.28
N HIS I 25 -11.94 -25.64 12.53
CA HIS I 25 -12.19 -24.43 11.74
C HIS I 25 -11.72 -24.65 10.31
N PRO I 26 -12.59 -24.44 9.31
CA PRO I 26 -12.17 -24.67 7.91
C PRO I 26 -10.92 -23.90 7.49
N ALA I 27 -10.61 -22.81 8.20
CA ALA I 27 -9.39 -22.08 7.90
C ALA I 27 -8.16 -22.91 8.25
N LEU I 28 -8.13 -23.49 9.45
CA LEU I 28 -7.04 -24.36 9.83
C LEU I 28 -7.07 -25.69 9.08
N ALA I 29 -8.26 -26.13 8.68
CA ALA I 29 -8.36 -27.38 7.92
C ALA I 29 -7.63 -27.27 6.59
N ILE I 30 -7.80 -26.14 5.90
CA ILE I 30 -7.13 -25.96 4.61
C ILE I 30 -5.64 -25.71 4.80
N LEU I 31 -5.27 -24.88 5.78
CA LEU I 31 -3.86 -24.53 5.97
C LEU I 31 -3.01 -25.76 6.23
N ILE I 32 -3.53 -26.73 6.99
CA ILE I 32 -2.78 -27.96 7.24
C ILE I 32 -2.66 -28.78 5.96
N ILE I 33 -3.77 -28.92 5.23
CA ILE I 33 -3.76 -29.71 4.00
C ILE I 33 -2.85 -29.07 2.96
N ALA I 34 -2.66 -27.76 3.02
CA ALA I 34 -1.85 -27.06 2.04
C ALA I 34 -0.36 -27.16 2.38
N ILE I 35 0.00 -26.88 3.64
CA ILE I 35 1.40 -26.96 4.03
C ILE I 35 1.93 -28.38 3.88
N ILE I 36 1.04 -29.38 3.96
CA ILE I 36 1.48 -30.76 3.85
C ILE I 36 1.83 -31.09 2.40
N VAL I 37 0.93 -30.79 1.47
CA VAL I 37 1.20 -31.08 0.06
C VAL I 37 2.38 -30.28 -0.44
N SER I 38 2.63 -29.10 0.15
CA SER I 38 3.80 -28.32 -0.21
C SER I 38 5.09 -29.06 0.15
N LEU I 39 5.09 -29.76 1.28
CA LEU I 39 6.23 -30.57 1.68
C LEU I 39 6.25 -31.94 1.00
N ILE I 40 5.09 -32.42 0.52
CA ILE I 40 5.07 -33.59 -0.33
C ILE I 40 5.70 -33.28 -1.68
N ILE I 41 5.75 -32.01 -2.07
CA ILE I 41 6.34 -31.64 -3.34
C ILE I 41 7.86 -31.46 -3.20
N ASN I 42 8.33 -31.13 -2.00
CA ASN I 42 9.77 -31.00 -1.77
C ASN I 42 10.43 -32.35 -1.48
N ILE I 43 9.65 -33.36 -1.10
CA ILE I 43 10.21 -34.70 -0.90
C ILE I 43 10.32 -35.43 -2.24
N ALA I 44 9.27 -35.37 -3.05
CA ALA I 44 9.31 -36.01 -4.36
C ALA I 44 10.29 -35.32 -5.31
N THR I 45 10.49 -34.01 -5.14
CA THR I 45 11.42 -33.27 -5.97
C THR I 45 12.53 -32.62 -5.13
N PRO I 102 7.20 -35.07 -14.26
CA PRO I 102 6.79 -35.10 -12.85
C PRO I 102 5.78 -34.00 -12.50
N MET I 103 5.87 -32.87 -13.21
CA MET I 103 4.90 -31.79 -12.99
C MET I 103 3.50 -32.25 -13.38
N ILE I 104 3.37 -32.99 -14.47
CA ILE I 104 2.08 -33.60 -14.79
C ILE I 104 1.73 -34.65 -13.76
N TYR I 105 2.73 -35.31 -13.18
CA TYR I 105 2.48 -36.21 -12.06
C TYR I 105 1.94 -35.46 -10.85
N THR I 106 2.43 -34.23 -10.62
CA THR I 106 1.99 -33.45 -9.48
C THR I 106 0.64 -32.79 -9.70
N TRP I 107 0.29 -32.51 -10.96
CA TRP I 107 -1.05 -32.01 -11.24
C TRP I 107 -2.11 -33.05 -10.89
N VAL I 108 -1.75 -34.32 -10.97
CA VAL I 108 -2.72 -35.39 -10.69
C VAL I 108 -3.18 -35.36 -9.23
N PRO I 109 -2.29 -35.32 -8.24
CA PRO I 109 -2.78 -35.31 -6.85
C PRO I 109 -3.47 -34.01 -6.48
N ILE I 110 -2.97 -32.88 -6.99
CA ILE I 110 -3.60 -31.60 -6.69
C ILE I 110 -4.99 -31.52 -7.29
N ILE I 111 -5.16 -32.03 -8.52
CA ILE I 111 -6.46 -31.96 -9.17
C ILE I 111 -7.46 -32.87 -8.48
N LEU I 112 -7.00 -34.00 -7.92
CA LEU I 112 -7.88 -34.81 -7.09
C LEU I 112 -8.08 -34.20 -5.71
N ILE I 113 -7.22 -33.28 -5.30
CA ILE I 113 -7.44 -32.52 -4.07
C ILE I 113 -8.47 -31.43 -4.30
N PHE I 114 -8.34 -30.70 -5.43
CA PHE I 114 -9.30 -29.63 -5.73
C PHE I 114 -10.73 -30.14 -5.76
N ILE I 115 -10.94 -31.34 -6.32
CA ILE I 115 -12.30 -31.85 -6.48
C ILE I 115 -12.93 -32.16 -5.13
N TYR I 116 -12.15 -32.69 -4.18
CA TYR I 116 -12.71 -33.04 -2.88
C TYR I 116 -12.97 -31.79 -2.05
N LEU I 117 -12.03 -30.83 -2.07
CA LEU I 117 -12.28 -29.57 -1.38
C LEU I 117 -13.53 -28.87 -1.91
N ARG I 118 -13.80 -29.00 -3.21
CA ARG I 118 -15.05 -28.46 -3.74
C ARG I 118 -16.25 -29.22 -3.21
N HIS I 119 -16.15 -30.54 -3.10
CA HIS I 119 -17.25 -31.33 -2.56
C HIS I 119 -17.55 -30.95 -1.12
N VAL I 120 -16.60 -30.31 -0.45
CA VAL I 120 -16.65 -30.13 0.99
C VAL I 120 -17.05 -28.71 1.37
N TYR I 121 -16.50 -27.70 0.69
CA TYR I 121 -16.82 -26.31 0.99
C TYR I 121 -17.47 -25.57 -0.17
N GLY I 122 -17.56 -26.18 -1.35
CA GLY I 122 -18.34 -25.61 -2.41
C GLY I 122 -19.82 -25.57 -2.08
N PHE I 123 -20.59 -25.01 -3.02
CA PHE I 123 -22.04 -24.93 -2.85
C PHE I 123 -22.60 -26.32 -2.62
N GLY I 124 -23.52 -26.43 -1.68
CA GLY I 124 -23.96 -27.73 -1.23
C GLY I 124 -22.87 -28.64 -0.71
N GLY I 125 -21.66 -28.14 -0.49
CA GLY I 125 -20.62 -29.00 0.05
C GLY I 125 -21.04 -29.59 1.39
N VAL I 126 -20.57 -30.81 1.67
CA VAL I 126 -20.87 -31.52 2.91
C VAL I 126 -20.89 -30.58 4.12
N TYR I 127 -20.07 -29.54 4.06
CA TYR I 127 -20.05 -28.54 5.13
C TYR I 127 -21.33 -27.71 5.12
N GLN I 128 -21.70 -27.15 3.96
CA GLN I 128 -22.95 -26.39 3.92
C GLN I 128 -24.15 -27.29 4.17
N GLU I 129 -24.02 -28.59 3.90
CA GLU I 129 -25.11 -29.51 4.21
C GLU I 129 -25.20 -29.76 5.72
N LEU I 130 -24.05 -29.85 6.40
CA LEU I 130 -24.05 -30.02 7.84
C LEU I 130 -24.56 -28.76 8.54
N ASN I 131 -24.09 -27.59 8.11
CA ASN I 131 -24.48 -26.34 8.75
C ASN I 131 -25.30 -25.50 7.77
N PRO I 132 -26.49 -25.06 8.16
CA PRO I 132 -27.24 -24.16 7.28
C PRO I 132 -26.60 -22.79 7.26
N GLY I 133 -27.31 -21.80 6.72
CA GLY I 133 -26.73 -20.47 6.63
C GLY I 133 -25.34 -20.52 6.04
N TRP I 134 -24.38 -19.99 6.79
CA TRP I 134 -22.99 -19.95 6.34
C TRP I 134 -22.87 -19.25 4.99
N ASN I 135 -22.48 -17.97 5.02
CA ASN I 135 -22.30 -17.20 3.80
C ASN I 135 -21.28 -17.84 2.88
N GLY I 136 -20.32 -18.58 3.44
CA GLY I 136 -19.18 -19.09 2.72
C GLY I 136 -17.92 -18.80 3.52
N VAL I 137 -16.96 -18.12 2.90
CA VAL I 137 -15.75 -17.61 3.56
C VAL I 137 -15.19 -18.58 4.59
N VAL I 138 -14.02 -19.15 4.28
CA VAL I 138 -13.37 -20.02 5.25
C VAL I 138 -12.38 -19.25 6.12
N VAL I 139 -12.10 -17.99 5.81
CA VAL I 139 -11.30 -17.16 6.71
C VAL I 139 -11.50 -15.69 6.34
N TYR I 140 -11.53 -14.84 7.37
CA TYR I 140 -11.44 -13.39 7.21
C TYR I 140 -10.00 -12.97 7.48
N LEU I 141 -9.42 -12.19 6.58
CA LEU I 141 -8.02 -11.81 6.71
C LEU I 141 -7.88 -10.30 6.81
N PRO I 142 -7.18 -9.79 7.83
CA PRO I 142 -6.99 -8.34 7.96
C PRO I 142 -5.61 -7.90 7.49
N ILE I 143 -5.55 -6.72 6.88
CA ILE I 143 -4.30 -6.04 6.53
C ILE I 143 -3.49 -6.83 5.50
N ILE I 144 -3.28 -8.12 5.74
CA ILE I 144 -2.43 -8.89 4.85
C ILE I 144 -3.12 -9.12 3.51
N LEU I 145 -4.44 -9.34 3.52
CA LEU I 145 -5.18 -9.45 2.28
C LEU I 145 -5.29 -8.09 1.58
N SER I 146 -5.38 -7.01 2.37
CA SER I 146 -5.40 -5.67 1.80
C SER I 146 -4.03 -5.21 1.33
N LYS I 147 -2.95 -5.82 1.84
CA LYS I 147 -1.60 -5.44 1.45
C LYS I 147 -0.98 -6.36 0.41
N ILE I 148 -1.58 -7.52 0.15
CA ILE I 148 -1.03 -8.44 -0.84
C ILE I 148 -1.14 -7.81 -2.23
N LEU I 149 -0.08 -7.94 -3.03
CA LEU I 149 -0.02 -7.33 -4.35
C LEU I 149 -0.34 -8.34 -5.44
N PHE I 150 -1.01 -7.87 -6.49
CA PHE I 150 -1.28 -8.74 -7.63
C PHE I 150 0.01 -9.07 -8.38
N ILE I 151 0.91 -8.09 -8.51
CA ILE I 151 2.14 -8.32 -9.24
C ILE I 151 2.98 -9.41 -8.57
N ASP I 152 3.01 -9.41 -7.24
CA ASP I 152 3.75 -10.45 -6.52
C ASP I 152 3.08 -11.80 -6.67
N PHE I 153 1.74 -11.82 -6.65
CA PHE I 153 1.02 -13.07 -6.86
C PHE I 153 1.29 -13.63 -8.26
N TRP I 154 1.38 -12.76 -9.25
CA TRP I 154 1.60 -13.22 -10.62
C TRP I 154 3.00 -13.81 -10.78
N HIS I 155 4.01 -13.14 -10.24
CA HIS I 155 5.38 -13.64 -10.37
C HIS I 155 5.54 -15.01 -9.74
N TRP I 156 5.07 -15.18 -8.51
CA TRP I 156 5.06 -16.51 -7.90
C TRP I 156 4.23 -17.48 -8.71
N LEU I 157 3.06 -17.03 -9.18
CA LEU I 157 2.24 -17.86 -10.05
C LEU I 157 3.01 -18.26 -11.29
N GLY I 158 3.76 -17.33 -11.87
CA GLY I 158 4.54 -17.65 -13.05
C GLY I 158 5.74 -18.53 -12.75
N SER I 159 6.26 -18.46 -11.53
CA SER I 159 7.40 -19.30 -11.17
C SER I 159 7.08 -20.77 -11.30
N ILE I 160 5.82 -21.14 -11.10
CA ILE I 160 5.43 -22.55 -11.15
C ILE I 160 5.07 -23.03 -12.55
N PHE I 161 4.71 -22.12 -13.45
CA PHE I 161 4.22 -22.50 -14.77
C PHE I 161 5.10 -22.05 -15.92
N TYR I 162 5.73 -20.88 -15.82
CA TYR I 162 6.65 -20.46 -16.87
C TYR I 162 7.84 -21.42 -16.96
N LYS I 163 8.56 -21.60 -15.86
CA LYS I 163 9.69 -22.51 -15.84
C LYS I 163 10.79 -22.08 -16.81
N GLY I 164 10.62 -22.46 -18.07
CA GLY I 164 11.58 -22.14 -19.11
C GLY I 164 10.95 -21.22 -20.14
N GLY I 165 11.70 -20.19 -20.53
CA GLY I 165 11.18 -19.17 -21.41
C GLY I 165 11.67 -17.78 -21.01
N PHE I 166 10.83 -16.76 -21.20
CA PHE I 166 11.23 -15.42 -20.79
C PHE I 166 11.55 -15.39 -19.29
N LYS I 167 12.76 -14.92 -18.97
CA LYS I 167 13.12 -14.79 -17.56
C LYS I 167 12.30 -13.70 -16.89
N ILE I 168 12.32 -13.71 -15.55
CA ILE I 168 11.39 -12.88 -14.78
C ILE I 168 11.57 -11.41 -15.09
N VAL I 169 12.82 -10.97 -15.27
CA VAL I 169 13.13 -9.57 -15.53
C VAL I 169 12.89 -8.78 -14.24
N SER I 170 12.88 -7.45 -14.34
CA SER I 170 12.76 -6.62 -13.16
C SER I 170 11.35 -6.66 -12.59
N ASN I 171 11.24 -6.27 -11.32
CA ASN I 171 9.95 -6.10 -10.66
C ASN I 171 9.11 -5.11 -11.47
N THR I 172 7.79 -5.17 -11.33
CA THR I 172 6.91 -4.41 -12.21
C THR I 172 7.06 -4.94 -13.63
N ALA I 173 6.30 -4.39 -14.57
CA ALA I 173 6.40 -4.84 -15.95
C ALA I 173 5.87 -6.27 -16.10
N LEU I 174 5.38 -6.61 -17.29
CA LEU I 174 4.63 -7.84 -17.49
C LEU I 174 4.99 -8.47 -18.82
N GLY I 175 4.76 -9.77 -18.91
CA GLY I 175 4.76 -10.45 -20.19
C GLY I 175 3.54 -10.03 -21.00
N TRP I 176 3.27 -10.77 -22.07
CA TRP I 176 2.11 -10.46 -22.88
C TRP I 176 0.83 -10.80 -22.13
N LEU I 177 0.79 -11.97 -21.48
CA LEU I 177 -0.44 -12.42 -20.84
C LEU I 177 -0.78 -11.56 -19.63
N GLY I 178 0.21 -11.30 -18.77
CA GLY I 178 -0.04 -10.45 -17.63
C GLY I 178 -0.67 -9.13 -18.01
N TRP I 179 -0.20 -8.53 -19.10
CA TRP I 179 -0.77 -7.25 -19.53
C TRP I 179 -2.19 -7.43 -20.05
N TYR I 180 -2.47 -8.55 -20.72
CA TYR I 180 -3.82 -8.82 -21.19
C TYR I 180 -4.78 -8.97 -20.03
N ILE I 181 -4.35 -9.67 -18.97
CA ILE I 181 -5.19 -9.82 -17.79
C ILE I 181 -5.37 -8.49 -17.09
N LEU I 182 -4.27 -7.75 -16.91
CA LEU I 182 -4.33 -6.50 -16.15
C LEU I 182 -5.20 -5.47 -16.87
N CYS I 183 -5.09 -5.39 -18.20
CA CYS I 183 -5.88 -4.40 -18.93
C CYS I 183 -7.34 -4.82 -19.06
N SER I 184 -7.58 -6.09 -19.36
CA SER I 184 -8.96 -6.58 -19.39
C SER I 184 -9.63 -6.38 -18.04
N PHE I 185 -8.88 -6.55 -16.95
CA PHE I 185 -9.41 -6.29 -15.62
C PHE I 185 -9.63 -4.79 -15.39
N ALA I 186 -8.71 -3.97 -15.88
CA ALA I 186 -8.86 -2.52 -15.72
C ALA I 186 -9.91 -1.96 -16.68
N THR I 187 -10.12 -2.62 -17.82
CA THR I 187 -11.13 -2.18 -18.77
C THR I 187 -12.53 -2.52 -18.30
N SER I 188 -12.76 -3.77 -17.88
CA SER I 188 -14.06 -4.18 -17.38
C SER I 188 -14.46 -3.44 -16.11
N THR I 189 -13.49 -2.82 -15.42
CA THR I 189 -13.81 -2.12 -14.18
C THR I 189 -14.35 -0.73 -14.46
N VAL I 190 -13.78 -0.01 -15.44
CA VAL I 190 -14.22 1.35 -15.72
C VAL I 190 -15.49 1.38 -16.56
N LEU I 191 -15.78 0.33 -17.32
CA LEU I 191 -16.99 0.28 -18.13
C LEU I 191 -18.22 -0.15 -17.34
N ARG I 192 -18.06 -1.03 -16.34
CA ARG I 192 -19.21 -1.44 -15.55
C ARG I 192 -19.73 -0.30 -14.68
N LYS I 193 -18.86 0.64 -14.29
CA LYS I 193 -19.31 1.80 -13.53
C LYS I 193 -20.16 2.73 -14.38
N ILE I 194 -20.14 2.57 -15.70
CA ILE I 194 -20.96 3.38 -16.59
C ILE I 194 -22.37 2.81 -16.68
N ILE J 5 27.06 26.32 30.30
CA ILE J 5 25.71 25.90 29.97
C ILE J 5 25.74 24.76 28.97
N PHE J 6 26.18 25.05 27.75
CA PHE J 6 26.24 24.03 26.71
C PHE J 6 27.38 23.05 26.96
N ASP J 7 28.50 23.52 27.50
CA ASP J 7 29.64 22.63 27.74
C ASP J 7 29.39 21.71 28.92
N ILE J 8 28.81 22.24 30.01
CA ILE J 8 28.57 21.42 31.19
C ILE J 8 27.65 20.25 30.87
N TYR J 9 26.62 20.50 30.07
CA TYR J 9 25.69 19.44 29.69
C TYR J 9 26.31 18.47 28.70
N TYR J 10 27.19 18.96 27.83
CA TYR J 10 27.84 18.10 26.84
C TYR J 10 28.91 17.23 27.49
N LYS J 11 29.95 17.86 28.04
CA LYS J 11 31.09 17.11 28.56
C LYS J 11 30.67 16.11 29.63
N THR J 12 29.65 16.44 30.43
CA THR J 12 29.21 15.52 31.47
C THR J 12 28.54 14.29 30.87
N LEU J 13 27.69 14.47 29.86
CA LEU J 13 27.03 13.34 29.24
C LEU J 13 27.94 12.63 28.24
N ASP J 14 28.88 13.35 27.62
CA ASP J 14 29.77 12.72 26.65
C ASP J 14 30.65 11.67 27.31
N ALA J 15 31.27 12.01 28.44
CA ALA J 15 32.20 11.09 29.09
C ALA J 15 31.52 9.79 29.52
N ILE J 16 30.20 9.82 29.74
CA ILE J 16 29.50 8.64 30.22
C ILE J 16 29.04 7.75 29.07
N PHE J 17 28.62 8.35 27.95
CA PHE J 17 28.05 7.59 26.84
C PHE J 17 29.06 7.25 25.75
N MET J 18 30.23 7.90 25.74
CA MET J 18 31.25 7.59 24.73
C MET J 18 31.54 6.10 24.62
N PRO J 19 31.71 5.35 25.72
CA PRO J 19 31.99 3.92 25.57
C PRO J 19 30.90 3.16 24.82
N ILE J 20 29.62 3.47 25.11
CA ILE J 20 28.52 2.78 24.45
C ILE J 20 28.08 3.46 23.16
N ILE J 21 28.76 4.54 22.76
CA ILE J 21 28.44 5.21 21.50
C ILE J 21 29.25 4.63 20.34
N LYS J 22 30.57 4.52 20.52
CA LYS J 22 31.42 4.10 19.42
C LYS J 22 31.12 2.66 18.99
N VAL J 23 30.81 1.79 19.94
CA VAL J 23 30.61 0.38 19.64
C VAL J 23 29.18 0.09 19.21
N LEU J 24 28.20 0.63 19.93
CA LEU J 24 26.81 0.27 19.72
C LEU J 24 26.25 0.91 18.46
N HIS J 25 25.42 0.16 17.75
CA HIS J 25 24.73 0.67 16.58
C HIS J 25 23.81 1.82 16.98
N PRO J 26 23.96 3.01 16.41
CA PRO J 26 23.09 4.13 16.78
C PRO J 26 21.60 3.81 16.65
N ALA J 27 21.27 2.80 15.84
CA ALA J 27 19.87 2.38 15.73
C ALA J 27 19.37 1.81 17.05
N LEU J 28 20.12 0.87 17.63
CA LEU J 28 19.76 0.33 18.94
C LEU J 28 19.98 1.34 20.05
N ALA J 29 20.97 2.22 19.89
CA ALA J 29 21.23 3.23 20.92
C ALA J 29 20.03 4.16 21.07
N ILE J 30 19.44 4.59 19.96
CA ILE J 30 18.29 5.49 20.02
C ILE J 30 17.05 4.75 20.54
N LEU J 31 16.86 3.51 20.08
CA LEU J 31 15.67 2.76 20.47
C LEU J 31 15.60 2.53 21.97
N ILE J 32 16.76 2.29 22.60
CA ILE J 32 16.78 2.12 24.05
C ILE J 32 16.44 3.43 24.75
N ILE J 33 17.09 4.52 24.35
CA ILE J 33 16.85 5.81 24.97
C ILE J 33 15.41 6.26 24.75
N ALA J 34 14.78 5.80 23.68
CA ALA J 34 13.42 6.23 23.37
C ALA J 34 12.38 5.42 24.14
N ILE J 35 12.52 4.09 24.16
CA ILE J 35 11.57 3.26 24.88
C ILE J 35 11.61 3.55 26.37
N ILE J 36 12.76 3.94 26.89
CA ILE J 36 12.88 4.27 28.31
C ILE J 36 12.11 5.55 28.63
N VAL J 37 12.43 6.64 27.92
CA VAL J 37 11.72 7.89 28.15
C VAL J 37 10.25 7.75 27.79
N SER J 38 9.91 6.84 26.87
CA SER J 38 8.52 6.64 26.50
C SER J 38 7.71 6.10 27.68
N LEU J 39 8.31 5.21 28.47
CA LEU J 39 7.64 4.68 29.66
C LEU J 39 7.80 5.59 30.88
N ILE J 40 8.81 6.47 30.87
CA ILE J 40 8.91 7.49 31.91
C ILE J 40 7.84 8.55 31.74
N ILE J 41 7.33 8.75 30.53
CA ILE J 41 6.29 9.75 30.30
C ILE J 41 4.89 9.17 30.47
N ASN J 42 4.73 7.86 30.27
CA ASN J 42 3.42 7.22 30.39
C ASN J 42 3.16 6.62 31.77
N ILE J 43 4.21 6.14 32.44
CA ILE J 43 4.09 5.56 33.77
C ILE J 43 4.40 6.58 34.86
N ALA J 44 5.57 7.23 34.77
CA ALA J 44 5.97 8.15 35.83
C ALA J 44 5.16 9.44 35.82
N THR J 45 4.67 9.87 34.66
CA THR J 45 3.91 11.10 34.57
C THR J 45 2.49 10.85 34.09
N PRO J 102 2.12 19.84 34.88
CA PRO J 102 2.96 18.64 34.78
C PRO J 102 3.36 18.33 33.33
N MET J 103 2.48 18.64 32.38
CA MET J 103 2.82 18.42 30.97
C MET J 103 3.93 19.35 30.51
N ILE J 104 3.91 20.60 30.99
CA ILE J 104 4.99 21.52 30.65
C ILE J 104 6.31 21.07 31.24
N TYR J 105 6.26 20.43 32.42
CA TYR J 105 7.48 19.88 33.02
C TYR J 105 7.98 18.66 32.25
N THR J 106 7.07 17.91 31.63
CA THR J 106 7.48 16.74 30.85
C THR J 106 8.16 17.14 29.55
N TRP J 107 7.84 18.32 29.02
CA TRP J 107 8.54 18.80 27.83
C TRP J 107 10.01 19.07 28.12
N VAL J 108 10.34 19.41 29.37
CA VAL J 108 11.72 19.72 29.73
C VAL J 108 12.66 18.56 29.44
N PRO J 109 12.41 17.34 29.92
CA PRO J 109 13.35 16.26 29.62
C PRO J 109 13.41 15.91 28.15
N ILE J 110 12.28 15.98 27.44
CA ILE J 110 12.29 15.67 26.01
C ILE J 110 13.08 16.72 25.26
N ILE J 111 12.97 17.98 25.65
CA ILE J 111 13.65 19.04 24.90
C ILE J 111 15.14 19.04 25.21
N LEU J 112 15.53 18.64 26.43
CA LEU J 112 16.95 18.52 26.74
C LEU J 112 17.56 17.26 26.14
N ILE J 113 16.75 16.27 25.78
CA ILE J 113 17.24 15.12 25.03
C ILE J 113 17.49 15.49 23.58
N PHE J 114 16.60 16.28 22.99
CA PHE J 114 16.77 16.71 21.60
C PHE J 114 18.12 17.38 21.38
N ILE J 115 18.53 18.24 22.32
CA ILE J 115 19.76 19.01 22.12
C ILE J 115 20.98 18.10 22.19
N TYR J 116 20.96 17.09 23.07
CA TYR J 116 22.12 16.21 23.18
C TYR J 116 22.21 15.24 22.01
N LEU J 117 21.08 14.66 21.60
CA LEU J 117 21.09 13.81 20.42
C LEU J 117 21.55 14.58 19.19
N ARG J 118 21.27 15.89 19.12
CA ARG J 118 21.79 16.69 18.02
C ARG J 118 23.29 16.85 18.14
N HIS J 119 23.80 17.05 19.35
CA HIS J 119 25.23 17.18 19.55
C HIS J 119 25.98 15.93 19.12
N VAL J 120 25.28 14.81 19.05
CA VAL J 120 25.90 13.50 18.93
C VAL J 120 25.86 12.97 17.51
N TYR J 121 24.74 13.17 16.80
CA TYR J 121 24.62 12.68 15.43
C TYR J 121 24.41 13.80 14.41
N GLY J 122 24.29 15.04 14.86
CA GLY J 122 24.21 16.16 13.95
C GLY J 122 25.51 16.37 13.21
N PHE J 123 25.46 17.31 12.27
CA PHE J 123 26.65 17.65 11.50
C PHE J 123 27.69 18.29 12.41
N GLY J 124 28.92 17.80 12.33
CA GLY J 124 29.92 18.15 13.32
C GLY J 124 29.73 17.47 14.65
N GLY J 125 28.77 16.56 14.76
CA GLY J 125 28.53 15.87 16.01
C GLY J 125 29.66 14.95 16.40
N VAL J 126 29.53 14.36 17.58
CA VAL J 126 30.61 13.53 18.11
C VAL J 126 30.77 12.26 17.29
N TYR J 127 29.67 11.67 16.82
CA TYR J 127 29.76 10.44 16.05
C TYR J 127 30.45 10.71 14.71
N GLN J 128 29.96 11.71 13.96
CA GLN J 128 30.63 12.06 12.72
C GLN J 128 32.09 12.43 12.97
N GLU J 129 32.36 13.16 14.05
CA GLU J 129 33.73 13.52 14.38
C GLU J 129 34.58 12.28 14.63
N LEU J 130 34.04 11.28 15.33
CA LEU J 130 34.75 10.02 15.51
C LEU J 130 34.94 9.31 14.19
N ASN J 131 33.87 9.16 13.41
CA ASN J 131 33.88 8.38 12.19
C ASN J 131 33.79 9.32 10.99
N PRO J 132 34.91 9.69 10.37
CA PRO J 132 34.84 10.46 9.13
C PRO J 132 33.99 9.71 8.11
N GLY J 133 33.36 10.47 7.22
CA GLY J 133 32.37 9.85 6.35
C GLY J 133 31.04 9.80 7.07
N TRP J 134 30.29 8.70 6.91
CA TRP J 134 28.97 8.63 7.51
C TRP J 134 28.09 9.75 6.95
N ASN J 135 27.44 9.46 5.82
CA ASN J 135 26.44 10.32 5.18
C ASN J 135 25.51 10.94 6.21
N GLY J 136 25.04 10.11 7.13
CA GLY J 136 24.01 10.42 8.09
C GLY J 136 23.37 9.10 8.44
N VAL J 137 22.05 8.98 8.23
CA VAL J 137 21.31 7.73 8.44
C VAL J 137 21.68 7.01 9.72
N VAL J 138 20.75 6.92 10.66
CA VAL J 138 21.02 6.09 11.82
C VAL J 138 20.46 4.68 11.67
N VAL J 139 19.49 4.48 10.77
CA VAL J 139 18.99 3.13 10.49
C VAL J 139 18.33 3.14 9.13
N TYR J 140 18.41 2.00 8.44
CA TYR J 140 17.68 1.75 7.19
C TYR J 140 16.50 0.85 7.50
N LEU J 141 15.32 1.23 7.02
CA LEU J 141 14.12 0.47 7.32
C LEU J 141 13.51 -0.14 6.06
N PRO J 142 13.10 -1.42 6.11
CA PRO J 142 12.41 -2.02 4.97
C PRO J 142 10.91 -2.08 5.17
N ILE J 143 10.15 -1.87 4.09
CA ILE J 143 8.71 -2.07 4.02
C ILE J 143 7.94 -1.16 4.99
N ILE J 144 8.36 -1.12 6.26
CA ILE J 144 7.57 -0.37 7.24
C ILE J 144 7.60 1.12 6.92
N LEU J 145 8.74 1.63 6.46
CA LEU J 145 8.76 3.01 5.98
C LEU J 145 7.90 3.18 4.74
N SER J 146 7.87 2.17 3.88
CA SER J 146 7.01 2.19 2.71
C SER J 146 5.56 1.88 3.05
N LYS J 147 5.31 1.23 4.18
CA LYS J 147 3.95 0.89 4.59
C LYS J 147 3.34 1.86 5.59
N ILE J 148 4.16 2.68 6.25
CA ILE J 148 3.65 3.61 7.24
C ILE J 148 2.85 4.71 6.55
N LEU J 149 1.73 5.08 7.17
CA LEU J 149 0.82 6.08 6.60
C LEU J 149 1.04 7.44 7.26
N PHE J 150 0.89 8.50 6.46
CA PHE J 150 0.99 9.85 7.01
C PHE J 150 -0.20 10.17 7.91
N ILE J 151 -1.40 9.71 7.53
CA ILE J 151 -2.59 10.03 8.30
C ILE J 151 -2.48 9.46 9.72
N ASP J 152 -2.02 8.21 9.83
CA ASP J 152 -1.86 7.59 11.14
C ASP J 152 -0.83 8.34 11.98
N PHE J 153 0.24 8.83 11.34
CA PHE J 153 1.22 9.64 12.06
C PHE J 153 0.61 10.95 12.54
N TRP J 154 -0.23 11.57 11.70
CA TRP J 154 -0.83 12.84 12.08
C TRP J 154 -1.76 12.67 13.28
N HIS J 155 -2.61 11.64 13.25
CA HIS J 155 -3.51 11.40 14.38
C HIS J 155 -2.72 11.22 15.68
N TRP J 156 -1.64 10.45 15.64
CA TRP J 156 -0.79 10.29 16.82
C TRP J 156 -0.18 11.61 17.22
N LEU J 157 0.41 12.34 16.26
CA LEU J 157 1.01 13.63 16.55
C LEU J 157 -0.06 14.62 17.03
N GLY J 158 -1.23 14.61 16.41
CA GLY J 158 -2.31 15.47 16.86
C GLY J 158 -2.90 15.01 18.19
N SER J 159 -2.87 13.70 18.45
CA SER J 159 -3.37 13.20 19.73
C SER J 159 -2.68 13.87 20.90
N ILE J 160 -1.39 14.20 20.76
CA ILE J 160 -0.66 14.85 21.84
C ILE J 160 -0.75 16.37 21.78
N PHE J 161 -1.27 16.93 20.69
CA PHE J 161 -1.33 18.38 20.51
C PHE J 161 -2.74 18.94 20.60
N TYR J 162 -3.70 18.31 19.91
CA TYR J 162 -5.09 18.76 20.06
C TYR J 162 -5.54 18.70 21.51
N LYS J 163 -5.51 17.51 22.10
CA LYS J 163 -5.89 17.33 23.50
C LYS J 163 -7.35 17.73 23.73
N GLY J 164 -7.65 19.01 23.63
CA GLY J 164 -9.00 19.49 23.87
C GLY J 164 -9.67 20.09 22.66
N GLY J 165 -10.77 19.50 22.25
CA GLY J 165 -11.56 20.04 21.15
C GLY J 165 -11.50 19.21 19.89
N PHE J 166 -12.65 19.13 19.20
CA PHE J 166 -12.76 18.49 17.90
C PHE J 166 -12.22 17.07 17.89
N LYS J 167 -13.04 16.14 18.35
CA LYS J 167 -12.68 14.73 18.35
C LYS J 167 -12.43 14.26 16.92
N ILE J 168 -11.81 13.09 16.81
CA ILE J 168 -11.08 12.73 15.58
C ILE J 168 -12.02 12.42 14.44
N VAL J 169 -13.10 11.67 14.71
CA VAL J 169 -13.93 11.10 13.66
C VAL J 169 -13.16 9.94 13.04
N SER J 170 -13.67 9.38 11.96
CA SER J 170 -13.07 8.18 11.39
C SER J 170 -11.80 8.53 10.61
N ASN J 171 -11.02 7.49 10.31
CA ASN J 171 -9.85 7.64 9.45
C ASN J 171 -10.26 8.25 8.12
N THR J 172 -9.31 8.80 7.37
CA THR J 172 -9.63 9.64 6.21
C THR J 172 -10.21 10.95 6.72
N ALA J 173 -10.08 12.01 5.93
CA ALA J 173 -10.52 13.34 6.37
C ALA J 173 -9.57 13.87 7.44
N LEU J 174 -9.47 15.19 7.54
CA LEU J 174 -8.58 15.82 8.50
C LEU J 174 -9.01 17.27 8.68
N GLY J 175 -8.46 17.91 9.71
CA GLY J 175 -8.80 19.27 10.05
C GLY J 175 -8.20 20.27 9.10
N TRP J 176 -8.16 21.53 9.55
CA TRP J 176 -7.65 22.60 8.69
C TRP J 176 -6.13 22.51 8.55
N LEU J 177 -5.43 22.27 9.67
CA LEU J 177 -3.98 22.28 9.64
C LEU J 177 -3.45 21.13 8.78
N GLY J 178 -3.99 19.93 8.96
CA GLY J 178 -3.57 18.80 8.15
C GLY J 178 -3.83 19.01 6.68
N TRP J 179 -4.96 19.65 6.35
CA TRP J 179 -5.28 19.92 4.95
C TRP J 179 -4.39 21.01 4.39
N TYR J 180 -4.08 22.03 5.19
CA TYR J 180 -3.13 23.05 4.77
C TYR J 180 -1.75 22.47 4.55
N ILE J 181 -1.34 21.55 5.43
CA ILE J 181 -0.05 20.88 5.26
C ILE J 181 -0.10 19.92 4.07
N LEU J 182 -1.18 19.14 3.96
CA LEU J 182 -1.28 18.16 2.88
C LEU J 182 -1.34 18.84 1.52
N CYS J 183 -2.06 19.95 1.43
CA CYS J 183 -2.16 20.66 0.15
C CYS J 183 -0.86 21.36 -0.19
N SER J 184 -0.27 22.07 0.78
CA SER J 184 1.03 22.70 0.53
C SER J 184 2.07 21.67 0.13
N PHE J 185 1.99 20.47 0.73
CA PHE J 185 2.90 19.40 0.34
C PHE J 185 2.59 18.87 -1.05
N ALA J 186 1.29 18.77 -1.39
CA ALA J 186 0.90 18.35 -2.73
C ALA J 186 1.02 19.47 -3.75
N THR J 187 1.01 20.72 -3.32
CA THR J 187 1.19 21.84 -4.24
C THR J 187 2.66 22.05 -4.57
N SER J 188 3.52 22.06 -3.54
CA SER J 188 4.95 22.23 -3.77
C SER J 188 5.57 21.04 -4.50
N THR J 189 4.86 19.91 -4.56
CA THR J 189 5.40 18.74 -5.24
C THR J 189 5.20 18.83 -6.76
N VAL J 190 4.02 19.27 -7.20
CA VAL J 190 3.73 19.31 -8.62
C VAL J 190 4.34 20.52 -9.32
N LEU J 191 4.63 21.60 -8.57
CA LEU J 191 5.22 22.79 -9.18
C LEU J 191 6.73 22.68 -9.31
N ARG J 192 7.39 21.97 -8.40
CA ARG J 192 8.84 21.82 -8.49
C ARG J 192 9.24 20.93 -9.67
N LYS J 193 8.38 19.99 -10.05
CA LYS J 193 8.63 19.19 -11.24
C LYS J 193 8.55 20.02 -12.52
N ILE J 194 8.00 21.22 -12.45
CA ILE J 194 7.90 22.10 -13.61
C ILE J 194 9.21 22.84 -13.81
N ILE K 5 -5.55 44.31 18.46
CA ILE K 5 -4.59 43.37 17.89
C ILE K 5 -5.31 42.18 17.26
N PHE K 6 -5.97 41.38 18.11
CA PHE K 6 -6.69 40.22 17.61
C PHE K 6 -8.00 40.60 16.94
N ASP K 7 -8.66 41.64 17.44
CA ASP K 7 -9.94 42.05 16.87
C ASP K 7 -9.76 42.73 15.51
N ILE K 8 -8.75 43.61 15.41
CA ILE K 8 -8.54 44.34 14.15
C ILE K 8 -8.26 43.37 13.01
N TYR K 9 -7.46 42.33 13.28
CA TYR K 9 -7.15 41.35 12.23
C TYR K 9 -8.33 40.45 11.94
N TYR K 10 -9.14 40.14 12.95
CA TYR K 10 -10.31 39.30 12.74
C TYR K 10 -11.41 40.07 12.00
N LYS K 11 -11.93 41.12 12.63
CA LYS K 11 -13.07 41.83 12.06
C LYS K 11 -12.79 42.36 10.66
N THR K 12 -11.55 42.75 10.38
CA THR K 12 -11.23 43.26 9.05
C THR K 12 -11.30 42.15 8.00
N LEU K 13 -10.77 40.97 8.30
CA LEU K 13 -10.80 39.87 7.35
C LEU K 13 -12.14 39.15 7.36
N ASP K 14 -12.86 39.17 8.48
CA ASP K 14 -14.15 38.49 8.55
C ASP K 14 -15.15 39.11 7.59
N ALA K 15 -15.29 40.44 7.63
CA ALA K 15 -16.29 41.11 6.80
C ALA K 15 -16.05 40.89 5.31
N ILE K 16 -14.81 40.59 4.92
CA ILE K 16 -14.49 40.41 3.50
C ILE K 16 -14.73 38.98 3.05
N PHE K 17 -14.43 38.00 3.91
CA PHE K 17 -14.52 36.59 3.53
C PHE K 17 -15.83 35.93 3.94
N MET K 18 -16.61 36.56 4.81
CA MET K 18 -17.92 36.01 5.20
C MET K 18 -18.76 35.61 4.00
N PRO K 19 -18.89 36.43 2.95
CA PRO K 19 -19.71 36.00 1.80
C PRO K 19 -19.23 34.72 1.16
N ILE K 20 -17.92 34.53 1.02
CA ILE K 20 -17.39 33.33 0.36
C ILE K 20 -17.08 32.23 1.35
N ILE K 21 -17.41 32.41 2.63
CA ILE K 21 -17.21 31.38 3.63
C ILE K 21 -18.43 30.47 3.74
N LYS K 22 -19.61 31.05 3.91
CA LYS K 22 -20.81 30.27 4.18
C LYS K 22 -21.23 29.44 2.97
N VAL K 23 -20.97 29.93 1.77
CA VAL K 23 -21.42 29.24 0.56
C VAL K 23 -20.40 28.20 0.10
N LEU K 24 -19.12 28.55 0.13
CA LEU K 24 -18.09 27.71 -0.47
C LEU K 24 -17.73 26.55 0.44
N HIS K 25 -17.41 25.42 -0.17
CA HIS K 25 -16.97 24.23 0.56
C HIS K 25 -15.61 24.50 1.20
N PRO K 26 -15.48 24.36 2.52
CA PRO K 26 -14.19 24.67 3.17
C PRO K 26 -13.01 23.95 2.55
N ALA K 27 -13.27 22.85 1.85
CA ALA K 27 -12.20 22.16 1.13
C ALA K 27 -11.64 23.03 0.01
N LEU K 28 -12.52 23.55 -0.85
CA LEU K 28 -12.07 24.43 -1.93
C LEU K 28 -11.57 25.76 -1.38
N ALA K 29 -12.13 26.22 -0.27
CA ALA K 29 -11.69 27.49 0.31
C ALA K 29 -10.24 27.43 0.74
N ILE K 30 -9.83 26.31 1.34
CA ILE K 30 -8.44 26.16 1.79
C ILE K 30 -7.53 25.92 0.60
N LEU K 31 -7.97 25.12 -0.37
CA LEU K 31 -7.12 24.78 -1.51
C LEU K 31 -6.73 26.02 -2.29
N ILE K 32 -7.65 26.98 -2.43
CA ILE K 32 -7.33 28.21 -3.16
C ILE K 32 -6.35 29.05 -2.36
N ILE K 33 -6.62 29.24 -1.07
CA ILE K 33 -5.75 30.06 -0.23
C ILE K 33 -4.35 29.45 -0.13
N ALA K 34 -4.26 28.13 -0.30
CA ALA K 34 -2.96 27.46 -0.17
C ALA K 34 -2.17 27.52 -1.47
N ILE K 35 -2.82 27.22 -2.60
CA ILE K 35 -2.12 27.26 -3.88
C ILE K 35 -1.63 28.68 -4.20
N ILE K 36 -2.37 29.69 -3.74
CA ILE K 36 -1.96 31.07 -3.99
C ILE K 36 -0.71 31.41 -3.19
N VAL K 37 -0.75 31.20 -1.87
CA VAL K 37 0.42 31.48 -1.04
C VAL K 37 1.57 30.54 -1.42
N SER K 38 1.25 29.36 -1.95
CA SER K 38 2.31 28.45 -2.38
C SER K 38 3.11 29.04 -3.52
N LEU K 39 2.45 29.73 -4.45
CA LEU K 39 3.13 30.42 -5.54
C LEU K 39 3.64 31.80 -5.15
N ILE K 40 3.11 32.39 -4.09
CA ILE K 40 3.67 33.63 -3.57
C ILE K 40 4.99 33.36 -2.87
N ILE K 41 5.17 32.14 -2.35
CA ILE K 41 6.41 31.79 -1.67
C ILE K 41 7.46 31.25 -2.64
N ASN K 42 7.03 30.68 -3.77
CA ASN K 42 7.95 30.11 -4.74
C ASN K 42 8.28 31.07 -5.88
N ILE K 43 7.35 31.94 -6.26
CA ILE K 43 7.59 32.89 -7.34
C ILE K 43 8.08 34.23 -6.80
N ALA K 44 7.34 34.81 -5.87
CA ALA K 44 7.70 36.12 -5.30
C ALA K 44 8.96 36.03 -4.46
N PRO K 102 13.88 39.71 3.96
CA PRO K 102 12.62 39.43 3.23
C PRO K 102 12.16 37.99 3.40
N MET K 103 13.12 37.07 3.53
CA MET K 103 12.77 35.67 3.79
C MET K 103 12.08 35.53 5.15
N ILE K 104 12.55 36.26 6.15
CA ILE K 104 11.93 36.21 7.47
C ILE K 104 10.54 36.83 7.43
N TYR K 105 10.36 37.87 6.60
CA TYR K 105 9.04 38.51 6.50
C TYR K 105 8.06 37.66 5.72
N THR K 106 8.54 36.89 4.74
CA THR K 106 7.64 36.02 3.98
C THR K 106 7.18 34.82 4.80
N TRP K 107 7.97 34.41 5.79
CA TRP K 107 7.53 33.38 6.72
C TRP K 107 6.46 33.90 7.66
N VAL K 108 6.36 35.22 7.80
CA VAL K 108 5.44 35.86 8.74
C VAL K 108 4.00 35.69 8.28
N PRO K 109 3.67 35.93 7.01
CA PRO K 109 2.27 35.75 6.58
C PRO K 109 1.77 34.35 6.81
N ILE K 110 2.63 33.34 6.67
CA ILE K 110 2.20 31.96 6.93
C ILE K 110 1.74 31.80 8.37
N ILE K 111 2.47 32.41 9.31
CA ILE K 111 2.07 32.29 10.71
C ILE K 111 0.88 33.19 11.02
N LEU K 112 0.74 34.32 10.30
CA LEU K 112 -0.46 35.14 10.47
C LEU K 112 -1.64 34.57 9.69
N ILE K 113 -1.39 33.71 8.71
CA ILE K 113 -2.48 32.96 8.08
C ILE K 113 -2.97 31.86 9.00
N PHE K 114 -2.05 31.21 9.72
CA PHE K 114 -2.43 30.16 10.66
C PHE K 114 -3.41 30.68 11.70
N ILE K 115 -3.17 31.88 12.23
CA ILE K 115 -3.98 32.38 13.34
C ILE K 115 -5.41 32.68 12.89
N TYR K 116 -5.56 33.20 11.67
CA TYR K 116 -6.90 33.51 11.18
C TYR K 116 -7.65 32.25 10.78
N LEU K 117 -6.98 31.31 10.11
CA LEU K 117 -7.61 30.04 9.78
C LEU K 117 -7.97 29.27 11.04
N ARG K 118 -7.20 29.42 12.12
CA ARG K 118 -7.60 28.86 13.40
C ARG K 118 -8.87 29.54 13.90
N HIS K 119 -9.04 30.83 13.60
CA HIS K 119 -10.20 31.56 14.08
C HIS K 119 -11.45 31.19 13.30
N VAL K 120 -11.31 30.76 12.04
CA VAL K 120 -12.47 30.53 11.18
C VAL K 120 -12.97 29.10 11.28
N TYR K 121 -12.08 28.11 11.32
CA TYR K 121 -12.47 26.71 11.25
C TYR K 121 -12.11 25.90 12.48
N GLY K 122 -11.29 26.43 13.39
CA GLY K 122 -10.96 25.71 14.61
C GLY K 122 -12.16 25.56 15.52
N PHE K 123 -11.93 24.92 16.66
CA PHE K 123 -13.00 24.75 17.64
C PHE K 123 -13.42 26.11 18.18
N GLY K 124 -14.72 26.36 18.21
CA GLY K 124 -15.24 27.67 18.51
C GLY K 124 -15.09 28.66 17.38
N GLY K 125 -14.62 28.22 16.22
CA GLY K 125 -14.45 29.08 15.08
C GLY K 125 -15.78 29.62 14.55
N VAL K 126 -15.66 30.49 13.56
CA VAL K 126 -16.85 31.14 13.00
C VAL K 126 -17.75 30.12 12.32
N TYR K 127 -17.16 29.12 11.65
CA TYR K 127 -17.97 28.10 11.00
C TYR K 127 -18.76 27.30 12.02
N GLN K 128 -18.08 26.71 12.99
CA GLN K 128 -18.76 25.99 14.06
C GLN K 128 -19.80 26.87 14.76
N GLU K 129 -19.57 28.18 14.78
CA GLU K 129 -20.58 29.10 15.32
C GLU K 129 -21.75 29.24 14.35
N LEU K 130 -21.44 29.51 13.07
CA LEU K 130 -22.49 29.63 12.07
C LEU K 130 -23.26 28.32 11.92
N ASN K 131 -22.54 27.21 11.87
CA ASN K 131 -23.14 25.89 11.69
C ASN K 131 -22.98 25.09 12.97
N PRO K 132 -24.06 24.72 13.67
CA PRO K 132 -23.90 23.85 14.83
C PRO K 132 -23.54 22.44 14.38
N GLY K 133 -23.71 21.46 15.26
CA GLY K 133 -23.28 20.11 14.94
C GLY K 133 -21.91 20.12 14.31
N TRP K 134 -21.83 19.65 13.07
CA TRP K 134 -20.55 19.62 12.36
C TRP K 134 -19.51 18.89 13.19
N ASN K 135 -19.33 17.60 12.92
CA ASN K 135 -18.22 16.88 13.53
C ASN K 135 -16.89 17.58 13.33
N GLY K 136 -16.82 18.53 12.40
CA GLY K 136 -15.59 19.10 11.93
C GLY K 136 -15.23 18.55 10.57
N VAL K 137 -13.94 18.63 10.23
CA VAL K 137 -13.42 17.99 9.04
C VAL K 137 -13.73 18.84 7.81
N VAL K 138 -12.69 19.42 7.21
CA VAL K 138 -12.89 20.27 6.06
C VAL K 138 -12.79 19.50 4.75
N VAL K 139 -12.35 18.24 4.78
CA VAL K 139 -12.45 17.41 3.59
C VAL K 139 -12.35 15.94 4.00
N TYR K 140 -13.04 15.08 3.24
CA TYR K 140 -12.98 13.62 3.32
C TYR K 140 -12.18 13.14 2.12
N LEU K 141 -11.02 12.54 2.36
CA LEU K 141 -10.23 12.06 1.24
C LEU K 141 -10.07 10.55 1.31
N PRO K 142 -10.43 9.83 0.26
CA PRO K 142 -10.22 8.38 0.24
C PRO K 142 -8.99 7.99 -0.56
N ILE K 143 -8.42 6.84 -0.23
CA ILE K 143 -7.33 6.21 -0.98
C ILE K 143 -6.06 7.06 -0.97
N ILE K 144 -6.16 8.34 -1.36
CA ILE K 144 -4.96 9.17 -1.42
C ILE K 144 -4.42 9.41 -0.01
N LEU K 145 -5.31 9.57 0.97
CA LEU K 145 -4.87 9.60 2.35
C LEU K 145 -4.30 8.25 2.78
N SER K 146 -4.89 7.16 2.27
CA SER K 146 -4.40 5.83 2.59
C SER K 146 -3.13 5.46 1.85
N LYS K 147 -2.83 6.12 0.73
CA LYS K 147 -1.64 5.82 -0.05
C LYS K 147 -0.49 6.79 0.20
N ILE K 148 -0.77 7.95 0.80
CA ILE K 148 0.29 8.89 1.14
C ILE K 148 1.19 8.29 2.21
N LEU K 149 2.49 8.43 2.03
CA LEU K 149 3.47 7.83 2.93
C LEU K 149 3.96 8.85 3.95
N PHE K 150 4.23 8.37 5.16
CA PHE K 150 4.77 9.25 6.19
C PHE K 150 6.17 9.71 5.83
N ILE K 151 7.01 8.81 5.32
CA ILE K 151 8.38 9.16 4.96
C ILE K 151 8.39 10.27 3.92
N ASP K 152 7.49 10.18 2.93
CA ASP K 152 7.45 11.20 1.88
C ASP K 152 7.07 12.56 2.45
N PHE K 153 6.15 12.58 3.42
CA PHE K 153 5.87 13.84 4.10
C PHE K 153 7.08 14.34 4.87
N TRP K 154 7.79 13.43 5.54
CA TRP K 154 8.99 13.81 6.28
C TRP K 154 10.07 14.32 5.34
N HIS K 155 10.29 13.62 4.23
CA HIS K 155 11.27 14.09 3.25
C HIS K 155 10.87 15.46 2.70
N TRP K 156 9.59 15.64 2.37
CA TRP K 156 9.12 16.96 1.97
C TRP K 156 9.36 17.98 3.07
N LEU K 157 9.02 17.63 4.32
CA LEU K 157 9.24 18.54 5.43
C LEU K 157 10.72 18.83 5.62
N GLY K 158 11.57 17.82 5.44
CA GLY K 158 13.00 18.04 5.54
C GLY K 158 13.52 19.00 4.49
N SER K 159 12.90 19.01 3.31
CA SER K 159 13.32 19.92 2.25
C SER K 159 13.09 21.37 2.66
N ILE K 160 12.09 21.62 3.50
CA ILE K 160 11.73 23.00 3.81
C ILE K 160 12.56 23.56 4.96
N PHE K 161 13.03 22.70 5.85
CA PHE K 161 13.66 23.14 7.10
C PHE K 161 15.15 22.86 7.18
N TYR K 162 15.62 21.70 6.72
CA TYR K 162 17.02 21.33 6.89
C TYR K 162 17.93 22.14 5.96
N LYS K 163 17.82 21.91 4.65
CA LYS K 163 18.61 22.66 3.67
C LYS K 163 20.11 22.39 3.79
N GLY K 164 20.72 22.83 4.89
CA GLY K 164 22.16 22.76 5.03
C GLY K 164 22.58 21.66 6.00
N GLY K 165 23.48 20.80 5.53
CA GLY K 165 24.01 19.74 6.35
C GLY K 165 23.76 18.34 5.80
N PHE K 166 23.04 17.52 6.55
CA PHE K 166 22.79 16.15 6.14
C PHE K 166 22.17 16.09 4.75
N LYS K 167 22.79 15.32 3.86
CA LYS K 167 22.20 15.10 2.55
C LYS K 167 20.97 14.18 2.66
N ILE K 168 20.15 14.22 1.62
CA ILE K 168 18.88 13.50 1.67
C ILE K 168 19.09 11.99 1.67
N VAL K 169 20.08 11.52 0.91
CA VAL K 169 20.38 10.10 0.84
C VAL K 169 19.25 9.40 0.11
N SER K 170 19.22 8.06 0.18
CA SER K 170 18.18 7.30 -0.46
C SER K 170 16.88 7.38 0.33
N ASN K 171 15.78 7.00 -0.34
CA ASN K 171 14.53 6.83 0.36
C ASN K 171 14.68 5.75 1.42
N THR K 172 13.69 5.65 2.30
CA THR K 172 13.80 4.80 3.47
C THR K 172 14.84 5.39 4.40
N ALA K 173 15.22 4.66 5.44
CA ALA K 173 16.20 5.19 6.39
C ALA K 173 15.60 6.39 7.10
N LEU K 174 16.41 7.09 7.91
CA LEU K 174 15.93 8.23 8.68
C LEU K 174 17.13 8.87 9.36
N GLY K 175 16.99 10.16 9.68
CA GLY K 175 17.98 10.83 10.51
C GLY K 175 17.80 10.42 11.96
N TRP K 176 18.36 11.19 12.89
CA TRP K 176 18.15 10.87 14.30
C TRP K 176 16.74 11.27 14.73
N LEU K 177 16.28 12.44 14.30
CA LEU K 177 14.96 12.92 14.71
C LEU K 177 13.85 12.08 14.08
N GLY K 178 13.98 11.77 12.78
CA GLY K 178 13.00 10.91 12.13
C GLY K 178 12.87 9.56 12.81
N TRP K 179 14.00 9.01 13.28
CA TRP K 179 13.96 7.74 13.99
C TRP K 179 13.40 7.92 15.38
N TYR K 180 13.69 9.05 16.03
CA TYR K 180 13.12 9.32 17.35
C TYR K 180 11.61 9.50 17.27
N ILE K 181 11.12 10.14 16.21
CA ILE K 181 9.68 10.31 16.04
C ILE K 181 9.02 8.99 15.67
N LEU K 182 9.65 8.23 14.77
CA LEU K 182 9.06 6.98 14.30
C LEU K 182 9.02 5.93 15.42
N CYS K 183 10.04 5.90 16.27
CA CYS K 183 10.06 4.93 17.36
C CYS K 183 9.11 5.34 18.48
N SER K 184 9.12 6.63 18.85
CA SER K 184 8.21 7.11 19.88
C SER K 184 6.75 6.92 19.46
N PHE K 185 6.46 7.05 18.16
CA PHE K 185 5.11 6.79 17.66
C PHE K 185 4.81 5.29 17.65
N ALA K 186 5.79 4.47 17.26
CA ALA K 186 5.62 3.02 17.30
C ALA K 186 5.70 2.46 18.71
N THR K 187 6.34 3.18 19.64
CA THR K 187 6.41 2.73 21.03
C THR K 187 5.11 3.04 21.77
N SER K 188 4.61 4.27 21.63
CA SER K 188 3.37 4.66 22.29
C SER K 188 2.16 3.94 21.71
N THR K 189 2.29 3.33 20.53
CA THR K 189 1.16 2.63 19.92
C THR K 189 1.01 1.23 20.49
N VAL K 190 2.11 0.52 20.72
CA VAL K 190 2.03 -0.85 21.23
C VAL K 190 1.77 -0.91 22.73
N LEU K 191 2.11 0.16 23.47
CA LEU K 191 1.87 0.21 24.91
C LEU K 191 0.45 0.62 25.27
N ARG K 192 -0.17 1.50 24.47
CA ARG K 192 -1.53 1.91 24.75
C ARG K 192 -2.52 0.78 24.53
N LYS K 193 -2.22 -0.14 23.61
CA LYS K 193 -3.04 -1.32 23.43
C LYS K 193 -2.98 -2.26 24.64
N ILE K 194 -2.01 -2.06 25.52
CA ILE K 194 -1.89 -2.86 26.74
C ILE K 194 -2.82 -2.33 27.82
N ILE L 5 -3.93 -26.43 -39.87
CA ILE L 5 -4.64 -26.02 -38.67
C ILE L 5 -3.93 -24.83 -38.02
N PHE L 6 -2.71 -25.07 -37.54
CA PHE L 6 -1.95 -23.99 -36.89
C PHE L 6 -1.40 -23.01 -37.93
N ASP L 7 -1.02 -23.51 -39.11
CA ASP L 7 -0.43 -22.63 -40.12
C ASP L 7 -1.46 -21.71 -40.74
N ILE L 8 -2.65 -22.25 -41.07
CA ILE L 8 -3.68 -21.44 -41.71
C ILE L 8 -4.05 -20.26 -40.82
N TYR L 9 -4.15 -20.49 -39.51
CA TYR L 9 -4.52 -19.41 -38.60
C TYR L 9 -3.38 -18.44 -38.38
N TYR L 10 -2.14 -18.93 -38.38
CA TYR L 10 -0.98 -18.05 -38.24
C TYR L 10 -0.77 -17.23 -39.51
N LYS L 11 -0.47 -17.90 -40.61
CA LYS L 11 -0.09 -17.20 -41.84
C LYS L 11 -1.18 -16.22 -42.30
N THR L 12 -2.45 -16.55 -42.06
CA THR L 12 -3.52 -15.65 -42.47
C THR L 12 -3.53 -14.38 -41.62
N LEU L 13 -3.36 -14.52 -40.31
CA LEU L 13 -3.35 -13.35 -39.43
C LEU L 13 -2.01 -12.63 -39.47
N ASP L 14 -0.91 -13.36 -39.63
CA ASP L 14 0.40 -12.72 -39.65
C ASP L 14 0.50 -11.70 -40.79
N ALA L 15 0.07 -12.09 -41.99
CA ALA L 15 0.19 -11.20 -43.14
C ALA L 15 -0.61 -9.92 -42.96
N ILE L 16 -1.64 -9.94 -42.11
CA ILE L 16 -2.49 -8.76 -41.93
C ILE L 16 -1.93 -7.84 -40.86
N PHE L 17 -1.37 -8.40 -39.78
CA PHE L 17 -0.92 -7.61 -38.64
C PHE L 17 0.56 -7.27 -38.67
N MET L 18 1.36 -7.97 -39.48
CA MET L 18 2.78 -7.68 -39.58
C MET L 18 3.08 -6.20 -39.77
N PRO L 19 2.39 -5.47 -40.66
CA PRO L 19 2.66 -4.04 -40.78
C PRO L 19 2.50 -3.29 -39.47
N ILE L 20 1.49 -3.64 -38.67
CA ILE L 20 1.17 -2.89 -37.46
C ILE L 20 1.80 -3.60 -36.27
N ILE L 21 2.60 -4.62 -36.56
CA ILE L 21 3.29 -5.35 -35.51
C ILE L 21 4.68 -4.75 -35.29
N LYS L 22 5.49 -4.71 -36.34
CA LYS L 22 6.88 -4.29 -36.17
C LYS L 22 6.99 -2.83 -35.78
N VAL L 23 6.02 -2.00 -36.18
CA VAL L 23 6.12 -0.57 -35.91
C VAL L 23 5.50 -0.21 -34.56
N LEU L 24 4.41 -0.87 -34.20
CA LEU L 24 3.62 -0.46 -33.04
C LEU L 24 4.20 -1.02 -31.74
N HIS L 25 4.05 -0.25 -30.67
CA HIS L 25 4.49 -0.68 -29.34
C HIS L 25 3.60 -1.81 -28.86
N PRO L 26 4.15 -2.97 -28.50
CA PRO L 26 3.31 -4.10 -28.08
C PRO L 26 2.34 -3.78 -26.96
N ALA L 27 2.64 -2.75 -26.15
CA ALA L 27 1.71 -2.35 -25.09
C ALA L 27 0.43 -1.77 -25.68
N LEU L 28 0.56 -0.84 -26.63
CA LEU L 28 -0.62 -0.29 -27.29
C LEU L 28 -1.29 -1.32 -28.18
N ALA L 29 -0.52 -2.25 -28.75
CA ALA L 29 -1.11 -3.30 -29.56
C ALA L 29 -2.02 -4.18 -28.72
N ILE L 30 -1.56 -4.61 -27.55
CA ILE L 30 -2.38 -5.44 -26.67
C ILE L 30 -3.58 -4.67 -26.18
N LEU L 31 -3.37 -3.43 -25.72
CA LEU L 31 -4.44 -2.65 -25.12
C LEU L 31 -5.59 -2.44 -26.11
N ILE L 32 -5.28 -2.25 -27.39
CA ILE L 32 -6.34 -2.09 -28.39
C ILE L 32 -7.09 -3.41 -28.57
N ILE L 33 -6.35 -4.51 -28.74
CA ILE L 33 -6.98 -5.81 -28.96
C ILE L 33 -7.82 -6.22 -27.75
N ALA L 34 -7.44 -5.75 -26.56
CA ALA L 34 -8.18 -6.13 -25.36
C ALA L 34 -9.44 -5.29 -25.19
N ILE L 35 -9.33 -3.97 -25.39
CA ILE L 35 -10.49 -3.11 -25.21
C ILE L 35 -11.57 -3.43 -26.23
N ILE L 36 -11.18 -3.92 -27.41
CA ILE L 36 -12.17 -4.27 -28.43
C ILE L 36 -12.93 -5.53 -28.03
N VAL L 37 -12.19 -6.61 -27.72
CA VAL L 37 -12.84 -7.85 -27.32
C VAL L 37 -13.59 -7.66 -26.01
N SER L 38 -13.13 -6.73 -25.16
CA SER L 38 -13.82 -6.48 -23.90
C SER L 38 -15.23 -5.93 -24.14
N LEU L 39 -15.39 -5.08 -25.15
CA LEU L 39 -16.71 -4.56 -25.50
C LEU L 39 -17.47 -5.48 -26.45
N ILE L 40 -16.76 -6.36 -27.17
CA ILE L 40 -17.45 -7.37 -27.96
C ILE L 40 -18.09 -8.41 -27.04
N ILE L 41 -17.55 -8.58 -25.83
CA ILE L 41 -18.09 -9.55 -24.88
C ILE L 41 -19.18 -8.94 -24.00
N ASN L 42 -19.14 -7.63 -23.75
CA ASN L 42 -20.12 -6.98 -22.91
C ASN L 42 -21.29 -6.41 -23.68
N ILE L 43 -21.06 -5.95 -24.91
CA ILE L 43 -22.13 -5.39 -25.73
C ILE L 43 -22.77 -6.45 -26.62
N ALA L 44 -21.96 -7.15 -27.41
CA ALA L 44 -22.46 -8.16 -28.33
C ALA L 44 -22.97 -9.38 -27.55
N MET L 98 -27.43 -24.65 -21.26
CA MET L 98 -28.04 -23.82 -22.28
C MET L 98 -27.43 -22.42 -22.26
N SER L 99 -27.49 -21.75 -21.11
CA SER L 99 -26.87 -20.44 -20.98
C SER L 99 -25.36 -20.51 -21.16
N PHE L 100 -24.76 -21.68 -20.95
CA PHE L 100 -23.32 -21.81 -21.17
C PHE L 100 -22.98 -21.73 -22.65
N ARG L 101 -23.88 -22.20 -23.52
CA ARG L 101 -23.64 -22.29 -24.96
C ARG L 101 -23.17 -20.94 -25.50
N PRO L 102 -23.92 -19.86 -25.28
CA PRO L 102 -23.43 -18.54 -25.69
C PRO L 102 -22.17 -18.13 -24.97
N MET L 103 -22.02 -18.53 -23.70
CA MET L 103 -20.77 -18.26 -22.99
C MET L 103 -19.64 -19.13 -23.51
N ILE L 104 -19.96 -20.37 -23.92
CA ILE L 104 -18.96 -21.21 -24.57
C ILE L 104 -18.55 -20.60 -25.90
N TYR L 105 -19.44 -19.86 -26.54
CA TYR L 105 -19.08 -19.20 -27.80
C TYR L 105 -18.12 -18.04 -27.56
N THR L 106 -18.24 -17.35 -26.43
CA THR L 106 -17.31 -16.26 -26.13
C THR L 106 -15.92 -16.80 -25.79
N TRP L 107 -15.84 -18.03 -25.27
CA TRP L 107 -14.54 -18.62 -24.99
C TRP L 107 -13.79 -18.99 -26.26
N VAL L 108 -14.51 -19.27 -27.34
CA VAL L 108 -13.86 -19.63 -28.60
C VAL L 108 -12.97 -18.50 -29.10
N PRO L 109 -13.44 -17.26 -29.25
CA PRO L 109 -12.54 -16.19 -29.71
C PRO L 109 -11.47 -15.84 -28.70
N ILE L 110 -11.80 -15.88 -27.41
CA ILE L 110 -10.81 -15.58 -26.38
C ILE L 110 -9.70 -16.62 -26.40
N ILE L 111 -10.07 -17.90 -26.52
CA ILE L 111 -9.06 -18.94 -26.52
C ILE L 111 -8.27 -18.95 -27.83
N LEU L 112 -8.90 -18.54 -28.93
CA LEU L 112 -8.17 -18.43 -30.18
C LEU L 112 -7.35 -17.14 -30.26
N ILE L 113 -7.65 -16.16 -29.41
CA ILE L 113 -6.79 -14.98 -29.30
C ILE L 113 -5.53 -15.31 -28.49
N PHE L 114 -5.70 -16.06 -27.39
CA PHE L 114 -4.55 -16.45 -26.59
C PHE L 114 -3.50 -17.16 -27.44
N ILE L 115 -3.93 -18.03 -28.35
CA ILE L 115 -3.00 -18.85 -29.11
C ILE L 115 -2.22 -17.99 -30.11
N TYR L 116 -2.88 -17.00 -30.71
CA TYR L 116 -2.18 -16.13 -31.65
C TYR L 116 -1.27 -15.14 -30.93
N LEU L 117 -1.75 -14.54 -29.84
CA LEU L 117 -0.89 -13.65 -29.06
C LEU L 117 0.34 -14.39 -28.56
N ARG L 118 0.22 -15.68 -28.26
CA ARG L 118 1.41 -16.45 -27.92
C ARG L 118 2.33 -16.61 -29.11
N HIS L 119 1.75 -16.78 -30.31
CA HIS L 119 2.57 -16.96 -31.50
C HIS L 119 3.39 -15.71 -31.78
N VAL L 120 2.94 -14.57 -31.27
CA VAL L 120 3.49 -13.28 -31.61
C VAL L 120 4.51 -12.80 -30.59
N TYR L 121 4.27 -13.03 -29.29
CA TYR L 121 5.18 -12.57 -28.26
C TYR L 121 5.74 -13.67 -27.37
N GLY L 122 5.33 -14.92 -27.57
CA GLY L 122 5.96 -16.02 -26.87
C GLY L 122 7.43 -16.16 -27.26
N PHE L 123 8.12 -17.06 -26.56
CA PHE L 123 9.52 -17.30 -26.87
C PHE L 123 9.64 -17.92 -28.25
N GLY L 124 10.54 -17.38 -29.06
CA GLY L 124 10.58 -17.73 -30.46
C GLY L 124 9.45 -17.16 -31.28
N GLY L 125 8.61 -16.32 -30.69
CA GLY L 125 7.49 -15.75 -31.41
C GLY L 125 7.93 -14.84 -32.54
N VAL L 126 6.95 -14.39 -33.31
CA VAL L 126 7.25 -13.58 -34.49
C VAL L 126 7.97 -12.30 -34.10
N TYR L 127 7.60 -11.71 -32.95
CA TYR L 127 8.27 -10.49 -32.53
C TYR L 127 9.70 -10.76 -32.11
N GLN L 128 9.91 -11.77 -31.26
CA GLN L 128 11.26 -12.03 -30.78
C GLN L 128 12.19 -12.44 -31.92
N GLU L 129 11.69 -13.25 -32.86
CA GLU L 129 12.50 -13.59 -34.02
C GLU L 129 12.85 -12.34 -34.82
N LEU L 130 11.85 -11.52 -35.16
CA LEU L 130 12.10 -10.27 -35.84
C LEU L 130 13.07 -9.40 -35.05
N ASN L 131 12.84 -9.27 -33.73
CA ASN L 131 13.69 -8.46 -32.88
C ASN L 131 14.49 -9.34 -31.93
N PRO L 132 15.71 -9.72 -32.27
CA PRO L 132 16.56 -10.38 -31.28
C PRO L 132 16.79 -9.46 -30.10
N GLY L 133 17.39 -10.03 -29.06
CA GLY L 133 17.32 -9.36 -27.77
C GLY L 133 15.88 -9.28 -27.30
N TRP L 134 15.47 -8.07 -26.91
CA TRP L 134 14.14 -7.89 -26.34
C TRP L 134 13.91 -8.94 -25.28
N ASN L 135 14.47 -8.72 -24.10
CA ASN L 135 14.32 -9.60 -22.94
C ASN L 135 12.92 -10.14 -22.80
N GLY L 136 11.93 -9.34 -23.19
CA GLY L 136 10.53 -9.63 -22.90
C GLY L 136 9.86 -8.32 -22.52
N VAL L 137 9.12 -8.30 -21.41
CA VAL L 137 8.49 -7.08 -20.91
C VAL L 137 7.79 -6.32 -22.03
N VAL L 138 6.48 -6.51 -22.18
CA VAL L 138 5.78 -5.75 -23.21
C VAL L 138 5.42 -4.36 -22.71
N VAL L 139 5.30 -4.18 -21.39
CA VAL L 139 5.10 -2.85 -20.81
C VAL L 139 5.73 -2.81 -19.44
N TYR L 140 6.27 -1.64 -19.10
CA TYR L 140 6.76 -1.33 -17.76
C TYR L 140 5.73 -0.45 -17.08
N LEU L 141 5.20 -0.91 -15.95
CA LEU L 141 4.19 -0.12 -15.26
C LEU L 141 4.71 0.37 -13.92
N PRO L 142 4.66 1.66 -13.65
CA PRO L 142 5.03 2.15 -12.32
C PRO L 142 3.82 2.37 -11.44
N ILE L 143 3.99 2.22 -10.13
CA ILE L 143 3.01 2.58 -9.11
C ILE L 143 1.73 1.76 -9.23
N ILE L 144 1.09 1.74 -10.41
CA ILE L 144 -0.19 1.06 -10.52
C ILE L 144 -0.01 -0.44 -10.29
N LEU L 145 1.09 -1.01 -10.78
CA LEU L 145 1.42 -2.39 -10.41
C LEU L 145 1.75 -2.48 -8.93
N SER L 146 2.33 -1.41 -8.36
CA SER L 146 2.64 -1.38 -6.94
C SER L 146 1.42 -1.08 -6.07
N LYS L 147 0.35 -0.55 -6.66
CA LYS L 147 -0.85 -0.20 -5.90
C LYS L 147 -2.00 -1.18 -6.10
N ILE L 148 -1.97 -1.99 -7.16
CA ILE L 148 -3.07 -2.92 -7.41
C ILE L 148 -3.06 -4.03 -6.36
N LEU L 149 -4.25 -4.45 -5.94
CA LEU L 149 -4.39 -5.44 -4.89
C LEU L 149 -4.74 -6.80 -5.49
N PHE L 150 -4.22 -7.86 -4.86
CA PHE L 150 -4.53 -9.21 -5.33
C PHE L 150 -5.99 -9.56 -5.09
N ILE L 151 -6.52 -9.24 -3.91
CA ILE L 151 -7.90 -9.59 -3.61
C ILE L 151 -8.84 -8.97 -4.63
N ASP L 152 -8.60 -7.71 -5.02
CA ASP L 152 -9.45 -7.07 -6.01
C ASP L 152 -9.36 -7.79 -7.34
N PHE L 153 -8.17 -8.24 -7.72
CA PHE L 153 -8.06 -9.05 -8.93
C PHE L 153 -8.85 -10.34 -8.79
N TRP L 154 -8.80 -10.97 -7.61
CA TRP L 154 -9.54 -12.20 -7.40
C TRP L 154 -11.04 -11.97 -7.49
N HIS L 155 -11.54 -10.93 -6.82
CA HIS L 155 -12.96 -10.62 -6.88
C HIS L 155 -13.41 -10.36 -8.31
N TRP L 156 -12.62 -9.59 -9.06
CA TRP L 156 -12.90 -9.43 -10.49
C TRP L 156 -12.89 -10.77 -11.19
N LEU L 157 -11.89 -11.61 -10.87
CA LEU L 157 -11.79 -12.92 -11.49
C LEU L 157 -12.96 -13.81 -11.09
N GLY L 158 -13.35 -13.78 -9.81
CA GLY L 158 -14.49 -14.55 -9.38
C GLY L 158 -15.78 -14.09 -10.05
N SER L 159 -15.87 -12.82 -10.40
CA SER L 159 -17.07 -12.30 -11.04
C SER L 159 -17.35 -13.00 -12.37
N ILE L 160 -16.29 -13.43 -13.06
CA ILE L 160 -16.47 -14.00 -14.39
C ILE L 160 -16.56 -15.52 -14.40
N PHE L 161 -16.20 -16.19 -13.30
CA PHE L 161 -16.19 -17.64 -13.26
C PHE L 161 -17.18 -18.25 -12.28
N TYR L 162 -17.33 -17.68 -11.09
CA TYR L 162 -18.31 -18.20 -10.13
C TYR L 162 -19.70 -18.21 -10.74
N LYS L 163 -20.24 -17.02 -11.04
CA LYS L 163 -21.55 -16.89 -11.68
C LYS L 163 -22.68 -17.27 -10.73
N GLY L 164 -22.77 -18.55 -10.37
CA GLY L 164 -23.91 -19.03 -9.62
C GLY L 164 -23.68 -19.35 -8.16
N GLY L 165 -24.14 -18.46 -7.28
CA GLY L 165 -24.21 -18.74 -5.86
C GLY L 165 -23.00 -18.24 -5.07
N PHE L 166 -23.13 -18.36 -3.76
CA PHE L 166 -22.08 -18.01 -2.80
C PHE L 166 -21.62 -16.58 -3.02
N LYS L 167 -22.53 -15.66 -2.65
CA LYS L 167 -22.32 -14.24 -2.82
C LYS L 167 -20.99 -13.81 -2.19
N ILE L 168 -20.49 -12.64 -2.59
CA ILE L 168 -19.11 -12.27 -2.26
C ILE L 168 -18.96 -11.98 -0.78
N VAL L 169 -20.03 -11.57 -0.11
CA VAL L 169 -19.95 -11.16 1.30
C VAL L 169 -19.13 -9.87 1.34
N SER L 170 -18.64 -9.52 2.52
CA SER L 170 -17.80 -8.34 2.64
C SER L 170 -16.49 -8.54 1.91
N ASN L 171 -15.86 -7.43 1.53
CA ASN L 171 -14.51 -7.47 1.00
C ASN L 171 -13.59 -8.18 1.99
N THR L 172 -12.45 -8.66 1.49
CA THR L 172 -11.59 -9.53 2.26
C THR L 172 -12.33 -10.84 2.50
N ALA L 173 -11.70 -11.79 3.19
CA ALA L 173 -12.28 -13.12 3.30
C ALA L 173 -12.36 -13.75 1.91
N LEU L 174 -12.67 -15.03 1.83
CA LEU L 174 -12.64 -15.69 0.54
C LEU L 174 -13.09 -17.13 0.70
N GLY L 175 -13.47 -17.75 -0.42
CA GLY L 175 -13.82 -19.15 -0.43
C GLY L 175 -12.62 -20.02 -0.15
N TRP L 176 -12.81 -21.32 -0.30
CA TRP L 176 -11.72 -22.26 -0.02
C TRP L 176 -10.58 -22.08 -1.01
N LEU L 177 -10.90 -21.94 -2.30
CA LEU L 177 -9.85 -21.87 -3.31
C LEU L 177 -8.97 -20.65 -3.13
N GLY L 178 -9.59 -19.49 -2.87
CA GLY L 178 -8.80 -18.30 -2.61
C GLY L 178 -7.87 -18.45 -1.43
N TRP L 179 -8.30 -19.18 -0.41
CA TRP L 179 -7.45 -19.42 0.75
C TRP L 179 -6.33 -20.39 0.43
N TYR L 180 -6.63 -21.43 -0.35
CA TYR L 180 -5.61 -22.40 -0.73
C TYR L 180 -4.54 -21.76 -1.59
N ILE L 181 -4.93 -20.85 -2.48
CA ILE L 181 -3.96 -20.14 -3.30
C ILE L 181 -3.15 -19.17 -2.46
N LEU L 182 -3.81 -18.48 -1.53
CA LEU L 182 -3.12 -17.47 -0.73
C LEU L 182 -2.13 -18.11 0.24
N CYS L 183 -2.52 -19.23 0.86
CA CYS L 183 -1.63 -19.88 1.81
C CYS L 183 -0.51 -20.63 1.10
N SER L 184 -0.83 -21.37 0.05
CA SER L 184 0.21 -22.04 -0.73
C SER L 184 1.23 -21.04 -1.26
N PHE L 185 0.75 -19.85 -1.66
CA PHE L 185 1.65 -18.80 -2.11
C PHE L 185 2.49 -18.26 -0.95
N ALA L 186 1.88 -18.10 0.22
CA ALA L 186 2.61 -17.67 1.40
C ALA L 186 3.47 -18.76 2.01
N THR L 187 3.11 -20.03 1.80
CA THR L 187 3.91 -21.14 2.33
C THR L 187 5.15 -21.36 1.47
N SER L 188 4.97 -21.40 0.15
CA SER L 188 6.10 -21.57 -0.75
C SER L 188 7.08 -20.41 -0.69
N THR L 189 6.66 -19.28 -0.11
CA THR L 189 7.52 -18.11 -0.05
C THR L 189 8.46 -18.16 1.16
N VAL L 190 7.95 -18.59 2.31
CA VAL L 190 8.78 -18.63 3.52
C VAL L 190 9.69 -19.85 3.54
N LEU L 191 9.37 -20.91 2.80
CA LEU L 191 10.20 -22.10 2.76
C LEU L 191 11.34 -21.99 1.74
N ARG L 192 11.12 -21.26 0.64
CA ARG L 192 12.18 -21.11 -0.35
C ARG L 192 13.31 -20.24 0.16
N LYS L 193 13.01 -19.26 1.02
CA LYS L 193 14.06 -18.45 1.63
C LYS L 193 14.95 -19.27 2.57
N ILE L 194 14.53 -20.48 2.94
CA ILE L 194 15.33 -21.34 3.79
C ILE L 194 16.40 -22.06 2.97
C1B LMT M . -3.77 -2.91 -43.70
C2B LMT M . -4.61 -1.95 -42.83
C3B LMT M . -4.18 -0.49 -43.02
C4B LMT M . -2.64 -0.33 -42.91
C5B LMT M . -1.99 -1.34 -43.85
C6B LMT M . -0.47 -1.22 -43.77
O1B LMT M . -4.17 -2.84 -45.03
O2B LMT M . -5.91 -2.12 -43.19
O3B LMT M . -4.85 0.35 -42.16
O4' LMT M . -2.26 0.94 -43.25
O5B LMT M . -2.39 -2.66 -43.58
O6B LMT M . -0.11 0.07 -43.47
C1' LMT M . -6.73 -4.44 -47.81
C2' LMT M . -7.42 -3.65 -46.68
C3' LMT M . -6.36 -2.80 -45.95
C4' LMT M . -5.21 -3.70 -45.44
C5' LMT M . -4.72 -4.55 -46.64
C6' LMT M . -3.63 -5.54 -46.30
O1' LMT M . -7.59 -5.25 -48.50
O2' LMT M . -8.38 -2.83 -47.24
O3' LMT M . -6.94 -2.14 -44.90
O5' LMT M . -5.75 -5.28 -47.25
O6' LMT M . -2.90 -5.00 -45.30
C1 LMT M . -8.61 -5.95 -47.81
C2 LMT M . -7.94 -6.85 -46.82
C3 LMT M . -8.85 -7.73 -46.02
C4 LMT M . -8.46 -9.17 -46.17
C5 LMT M . -9.66 -10.01 -46.43
C6 LMT M . -9.51 -11.40 -45.91
C7 LMT M . -8.58 -12.18 -46.80
C8 LMT M . -8.52 -13.62 -46.39
C9 LMT M . -9.85 -14.26 -46.06
C10 LMT M . -9.82 -15.69 -46.51
C11 LMT M . -8.71 -16.51 -45.90
C12 LMT M . -8.69 -17.88 -46.46
H1B LMT M . -3.87 -3.80 -43.31
H2B LMT M . -4.42 -2.17 -41.90
H3B LMT M . -4.43 -0.24 -43.92
H4B LMT M . -2.38 -0.57 -42.00
H5B LMT M . -2.26 -1.11 -44.76
H6'2 LMT M . -0.10 -1.57 -44.61
H6'1 LMT M . -0.15 -1.87 -43.14
H2O1 LMT M . -6.39 -1.83 -42.55
H3O1 LMT M . -5.59 -0.03 -42.00
H4O1 LMT M . -1.81 1.25 -42.60
H6B LMT M . -0.24 0.51 -44.18
H1' LMT M . -6.29 -3.79 -48.38
H2' LMT M . -7.76 -4.31 -46.05
H3' LMT M . -5.98 -2.22 -46.62
H4' LMT M . -5.54 -4.28 -44.74
H5' LMT M . -4.32 -3.91 -47.26
H6D LMT M . -4.05 -6.38 -46.05
H6E LMT M . -3.14 -5.79 -47.10
H2O2 LMT M . -8.02 -2.06 -47.30
H3O2 LMT M . -7.75 -2.10 -45.09
H6' LMT M . -3.19 -5.33 -44.58
H12 LMT M . -9.25 -5.37 -47.35
H11 LMT M . -9.17 -6.44 -48.44
H22 LMT M . -7.42 -6.32 -46.20
H21 LMT M . -7.30 -7.41 -47.29
H32 LMT M . -9.78 -7.61 -46.28
H31 LMT M . -8.82 -7.49 -45.07
H42 LMT M . -7.98 -9.48 -45.38
H41 LMT M . -7.83 -9.27 -46.90
H52 LMT M . -10.44 -9.59 -46.01
H51 LMT M . -9.85 -10.03 -47.38
H62 LMT M . -10.38 -11.83 -45.85
H61 LMT M . -9.18 -11.39 -44.99
H72 LMT M . -7.70 -11.79 -46.77
H71 LMT M . -8.86 -12.09 -47.72
H82 LMT M . -7.92 -13.71 -45.64
H81 LMT M . -8.10 -14.14 -47.11
H92 LMT M . -10.03 -14.20 -45.11
H91 LMT M . -10.57 -13.78 -46.47
H102 LMT M . -10.67 -16.11 -46.31
H101 LMT M . -9.76 -15.72 -47.48
H112 LMT M . -7.87 -16.06 -46.07
H111 LMT M . -8.82 -16.54 -44.93
H123 LMT M . -8.53 -17.87 -47.41
H122 LMT M . -9.53 -18.35 -46.32
H121 LMT M . -7.98 -18.40 -46.05
#